data_3DS1
# 
_entry.id   3DS1 
# 
_audit_conform.dict_name       mmcif_pdbx.dic 
_audit_conform.dict_version    5.377 
_audit_conform.dict_location   http://mmcif.pdb.org/dictionaries/ascii/mmcif_pdbx.dic 
# 
loop_
_database_2.database_id 
_database_2.database_code 
_database_2.pdbx_database_accession 
_database_2.pdbx_DOI 
PDB   3DS1         pdb_00003ds1 10.2210/pdb3ds1/pdb 
RCSB  RCSB048415   ?            ?                   
WWPDB D_1000048415 ?            ?                   
# 
loop_
_pdbx_database_related.db_name 
_pdbx_database_related.db_id 
_pdbx_database_related.details 
_pdbx_database_related.content_type 
PDB 3DS4 'HIV-1 capsid C-terminal domain mutant (L211S) in complex with an inhibitor of particle assembly (CAI)' unspecified 
PDB 3DS2 'HIV-1 capsid C-terminal domain mutant (Y169A)'                                                         unspecified 
PDB 3DS3 'HIV-1 capsid C-terminal domain mutant (Y169A) in complex with an inhibitor of particle assembly (CAI)' unspecified 
PDB 3DTJ 'HIV-1 capsid C-terminal domain mutant (E187A)'                                                         unspecified 
PDB 3DS5 'HIV-1 capsid C-terminal domain mutant (N183A)'                                                         unspecified 
PDB 3DS0 'HIV-1 capsid C-terminal domain mutant (N183A) in complex with an inhibitor of particle assembly (CAI)' unspecified 
PDB 3DPH 'HIV-1 capsid C-terminal domain mutant (L211S)'                                                         unspecified 
# 
_pdbx_database_status.status_code                     REL 
_pdbx_database_status.entry_id                        3DS1 
_pdbx_database_status.recvd_initial_deposition_date   2008-07-11 
_pdbx_database_status.deposit_site                    RCSB 
_pdbx_database_status.process_site                    RCSB 
_pdbx_database_status.status_code_sf                  REL 
_pdbx_database_status.status_code_mr                  ? 
_pdbx_database_status.SG_entry                        ? 
_pdbx_database_status.pdb_format_compatible           Y 
_pdbx_database_status.status_code_cs                  ? 
_pdbx_database_status.methods_development_category    ? 
_pdbx_database_status.status_code_nmr_data            ? 
# 
loop_
_audit_author.name 
_audit_author.pdbx_ordinal 
'Vaney, M.-C.' 1 
'Igonet, S.'   2 
'Rey, F.A.'    3 
# 
loop_
_citation.id 
_citation.title 
_citation.journal_abbrev 
_citation.journal_volume 
_citation.page_first 
_citation.page_last 
_citation.year 
_citation.journal_id_ASTM 
_citation.country 
_citation.journal_id_ISSN 
_citation.journal_id_CSD 
_citation.book_publisher 
_citation.pdbx_database_id_PubMed 
_citation.pdbx_database_id_DOI 
primary 
;Residues in the HIV-1 Capsid Assembly Inhibitor Binding Site Are Essential for Maintaining the Assembly-competent Quaternary Structure of the Capsid Protein.
;
J.Biol.Chem.         283 32024 32033 2008 JBCHA3 US 0021-9258 0071 ? 18772135 10.1074/jbc.M804230200 
1       'The HIV-1 capsid protein C-terminal domain in complex with a virus assembly inhibitor' Nat.Struct.Mol.Biol. 12  678   682 
2005 ?      US 1545-9993 ?    ? 16041386 10.1038/nsmb967        
# 
loop_
_citation_author.citation_id 
_citation_author.name 
_citation_author.ordinal 
_citation_author.identifier_ORCID 
primary 'Bartonova, V.'     1  ? 
primary 'Igonet, S.'        2  ? 
primary 'Sticht, J.'        3  ? 
primary 'Glass, B.'         4  ? 
primary 'Habermann, A.'     5  ? 
primary 'Vaney, M.C.'       6  ? 
primary 'Sehr, P.'          7  ? 
primary 'Lewis, J.'         8  ? 
primary 'Rey, F.A.'         9  ? 
primary 'Krausslich, H.G.'  10 ? 
1       'Ternois, F.'       11 ? 
1       'Sticht, J.'        12 ? 
1       'Duquerroy, S.'     13 ? 
1       'Krausslich, H.-G.' 14 ? 
1       'Rey, F.A.'         15 ? 
# 
_cell.entry_id           3DS1 
_cell.length_a           42.894 
_cell.length_b           42.894 
_cell.length_c           90.813 
_cell.angle_alpha        90.00 
_cell.angle_beta         90.00 
_cell.angle_gamma        90.00 
_cell.Z_PDB              8 
_cell.pdbx_unique_axis   ? 
_cell.length_a_esd       ? 
_cell.length_b_esd       ? 
_cell.length_c_esd       ? 
_cell.angle_alpha_esd    ? 
_cell.angle_beta_esd     ? 
_cell.angle_gamma_esd    ? 
# 
_symmetry.entry_id                         3DS1 
_symmetry.space_group_name_H-M             'P 41 21 2' 
_symmetry.pdbx_full_space_group_name_H-M   ? 
_symmetry.cell_setting                     ? 
_symmetry.Int_Tables_number                92 
_symmetry.space_group_name_Hall            ? 
# 
loop_
_entity.id 
_entity.type 
_entity.src_method 
_entity.pdbx_description 
_entity.formula_weight 
_entity.pdbx_number_of_molecules 
_entity.pdbx_ec 
_entity.pdbx_mutation 
_entity.pdbx_fragment 
_entity.details 
1 polymer man 'HIV-1 CAPSID PROTEIN'                 9472.884 1  ? E187A 'C-terminal domain, UNP residues 278-363' ? 
2 polymer syn 'Peptide Inhibitor of capsid assembly' 1445.570 1  ? ?     ?                                         ? 
3 water   nat water                                  18.015   87 ? ?     ?                                         ? 
# 
loop_
_entity_poly.entity_id 
_entity_poly.type 
_entity_poly.nstd_linkage 
_entity_poly.nstd_monomer 
_entity_poly.pdbx_seq_one_letter_code 
_entity_poly.pdbx_seq_one_letter_code_can 
_entity_poly.pdbx_strand_id 
_entity_poly.pdbx_target_identifier 
1 'polypeptide(L)' no no 
;SPTSILDIRQGPKEPFRDYVDRFYKTLRAEQASQEVKNWMTATLLVQNANPDCKTILKALGPGATLEEMMTACQGVGGPG
HKARVL
;
;SPTSILDIRQGPKEPFRDYVDRFYKTLRAEQASQEVKNWMTATLLVQNANPDCKTILKALGPGATLEEMMTACQGVGGPG
HKARVL
;
A ? 
2 'polypeptide(L)' no no ITFEDLLDYYGP                                                                              ITFEDLLDYYGP T 
? 
# 
loop_
_entity_poly_seq.entity_id 
_entity_poly_seq.num 
_entity_poly_seq.mon_id 
_entity_poly_seq.hetero 
1 1  SER n 
1 2  PRO n 
1 3  THR n 
1 4  SER n 
1 5  ILE n 
1 6  LEU n 
1 7  ASP n 
1 8  ILE n 
1 9  ARG n 
1 10 GLN n 
1 11 GLY n 
1 12 PRO n 
1 13 LYS n 
1 14 GLU n 
1 15 PRO n 
1 16 PHE n 
1 17 ARG n 
1 18 ASP n 
1 19 TYR n 
1 20 VAL n 
1 21 ASP n 
1 22 ARG n 
1 23 PHE n 
1 24 TYR n 
1 25 LYS n 
1 26 THR n 
1 27 LEU n 
1 28 ARG n 
1 29 ALA n 
1 30 GLU n 
1 31 GLN n 
1 32 ALA n 
1 33 SER n 
1 34 GLN n 
1 35 GLU n 
1 36 VAL n 
1 37 LYS n 
1 38 ASN n 
1 39 TRP n 
1 40 MET n 
1 41 THR n 
1 42 ALA n 
1 43 THR n 
1 44 LEU n 
1 45 LEU n 
1 46 VAL n 
1 47 GLN n 
1 48 ASN n 
1 49 ALA n 
1 50 ASN n 
1 51 PRO n 
1 52 ASP n 
1 53 CYS n 
1 54 LYS n 
1 55 THR n 
1 56 ILE n 
1 57 LEU n 
1 58 LYS n 
1 59 ALA n 
1 60 LEU n 
1 61 GLY n 
1 62 PRO n 
1 63 GLY n 
1 64 ALA n 
1 65 THR n 
1 66 LEU n 
1 67 GLU n 
1 68 GLU n 
1 69 MET n 
1 70 MET n 
1 71 THR n 
1 72 ALA n 
1 73 CYS n 
1 74 GLN n 
1 75 GLY n 
1 76 VAL n 
1 77 GLY n 
1 78 GLY n 
1 79 PRO n 
1 80 GLY n 
1 81 HIS n 
1 82 LYS n 
1 83 ALA n 
1 84 ARG n 
1 85 VAL n 
1 86 LEU n 
2 1  ILE n 
2 2  THR n 
2 3  PHE n 
2 4  GLU n 
2 5  ASP n 
2 6  LEU n 
2 7  LEU n 
2 8  ASP n 
2 9  TYR n 
2 10 TYR n 
2 11 GLY n 
2 12 PRO n 
# 
_entity_src_gen.entity_id                          1 
_entity_src_gen.pdbx_src_id                        1 
_entity_src_gen.pdbx_alt_source_flag               sample 
_entity_src_gen.pdbx_seq_type                      ? 
_entity_src_gen.pdbx_beg_seq_num                   ? 
_entity_src_gen.pdbx_end_seq_num                   ? 
_entity_src_gen.gene_src_common_name               HIV-1 
_entity_src_gen.gene_src_genus                     ? 
_entity_src_gen.pdbx_gene_src_gene                 gag 
_entity_src_gen.gene_src_species                   ? 
_entity_src_gen.gene_src_strain                    NL4-3 
_entity_src_gen.gene_src_tissue                    ? 
_entity_src_gen.gene_src_tissue_fraction           ? 
_entity_src_gen.gene_src_details                   ? 
_entity_src_gen.pdbx_gene_src_fragment             ? 
_entity_src_gen.pdbx_gene_src_scientific_name      'Human immunodeficiency virus 1' 
_entity_src_gen.pdbx_gene_src_ncbi_taxonomy_id     11698 
_entity_src_gen.pdbx_gene_src_variant              ? 
_entity_src_gen.pdbx_gene_src_cell_line            ? 
_entity_src_gen.pdbx_gene_src_atcc                 ? 
_entity_src_gen.pdbx_gene_src_organ                ? 
_entity_src_gen.pdbx_gene_src_organelle            ? 
_entity_src_gen.pdbx_gene_src_cell                 ? 
_entity_src_gen.pdbx_gene_src_cellular_location    ? 
_entity_src_gen.host_org_common_name               ? 
_entity_src_gen.pdbx_host_org_scientific_name      'Escherichia coli' 
_entity_src_gen.pdbx_host_org_ncbi_taxonomy_id     562 
_entity_src_gen.host_org_genus                     ? 
_entity_src_gen.pdbx_host_org_gene                 ? 
_entity_src_gen.pdbx_host_org_organ                ? 
_entity_src_gen.host_org_species                   ? 
_entity_src_gen.pdbx_host_org_tissue               ? 
_entity_src_gen.pdbx_host_org_tissue_fraction      ? 
_entity_src_gen.pdbx_host_org_strain               'BL21 (DE3) CodonPlus-RIL' 
_entity_src_gen.pdbx_host_org_variant              ? 
_entity_src_gen.pdbx_host_org_cell_line            ? 
_entity_src_gen.pdbx_host_org_atcc                 ? 
_entity_src_gen.pdbx_host_org_culture_collection   ? 
_entity_src_gen.pdbx_host_org_cell                 ? 
_entity_src_gen.pdbx_host_org_organelle            ? 
_entity_src_gen.pdbx_host_org_cellular_location    ? 
_entity_src_gen.pdbx_host_org_vector_type          Plasmid 
_entity_src_gen.pdbx_host_org_vector               ? 
_entity_src_gen.host_org_details                   ? 
_entity_src_gen.expression_system_id               ? 
_entity_src_gen.plasmid_name                       pET11c 
_entity_src_gen.plasmid_details                    ? 
_entity_src_gen.pdbx_description                   ? 
# 
_pdbx_entity_src_syn.entity_id              2 
_pdbx_entity_src_syn.pdbx_src_id            1 
_pdbx_entity_src_syn.pdbx_alt_source_flag   sample 
_pdbx_entity_src_syn.pdbx_beg_seq_num       ? 
_pdbx_entity_src_syn.pdbx_end_seq_num       ? 
_pdbx_entity_src_syn.organism_scientific    ? 
_pdbx_entity_src_syn.organism_common_name   ? 
_pdbx_entity_src_syn.ncbi_taxonomy_id       ? 
_pdbx_entity_src_syn.details                'CAI peptide was obtained as lyophilized trifluoroacetic acid salts.' 
# 
loop_
_struct_ref.id 
_struct_ref.db_name 
_struct_ref.db_code 
_struct_ref.entity_id 
_struct_ref.pdbx_seq_one_letter_code 
_struct_ref.pdbx_align_begin 
_struct_ref.pdbx_db_accession 
_struct_ref.pdbx_db_isoform 
1 UNP Q72497_9HIV1 1 
;SPTSILDIRQGPKEPFRDYVDRFYKTLRAEQASQEVKNWMTETLLVQNANPDCKTILKALGPGATLEEMMTACQGVGGPG
HKARVL
;
278 Q72497 ? 
2 PDB 3DS1         2 ITFEDLLDYYGP                                                                              1   3DS1   ? 
# 
loop_
_struct_ref_seq.align_id 
_struct_ref_seq.ref_id 
_struct_ref_seq.pdbx_PDB_id_code 
_struct_ref_seq.pdbx_strand_id 
_struct_ref_seq.seq_align_beg 
_struct_ref_seq.pdbx_seq_align_beg_ins_code 
_struct_ref_seq.seq_align_end 
_struct_ref_seq.pdbx_seq_align_end_ins_code 
_struct_ref_seq.pdbx_db_accession 
_struct_ref_seq.db_align_beg 
_struct_ref_seq.pdbx_db_align_beg_ins_code 
_struct_ref_seq.db_align_end 
_struct_ref_seq.pdbx_db_align_end_ins_code 
_struct_ref_seq.pdbx_auth_seq_align_beg 
_struct_ref_seq.pdbx_auth_seq_align_end 
1 1 3DS1 A 1 ? 86 ? Q72497 278 ? 363 ? 146 231 
2 2 3DS1 T 1 ? 12 ? 3DS1   1   ? 12  ? 1   12  
# 
_struct_ref_seq_dif.align_id                     1 
_struct_ref_seq_dif.pdbx_pdb_id_code             3DS1 
_struct_ref_seq_dif.mon_id                       ALA 
_struct_ref_seq_dif.pdbx_pdb_strand_id           A 
_struct_ref_seq_dif.seq_num                      42 
_struct_ref_seq_dif.pdbx_pdb_ins_code            ? 
_struct_ref_seq_dif.pdbx_seq_db_name             UNP 
_struct_ref_seq_dif.pdbx_seq_db_accession_code   Q72497 
_struct_ref_seq_dif.db_mon_id                    GLU 
_struct_ref_seq_dif.pdbx_seq_db_seq_num          319 
_struct_ref_seq_dif.details                      'engineered mutation' 
_struct_ref_seq_dif.pdbx_auth_seq_num            187 
_struct_ref_seq_dif.pdbx_ordinal                 1 
# 
loop_
_chem_comp.id 
_chem_comp.type 
_chem_comp.mon_nstd_flag 
_chem_comp.name 
_chem_comp.pdbx_synonyms 
_chem_comp.formula 
_chem_comp.formula_weight 
ALA 'L-peptide linking' y ALANINE         ? 'C3 H7 N O2'     89.093  
ARG 'L-peptide linking' y ARGININE        ? 'C6 H15 N4 O2 1' 175.209 
ASN 'L-peptide linking' y ASPARAGINE      ? 'C4 H8 N2 O3'    132.118 
ASP 'L-peptide linking' y 'ASPARTIC ACID' ? 'C4 H7 N O4'     133.103 
CYS 'L-peptide linking' y CYSTEINE        ? 'C3 H7 N O2 S'   121.158 
GLN 'L-peptide linking' y GLUTAMINE       ? 'C5 H10 N2 O3'   146.144 
GLU 'L-peptide linking' y 'GLUTAMIC ACID' ? 'C5 H9 N O4'     147.129 
GLY 'peptide linking'   y GLYCINE         ? 'C2 H5 N O2'     75.067  
HIS 'L-peptide linking' y HISTIDINE       ? 'C6 H10 N3 O2 1' 156.162 
HOH non-polymer         . WATER           ? 'H2 O'           18.015  
ILE 'L-peptide linking' y ISOLEUCINE      ? 'C6 H13 N O2'    131.173 
LEU 'L-peptide linking' y LEUCINE         ? 'C6 H13 N O2'    131.173 
LYS 'L-peptide linking' y LYSINE          ? 'C6 H15 N2 O2 1' 147.195 
MET 'L-peptide linking' y METHIONINE      ? 'C5 H11 N O2 S'  149.211 
PHE 'L-peptide linking' y PHENYLALANINE   ? 'C9 H11 N O2'    165.189 
PRO 'L-peptide linking' y PROLINE         ? 'C5 H9 N O2'     115.130 
SER 'L-peptide linking' y SERINE          ? 'C3 H7 N O3'     105.093 
THR 'L-peptide linking' y THREONINE       ? 'C4 H9 N O3'     119.119 
TRP 'L-peptide linking' y TRYPTOPHAN      ? 'C11 H12 N2 O2'  204.225 
TYR 'L-peptide linking' y TYROSINE        ? 'C9 H11 N O3'    181.189 
VAL 'L-peptide linking' y VALINE          ? 'C5 H11 N O2'    117.146 
# 
_exptl.entry_id          3DS1 
_exptl.method            'X-RAY DIFFRACTION' 
_exptl.crystals_number   1 
# 
_exptl_crystal.id                    1 
_exptl_crystal.density_meas          ? 
_exptl_crystal.density_Matthews      1.91 
_exptl_crystal.density_percent_sol   35.70 
_exptl_crystal.description           ? 
_exptl_crystal.F_000                 ? 
_exptl_crystal.preparation           ? 
# 
_exptl_crystal_grow.crystal_id      1 
_exptl_crystal_grow.method          EVAPORATION 
_exptl_crystal_grow.temp            298.0 
_exptl_crystal_grow.temp_details    ? 
_exptl_crystal_grow.pH              4.2 
_exptl_crystal_grow.pdbx_pH_range   ? 
_exptl_crystal_grow.pdbx_details    '30% PEG 4000, 100mM ammonium acetate, 10mM MgCl2, pH 4.2, EVAPORATION, temperature 298.0K' 
# 
_diffrn.id                     1 
_diffrn.ambient_temp           100 
_diffrn.ambient_temp_details   ? 
_diffrn.crystal_id             1 
# 
_diffrn_detector.diffrn_id              1 
_diffrn_detector.detector               CCD 
_diffrn_detector.type                   'MARMOSAIC 225 mm CCD' 
_diffrn_detector.pdbx_collection_date   2007-05-25 
_diffrn_detector.details                'Dynamically bendable mirror' 
# 
_diffrn_radiation.diffrn_id                        1 
_diffrn_radiation.wavelength_id                    1 
_diffrn_radiation.pdbx_monochromatic_or_laue_m_l   M 
_diffrn_radiation.monochromator                    'Si(111) monochromator' 
_diffrn_radiation.pdbx_diffrn_protocol             'SINGLE WAVELENGTH' 
_diffrn_radiation.pdbx_scattering_type             x-ray 
# 
_diffrn_radiation_wavelength.id           1 
_diffrn_radiation_wavelength.wavelength   1.044 
_diffrn_radiation_wavelength.wt           1.0 
# 
_diffrn_source.diffrn_id                   1 
_diffrn_source.source                      SYNCHROTRON 
_diffrn_source.type                        'SLS BEAMLINE X06SA' 
_diffrn_source.pdbx_synchrotron_site       SLS 
_diffrn_source.pdbx_synchrotron_beamline   X06SA 
_diffrn_source.pdbx_wavelength             ? 
_diffrn_source.pdbx_wavelength_list        1.044 
# 
_reflns.entry_id                     3DS1 
_reflns.observed_criterion_sigma_I   0 
_reflns.observed_criterion_sigma_F   0 
_reflns.d_resolution_low             38.8 
_reflns.d_resolution_high            1.6 
_reflns.number_obs                   11802 
_reflns.number_all                   ? 
_reflns.percent_possible_obs         99.7 
_reflns.pdbx_Rmerge_I_obs            0.043 
_reflns.pdbx_Rsym_value              0.043 
_reflns.pdbx_netI_over_sigmaI        73.8 
_reflns.B_iso_Wilson_estimate        ? 
_reflns.pdbx_redundancy              3.6 
_reflns.R_free_details               ? 
_reflns.limit_h_max                  ? 
_reflns.limit_h_min                  ? 
_reflns.limit_k_max                  ? 
_reflns.limit_k_min                  ? 
_reflns.limit_l_max                  ? 
_reflns.limit_l_min                  ? 
_reflns.observed_criterion_F_max     ? 
_reflns.observed_criterion_F_min     ? 
_reflns.pdbx_chi_squared             ? 
_reflns.pdbx_scaling_rejects         ? 
_reflns.pdbx_diffrn_id               1 
_reflns.pdbx_ordinal                 1 
# 
_reflns_shell.d_res_high             1.6 
_reflns_shell.d_res_low              1.66 
_reflns_shell.percent_possible_all   98.6 
_reflns_shell.Rmerge_I_obs           0.368 
_reflns_shell.pdbx_Rsym_value        0.368 
_reflns_shell.meanI_over_sigI_obs    9.7 
_reflns_shell.pdbx_redundancy        19.7 
_reflns_shell.percent_possible_obs   ? 
_reflns_shell.number_unique_all      ? 
_reflns_shell.number_measured_all    ? 
_reflns_shell.number_measured_obs    ? 
_reflns_shell.number_unique_obs      ? 
_reflns_shell.pdbx_chi_squared       ? 
_reflns_shell.pdbx_diffrn_id         ? 
_reflns_shell.pdbx_ordinal           1 
# 
_refine.entry_id                                 3DS1 
_refine.ls_number_reflns_obs                     11189 
_refine.ls_number_reflns_all                     11189 
_refine.pdbx_ls_sigma_I                          ? 
_refine.pdbx_ls_sigma_F                          ? 
_refine.pdbx_data_cutoff_high_absF               ? 
_refine.pdbx_data_cutoff_low_absF                ? 
_refine.pdbx_data_cutoff_high_rms_absF           ? 
_refine.ls_d_res_low                             31.17 
_refine.ls_d_res_high                            1.60 
_refine.ls_percent_reflns_obs                    99.65 
_refine.ls_R_factor_obs                          0.21501 
_refine.ls_R_factor_all                          ? 
_refine.ls_R_factor_R_work                       0.21235 
_refine.ls_R_factor_R_free                       0.27222 
_refine.ls_R_factor_R_free_error                 ? 
_refine.ls_R_factor_R_free_error_details         ? 
_refine.ls_percent_reflns_R_free                 4.8 
_refine.ls_number_reflns_R_free                  559 
_refine.ls_number_parameters                     ? 
_refine.ls_number_restraints                     ? 
_refine.occupancy_min                            ? 
_refine.occupancy_max                            ? 
_refine.correlation_coeff_Fo_to_Fc               0.949 
_refine.correlation_coeff_Fo_to_Fc_free          0.920 
_refine.B_iso_mean                               24.749 
_refine.aniso_B[1][1]                            0.12 
_refine.aniso_B[2][2]                            0.12 
_refine.aniso_B[3][3]                            -0.24 
_refine.aniso_B[1][2]                            0.00 
_refine.aniso_B[1][3]                            0.00 
_refine.aniso_B[2][3]                            0.00 
_refine.solvent_model_details                    MASK 
_refine.solvent_model_param_ksol                 ? 
_refine.solvent_model_param_bsol                 ? 
_refine.pdbx_solvent_vdw_probe_radii             1.20 
_refine.pdbx_solvent_ion_probe_radii             0.80 
_refine.pdbx_solvent_shrinkage_radii             0.80 
_refine.pdbx_ls_cross_valid_method               THROUGHOUT 
_refine.details                                  'HYDROGENS HAVE BEEN ADDED IN THE RIDING POSITIONS' 
_refine.pdbx_starting_model                      'PDB entry 2BUO' 
_refine.pdbx_method_to_determine_struct          'MOLECULAR REPLACEMENT' 
_refine.pdbx_isotropic_thermal_model             ? 
_refine.pdbx_stereochemistry_target_values       'MAXIMUM LIKELIHOOD' 
_refine.pdbx_stereochem_target_val_spec_case     ? 
_refine.pdbx_R_Free_selection_details            RANDOM 
_refine.pdbx_overall_ESU_R                       0.172 
_refine.pdbx_overall_ESU_R_Free                  0.123 
_refine.overall_SU_ML                            0.075 
_refine.pdbx_overall_phase_error                 ? 
_refine.overall_SU_B                             4.628 
_refine.ls_redundancy_reflns_obs                 ? 
_refine.B_iso_min                                ? 
_refine.B_iso_max                                ? 
_refine.overall_SU_R_Cruickshank_DPI             ? 
_refine.overall_SU_R_free                        ? 
_refine.ls_wR_factor_R_free                      ? 
_refine.ls_wR_factor_R_work                      ? 
_refine.overall_FOM_free_R_set                   ? 
_refine.overall_FOM_work_R_set                   ? 
_refine.pdbx_refine_id                           'X-RAY DIFFRACTION' 
_refine.pdbx_diffrn_id                           1 
_refine.pdbx_TLS_residual_ADP_flag               ? 
_refine.pdbx_overall_SU_R_free_Cruickshank_DPI   ? 
_refine.pdbx_overall_SU_R_Blow_DPI               ? 
_refine.pdbx_overall_SU_R_free_Blow_DPI          ? 
# 
_refine_hist.pdbx_refine_id                   'X-RAY DIFFRACTION' 
_refine_hist.cycle_id                         LAST 
_refine_hist.pdbx_number_atoms_protein        723 
_refine_hist.pdbx_number_atoms_nucleic_acid   0 
_refine_hist.pdbx_number_atoms_ligand         0 
_refine_hist.number_atoms_solvent             87 
_refine_hist.number_atoms_total               810 
_refine_hist.d_res_high                       1.60 
_refine_hist.d_res_low                        31.17 
# 
loop_
_refine_ls_restr.type 
_refine_ls_restr.dev_ideal 
_refine_ls_restr.dev_ideal_target 
_refine_ls_restr.weight 
_refine_ls_restr.number 
_refine_ls_restr.pdbx_refine_id 
_refine_ls_restr.pdbx_restraint_function 
r_bond_refined_d             0.011  0.022  ? 780  'X-RAY DIFFRACTION' ? 
r_bond_other_d               ?      ?      ? ?    'X-RAY DIFFRACTION' ? 
r_angle_refined_deg          1.357  1.978  ? 1059 'X-RAY DIFFRACTION' ? 
r_angle_other_deg            ?      ?      ? ?    'X-RAY DIFFRACTION' ? 
r_dihedral_angle_1_deg       4.843  5.000  ? 98   'X-RAY DIFFRACTION' ? 
r_dihedral_angle_2_deg       31.027 24.571 ? 35   'X-RAY DIFFRACTION' ? 
r_dihedral_angle_3_deg       12.312 15.000 ? 134  'X-RAY DIFFRACTION' ? 
r_dihedral_angle_4_deg       16.118 15.000 ? 5    'X-RAY DIFFRACTION' ? 
r_chiral_restr               0.077  0.200  ? 117  'X-RAY DIFFRACTION' ? 
r_gen_planes_refined         0.005  0.020  ? 594  'X-RAY DIFFRACTION' ? 
r_gen_planes_other           ?      ?      ? ?    'X-RAY DIFFRACTION' ? 
r_nbd_refined                0.212  0.200  ? 379  'X-RAY DIFFRACTION' ? 
r_nbd_other                  ?      ?      ? ?    'X-RAY DIFFRACTION' ? 
r_nbtor_refined              0.310  0.200  ? 540  'X-RAY DIFFRACTION' ? 
r_nbtor_other                ?      ?      ? ?    'X-RAY DIFFRACTION' ? 
r_xyhbond_nbd_refined        0.130  0.200  ? 61   'X-RAY DIFFRACTION' ? 
r_xyhbond_nbd_other          ?      ?      ? ?    'X-RAY DIFFRACTION' ? 
r_metal_ion_refined          ?      ?      ? ?    'X-RAY DIFFRACTION' ? 
r_metal_ion_other            ?      ?      ? ?    'X-RAY DIFFRACTION' ? 
r_symmetry_vdw_refined       0.251  0.200  ? 50   'X-RAY DIFFRACTION' ? 
r_symmetry_vdw_other         ?      ?      ? ?    'X-RAY DIFFRACTION' ? 
r_symmetry_hbond_refined     0.132  0.200  ? 20   'X-RAY DIFFRACTION' ? 
r_symmetry_hbond_other       ?      ?      ? ?    'X-RAY DIFFRACTION' ? 
r_symmetry_metal_ion_refined ?      ?      ? ?    'X-RAY DIFFRACTION' ? 
r_symmetry_metal_ion_other   ?      ?      ? ?    'X-RAY DIFFRACTION' ? 
r_mcbond_it                  1.266  1.500  ? 499  'X-RAY DIFFRACTION' ? 
r_mcbond_other               ?      ?      ? ?    'X-RAY DIFFRACTION' ? 
r_mcangle_it                 1.959  2.000  ? 787  'X-RAY DIFFRACTION' ? 
r_scbond_it                  3.271  3.000  ? 318  'X-RAY DIFFRACTION' ? 
r_scangle_it                 3.879  4.500  ? 271  'X-RAY DIFFRACTION' ? 
r_rigid_bond_restr           2.852  3.000  ? 817  'X-RAY DIFFRACTION' ? 
r_sphericity_free            4.918  3.000  ? 95   'X-RAY DIFFRACTION' ? 
r_sphericity_bonded          3.207  3.000  ? 763  'X-RAY DIFFRACTION' ? 
# 
_refine_ls_shell.pdbx_total_number_of_bins_used   20 
_refine_ls_shell.d_res_high                       1.601 
_refine_ls_shell.d_res_low                        1.643 
_refine_ls_shell.number_reflns_R_work             800 
_refine_ls_shell.R_factor_R_work                  0.252 
_refine_ls_shell.percent_reflns_obs               98.60 
_refine_ls_shell.R_factor_R_free                  0.352 
_refine_ls_shell.R_factor_R_free_error            ? 
_refine_ls_shell.percent_reflns_R_free            ? 
_refine_ls_shell.number_reflns_R_free             45 
_refine_ls_shell.number_reflns_all                ? 
_refine_ls_shell.R_factor_all                     ? 
_refine_ls_shell.redundancy_reflns_obs            ? 
_refine_ls_shell.number_reflns_obs                ? 
_refine_ls_shell.pdbx_refine_id                   'X-RAY DIFFRACTION' 
# 
_struct.entry_id                  3DS1 
_struct.title                     
'HIV-1 capsid C-terminal domain mutant (E187A) in complex with an inhibitor of particle assembly (CAI)' 
_struct.pdbx_model_details        ? 
_struct.pdbx_CASP_flag            ? 
_struct.pdbx_model_type_details   ? 
# 
_struct_keywords.entry_id        3DS1 
_struct_keywords.pdbx_keywords   'VIRAL PROTEIN' 
_struct_keywords.text            
'HIV, CAPSID, MUTANT, INHIBITOR, ASSEMBLY, POLYPROTEIN, COMPLEX (VIRAL PROTEIN-PEPTIDE), MAINLY ALPHA, VIRAL PROTEIN' 
# 
loop_
_struct_asym.id 
_struct_asym.pdbx_blank_PDB_chainid_flag 
_struct_asym.pdbx_modified 
_struct_asym.entity_id 
_struct_asym.details 
A N N 1 ? 
B N N 2 ? 
C N N 3 ? 
D N N 3 ? 
# 
_struct_biol.id        1 
_struct_biol.details   
;AUTHORS STATE THAT THE ASYMMETRIC UNIT IS COMPOSED            
OF A HETERODIMER OF CHAIN A IN COMPLEX WITH THE INHIBITOR             
OF PARTICLE ASSEMBLY (CHAIN T). TO BUILD THE BIOLOGICAL               
HOMODIMER, ONE SHOULD APPLY THE TRANSFORMATION MATRICES               
DEFINED BELOW ON THE TWO CHAINS A AND T.
;
# 
loop_
_struct_conf.conf_type_id 
_struct_conf.id 
_struct_conf.pdbx_PDB_helix_id 
_struct_conf.beg_label_comp_id 
_struct_conf.beg_label_asym_id 
_struct_conf.beg_label_seq_id 
_struct_conf.pdbx_beg_PDB_ins_code 
_struct_conf.end_label_comp_id 
_struct_conf.end_label_asym_id 
_struct_conf.end_label_seq_id 
_struct_conf.pdbx_end_PDB_ins_code 
_struct_conf.beg_auth_comp_id 
_struct_conf.beg_auth_asym_id 
_struct_conf.beg_auth_seq_id 
_struct_conf.end_auth_comp_id 
_struct_conf.end_auth_asym_id 
_struct_conf.end_auth_seq_id 
_struct_conf.pdbx_PDB_helix_class 
_struct_conf.details 
_struct_conf.pdbx_PDB_helix_length 
HELX_P HELX_P1 1 SER A 4  ? ILE A 8  ? SER A 149 ILE A 153 5 ? 5  
HELX_P HELX_P2 2 PRO A 15 ? GLU A 30 ? PRO A 160 GLU A 175 1 ? 16 
HELX_P HELX_P3 3 SER A 33 ? ASN A 48 ? SER A 178 ASN A 193 1 ? 16 
HELX_P HELX_P4 4 ASN A 50 ? GLY A 61 ? ASN A 195 GLY A 206 1 ? 12 
HELX_P HELX_P5 5 THR A 65 ? GLN A 74 ? THR A 210 GLN A 219 1 ? 10 
HELX_P HELX_P6 6 THR B 2  ? GLY B 11 ? THR T 2   GLY T 11  1 ? 10 
# 
_struct_conf_type.id          HELX_P 
_struct_conf_type.criteria    ? 
_struct_conf_type.reference   ? 
# 
_struct_mon_prot_cis.pdbx_id                1 
_struct_mon_prot_cis.label_comp_id          GLY 
_struct_mon_prot_cis.label_seq_id           78 
_struct_mon_prot_cis.label_asym_id          A 
_struct_mon_prot_cis.label_alt_id           . 
_struct_mon_prot_cis.pdbx_PDB_ins_code      ? 
_struct_mon_prot_cis.auth_comp_id           GLY 
_struct_mon_prot_cis.auth_seq_id            223 
_struct_mon_prot_cis.auth_asym_id           A 
_struct_mon_prot_cis.pdbx_label_comp_id_2   PRO 
_struct_mon_prot_cis.pdbx_label_seq_id_2    79 
_struct_mon_prot_cis.pdbx_label_asym_id_2   A 
_struct_mon_prot_cis.pdbx_PDB_ins_code_2    ? 
_struct_mon_prot_cis.pdbx_auth_comp_id_2    PRO 
_struct_mon_prot_cis.pdbx_auth_seq_id_2     224 
_struct_mon_prot_cis.pdbx_auth_asym_id_2    A 
_struct_mon_prot_cis.pdbx_PDB_model_num     1 
_struct_mon_prot_cis.pdbx_omega_angle       5.07 
# 
_atom_sites.entry_id                    3DS1 
_atom_sites.fract_transf_matrix[1][1]   0.02087606 
_atom_sites.fract_transf_matrix[1][2]   -0.00345273 
_atom_sites.fract_transf_matrix[1][3]   -0.00978594 
_atom_sites.fract_transf_matrix[2][1]   -0.00719613 
_atom_sites.fract_transf_matrix[2][2]   -0.02065667 
_atom_sites.fract_transf_matrix[2][3]   -0.00806310 
_atom_sites.fract_transf_matrix[3][1]   -0.00353167 
_atom_sites.fract_transf_matrix[3][2]   0.00483734 
_atom_sites.fract_transf_matrix[3][3]   -0.00924075 
_atom_sites.fract_transf_vector[1]      0.133485 
_atom_sites.fract_transf_vector[2]      0.467688 
_atom_sites.fract_transf_vector[3]      0.389983 
# 
loop_
_atom_type.symbol 
C 
N 
O 
S 
# 
loop_
_atom_site.group_PDB 
_atom_site.id 
_atom_site.type_symbol 
_atom_site.label_atom_id 
_atom_site.label_alt_id 
_atom_site.label_comp_id 
_atom_site.label_asym_id 
_atom_site.label_entity_id 
_atom_site.label_seq_id 
_atom_site.pdbx_PDB_ins_code 
_atom_site.Cartn_x 
_atom_site.Cartn_y 
_atom_site.Cartn_z 
_atom_site.occupancy 
_atom_site.B_iso_or_equiv 
_atom_site.pdbx_formal_charge 
_atom_site.auth_seq_id 
_atom_site.auth_comp_id 
_atom_site.auth_asym_id 
_atom_site.auth_atom_id 
_atom_site.pdbx_PDB_model_num 
ATOM   1   N N   . THR A 1 3  ? 4.731   14.142  9.352   1.00 37.01 ? 148 THR A N   1 
ATOM   2   C CA  . THR A 1 3  ? 5.360   13.196  8.431   1.00 34.29 ? 148 THR A CA  1 
ATOM   3   C C   . THR A 1 3  ? 5.029   13.530  6.958   1.00 31.82 ? 148 THR A C   1 
ATOM   4   O O   . THR A 1 3  ? 4.329   14.517  6.680   1.00 32.58 ? 148 THR A O   1 
ATOM   5   C CB  . THR A 1 3  ? 4.987   11.736  8.815   1.00 34.89 ? 148 THR A CB  1 
ATOM   6   O OG1 . THR A 1 3  ? 5.183   11.559  10.227  1.00 36.93 ? 148 THR A OG1 1 
ATOM   7   C CG2 . THR A 1 3  ? 5.860   10.707  8.075   1.00 34.21 ? 148 THR A CG2 1 
ATOM   8   N N   . SER A 1 4  ? 5.584   12.752  6.028   1.00 27.39 ? 149 SER A N   1 
ATOM   9   C CA  . SER A 1 4  ? 5.303   12.903  4.590   1.00 23.65 ? 149 SER A CA  1 
ATOM   10  C C   . SER A 1 4  ? 4.955   11.532  4.080   1.00 20.54 ? 149 SER A C   1 
ATOM   11  O O   . SER A 1 4  ? 5.539   10.541  4.509   1.00 20.11 ? 149 SER A O   1 
ATOM   12  C CB  . SER A 1 4  ? 6.544   13.375  3.823   1.00 23.39 ? 149 SER A CB  1 
ATOM   13  O OG  . SER A 1 4  ? 6.377   13.326  2.395   1.00 21.07 ? 149 SER A OG  1 
ATOM   14  N N   . ILE A 1 5  ? 4.044   11.478  3.118   1.00 18.31 ? 150 ILE A N   1 
ATOM   15  C CA  . ILE A 1 5  ? 3.751   10.220  2.445   1.00 17.23 ? 150 ILE A CA  1 
ATOM   16  C C   . ILE A 1 5  ? 5.012   9.610   1.822   1.00 17.20 ? 150 ILE A C   1 
ATOM   17  O O   . ILE A 1 5  ? 5.113   8.398   1.666   1.00 17.38 ? 150 ILE A O   1 
ATOM   18  C CB  . ILE A 1 5  ? 2.618   10.418  1.377   1.00 16.23 ? 150 ILE A CB  1 
ATOM   19  C CG1 . ILE A 1 5  ? 2.064   9.061   0.866   1.00 15.65 ? 150 ILE A CG1 1 
ATOM   20  C CG2 . ILE A 1 5  ? 3.055   11.356  0.252   1.00 17.15 ? 150 ILE A CG2 1 
ATOM   21  C CD1 . ILE A 1 5  ? 1.570   8.146   1.997   1.00 16.55 ? 150 ILE A CD1 1 
ATOM   22  N N   . LEU A 1 6  ? 5.981   10.459  1.476   1.00 17.85 ? 151 LEU A N   1 
ATOM   23  C CA  . LEU A 1 6  ? 7.203   9.997   0.841   1.00 19.68 ? 151 LEU A CA  1 
ATOM   24  C C   . LEU A 1 6  ? 8.051   9.162   1.792   1.00 20.52 ? 151 LEU A C   1 
ATOM   25  O O   . LEU A 1 6  ? 8.906   8.380   1.345   1.00 22.18 ? 151 LEU A O   1 
ATOM   26  C CB  . LEU A 1 6  ? 8.007   11.191  0.355   1.00 19.91 ? 151 LEU A CB  1 
ATOM   27  C CG  . LEU A 1 6  ? 7.335   12.041  -0.718  1.00 22.16 ? 151 LEU A CG  1 
ATOM   28  C CD1 . LEU A 1 6  ? 8.275   13.168  -1.078  1.00 24.28 ? 151 LEU A CD1 1 
ATOM   29  C CD2 . LEU A 1 6  ? 7.010   11.222  -1.923  1.00 23.00 ? 151 LEU A CD2 1 
ATOM   30  N N   . ASP A 1 7  ? 7.797   9.334   3.087   1.00 20.88 ? 152 ASP A N   1 
ATOM   31  C CA  . ASP A 1 7  ? 8.531   8.651   4.156   1.00 22.01 ? 152 ASP A CA  1 
ATOM   32  C C   . ASP A 1 7  ? 7.967   7.281   4.510   1.00 20.70 ? 152 ASP A C   1 
ATOM   33  O O   . ASP A 1 7  ? 8.553   6.569   5.331   1.00 21.60 ? 152 ASP A O   1 
ATOM   34  C CB  . ASP A 1 7  ? 8.554   9.527   5.414   1.00 23.45 ? 152 ASP A CB  1 
ATOM   35  C CG  . ASP A 1 7  ? 9.244   10.876  5.184   1.00 27.00 ? 152 ASP A CG  1 
ATOM   36  O OD1 . ASP A 1 7  ? 10.100  10.969  4.272   1.00 31.99 ? 152 ASP A OD1 1 
ATOM   37  O OD2 . ASP A 1 7  ? 8.917   11.849  5.900   1.00 31.30 ? 152 ASP A OD2 1 
ATOM   38  N N   . ILE A 1 8  ? 6.831   6.905   3.923   1.00 19.29 ? 153 ILE A N   1 
ATOM   39  C CA  . ILE A 1 8  ? 6.178   5.640   4.302   1.00 18.26 ? 153 ILE A CA  1 
ATOM   40  C C   . ILE A 1 8  ? 6.676   4.515   3.424   1.00 18.12 ? 153 ILE A C   1 
ATOM   41  O O   . ILE A 1 8  ? 6.531   4.546   2.207   1.00 19.04 ? 153 ILE A O   1 
ATOM   42  C CB  . ILE A 1 8  ? 4.625   5.732   4.240   1.00 17.42 ? 153 ILE A CB  1 
ATOM   43  C CG1 . ILE A 1 8  ? 4.143   6.916   5.096   1.00 18.54 ? 153 ILE A CG1 1 
ATOM   44  C CG2 . ILE A 1 8  ? 3.975   4.396   4.663   1.00 17.18 ? 153 ILE A CG2 1 
ATOM   45  C CD1 . ILE A 1 8  ? 4.501   6.806   6.577   1.00 19.54 ? 153 ILE A CD1 1 
ATOM   46  N N   . ARG A 1 9  ? 7.305   3.531   4.050   1.00 17.29 ? 154 ARG A N   1 
ATOM   47  C CA  . ARG A 1 9  ? 7.776   2.381   3.308   1.00 18.57 ? 154 ARG A CA  1 
ATOM   48  C C   . ARG A 1 9  ? 7.572   1.106   4.116   1.00 16.90 ? 154 ARG A C   1 
ATOM   49  O O   . ARG A 1 9  ? 7.645   1.119   5.338   1.00 17.49 ? 154 ARG A O   1 
ATOM   50  C CB  . ARG A 1 9  ? 9.248   2.535   2.917   1.00 19.11 ? 154 ARG A CB  1 
ATOM   51  C CG  . ARG A 1 9  ? 10.231  2.795   4.023   1.00 22.94 ? 154 ARG A CG  1 
ATOM   52  C CD  . ARG A 1 9  ? 11.647  3.005   3.425   1.00 23.64 ? 154 ARG A CD  1 
ATOM   53  N NE  . ARG A 1 9  ? 11.804  2.283   2.160   1.00 31.27 ? 154 ARG A NE  1 
ATOM   54  C CZ  . ARG A 1 9  ? 11.693  2.827   0.946   1.00 28.35 ? 154 ARG A CZ  1 
ATOM   55  N NH1 . ARG A 1 9  ? 11.456  4.129   0.802   1.00 34.53 ? 154 ARG A NH1 1 
ATOM   56  N NH2 . ARG A 1 9  ? 11.816  2.064   -0.134  1.00 33.82 ? 154 ARG A NH2 1 
ATOM   57  N N   . GLN A 1 10 ? 7.302   0.020   3.412   1.00 16.06 ? 155 GLN A N   1 
ATOM   58  C CA  . GLN A 1 10 ? 6.992   -1.241  4.067   1.00 16.01 ? 155 GLN A CA  1 
ATOM   59  C C   . GLN A 1 10 ? 8.208   -1.767  4.792   1.00 16.98 ? 155 GLN A C   1 
ATOM   60  O O   . GLN A 1 10 ? 9.300   -1.761  4.234   1.00 17.88 ? 155 GLN A O   1 
ATOM   61  C CB  . GLN A 1 10 ? 6.535   -2.252  3.032   1.00 15.67 ? 155 GLN A CB  1 
ATOM   62  C CG  . GLN A 1 10 ? 5.967   -3.532  3.634   1.00 14.50 ? 155 GLN A CG  1 
ATOM   63  C CD  . GLN A 1 10 ? 5.411   -4.462  2.554   1.00 14.73 ? 155 GLN A CD  1 
ATOM   64  O OE1 . GLN A 1 10 ? 5.594   -4.235  1.352   1.00 15.53 ? 155 GLN A OE1 1 
ATOM   65  N NE2 . GLN A 1 10 ? 4.701   -5.486  2.978   1.00 16.99 ? 155 GLN A NE2 1 
ATOM   66  N N   . GLY A 1 11 ? 8.012   -2.179  6.045   1.00 17.69 ? 156 GLY A N   1 
ATOM   67  C CA  . GLY A 1 11 ? 9.083   -2.847  6.803   1.00 18.67 ? 156 GLY A CA  1 
ATOM   68  C C   . GLY A 1 11 ? 9.520   -4.137  6.112   1.00 19.33 ? 156 GLY A C   1 
ATOM   69  O O   . GLY A 1 11 ? 8.754   -4.732  5.345   1.00 18.50 ? 156 GLY A O   1 
ATOM   70  N N   . PRO A 1 12 ? 10.760  -4.593  6.385   1.00 21.31 ? 157 PRO A N   1 
ATOM   71  C CA  . PRO A 1 12 ? 11.320  -5.762  5.715   1.00 21.82 ? 157 PRO A CA  1 
ATOM   72  C C   . PRO A 1 12 ? 10.437  -6.997  5.873   1.00 21.81 ? 157 PRO A C   1 
ATOM   73  O O   . PRO A 1 12 ? 10.387  -7.823  4.966   1.00 22.71 ? 157 PRO A O   1 
ATOM   74  C CB  . PRO A 1 12 ? 12.655  -6.001  6.454   1.00 22.14 ? 157 PRO A CB  1 
ATOM   75  C CG  . PRO A 1 12 ? 12.554  -5.186  7.752   1.00 23.61 ? 157 PRO A CG  1 
ATOM   76  C CD  . PRO A 1 12 ? 11.687  -4.002  7.364   1.00 21.62 ? 157 PRO A CD  1 
ATOM   77  N N   . LYS A 1 13 ? 9.780   -7.132  7.026   1.00 21.05 ? 158 LYS A N   1 
ATOM   78  C CA  . LYS A 1 13 ? 8.911   -8.260  7.282   1.00 21.27 ? 158 LYS A CA  1 
ATOM   79  C C   . LYS A 1 13 ? 7.466   -7.850  7.604   1.00 19.72 ? 158 LYS A C   1 
ATOM   80  O O   . LYS A 1 13 ? 6.652   -8.675  7.972   1.00 18.85 ? 158 LYS A O   1 
ATOM   81  C CB  . LYS A 1 13 ? 9.503   -9.159  8.385   1.00 21.97 ? 158 LYS A CB  1 
ATOM   82  C CG  . LYS A 1 13 ? 10.782  -9.868  7.924   1.00 23.89 ? 158 LYS A CG  1 
ATOM   83  C CD  . LYS A 1 13 ? 11.332  -10.803 8.982   1.00 24.79 ? 158 LYS A CD  1 
ATOM   84  C CE  . LYS A 1 13 ? 10.449  -12.047 9.181   1.00 30.31 ? 158 LYS A CE  1 
ATOM   85  N NZ  . LYS A 1 13 ? 10.458  -13.002 8.029   1.00 31.53 ? 158 LYS A NZ  1 
ATOM   86  N N   . GLU A 1 14 ? 7.144   -6.573  7.384   1.00 18.49 ? 159 GLU A N   1 
ATOM   87  C CA  . GLU A 1 14 ? 5.851   -6.052  7.756   1.00 17.47 ? 159 GLU A CA  1 
ATOM   88  C C   . GLU A 1 14 ? 4.777   -6.639  6.848   1.00 17.50 ? 159 GLU A C   1 
ATOM   89  O O   . GLU A 1 14 ? 4.933   -6.625  5.621   1.00 17.22 ? 159 GLU A O   1 
ATOM   90  C CB  . GLU A 1 14 ? 5.864   -4.526  7.636   1.00 17.15 ? 159 GLU A CB  1 
ATOM   91  C CG  . GLU A 1 14 ? 4.522   -3.861  7.996   1.00 16.69 ? 159 GLU A CG  1 
ATOM   92  C CD  . GLU A 1 14 ? 4.539   -2.354  7.835   1.00 16.36 ? 159 GLU A CD  1 
ATOM   93  O OE1 . GLU A 1 14 ? 5.364   -1.847  7.064   1.00 17.10 ? 159 GLU A OE1 1 
ATOM   94  O OE2 . GLU A 1 14 ? 3.663   -1.676  8.434   1.00 18.42 ? 159 GLU A OE2 1 
ATOM   95  N N   . PRO A 1 15 ? 3.658   -7.098  7.432   1.00 17.80 ? 160 PRO A N   1 
ATOM   96  C CA  . PRO A 1 15 ? 2.527   -7.507  6.592   1.00 17.37 ? 160 PRO A CA  1 
ATOM   97  C C   . PRO A 1 15 ? 2.094   -6.401  5.646   1.00 16.79 ? 160 PRO A C   1 
ATOM   98  O O   . PRO A 1 15 ? 1.987   -5.235  6.054   1.00 17.22 ? 160 PRO A O   1 
ATOM   99  C CB  . PRO A 1 15 ? 1.422   -7.774  7.609   1.00 18.06 ? 160 PRO A CB  1 
ATOM   100 C CG  . PRO A 1 15 ? 2.174   -8.224  8.819   1.00 18.13 ? 160 PRO A CG  1 
ATOM   101 C CD  . PRO A 1 15 ? 3.359   -7.297  8.868   1.00 18.57 ? 160 PRO A CD  1 
ATOM   102 N N   . PHE A 1 16 ? 1.891   -6.759  4.385   1.00 16.60 ? 161 PHE A N   1 
ATOM   103 C CA  . PHE A 1 16 ? 1.419   -5.763  3.403   1.00 16.69 ? 161 PHE A CA  1 
ATOM   104 C C   . PHE A 1 16 ? 0.178   -5.025  3.913   1.00 16.53 ? 161 PHE A C   1 
ATOM   105 O O   . PHE A 1 16 ? 0.070   -3.796  3.771   1.00 16.38 ? 161 PHE A O   1 
ATOM   106 C CB  . PHE A 1 16 ? 1.138   -6.448  2.068   1.00 17.04 ? 161 PHE A CB  1 
ATOM   107 C CG  . PHE A 1 16 ? 0.720   -5.507  0.998   1.00 18.55 ? 161 PHE A CG  1 
ATOM   108 C CD1 . PHE A 1 16 ? 1.630   -4.651  0.409   1.00 17.46 ? 161 PHE A CD1 1 
ATOM   109 C CD2 . PHE A 1 16 ? -0.608  -5.512  0.548   1.00 16.96 ? 161 PHE A CD2 1 
ATOM   110 C CE1 . PHE A 1 16 ? 1.199   -3.736  -0.617  1.00 17.52 ? 161 PHE A CE1 1 
ATOM   111 C CE2 . PHE A 1 16 ? -1.028  -4.622  -0.457  1.00 19.22 ? 161 PHE A CE2 1 
ATOM   112 C CZ  . PHE A 1 16 ? -0.123  -3.748  -1.033  1.00 18.19 ? 161 PHE A CZ  1 
ATOM   113 N N   . ARG A 1 17 ? -0.759  -5.752  4.517   1.00 17.34 ? 162 ARG A N   1 
ATOM   114 C CA  . ARG A 1 17 ? -1.962  -5.128  5.066   1.00 18.33 ? 162 ARG A CA  1 
ATOM   115 C C   . ARG A 1 17 ? -1.658  -4.015  6.095   1.00 17.71 ? 162 ARG A C   1 
ATOM   116 O O   . ARG A 1 17 ? -2.355  -3.006  6.181   1.00 17.97 ? 162 ARG A O   1 
ATOM   117 C CB  . ARG A 1 17 ? -2.925  -6.190  5.654   1.00 18.80 ? 162 ARG A CB  1 
ATOM   118 C CG  . ARG A 1 17 ? -2.348  -7.002  6.778   1.00 21.43 ? 162 ARG A CG  1 
ATOM   119 C CD  . ARG A 1 17 ? -2.977  -6.705  8.139   1.00 24.94 ? 162 ARG A CD  1 
ATOM   120 N NE  . ARG A 1 17 ? -2.325  -7.496  9.182   1.00 26.82 ? 162 ARG A NE  1 
ATOM   121 C CZ  . ARG A 1 17 ? -2.503  -8.800  9.357   1.00 28.73 ? 162 ARG A CZ  1 
ATOM   122 N NH1 . ARG A 1 17 ? -3.353  -9.475  8.584   1.00 29.63 ? 162 ARG A NH1 1 
ATOM   123 N NH2 . ARG A 1 17 ? -1.854  -9.433  10.321  1.00 30.78 ? 162 ARG A NH2 1 
ATOM   124 N N   . ASP A 1 18 ? -0.592  -4.187  6.873   1.00 17.62 ? 163 ASP A N   1 
ATOM   125 C CA  . ASP A 1 18 ? -0.225  -3.193  7.853   1.00 17.26 ? 163 ASP A CA  1 
ATOM   126 C C   . ASP A 1 18 ? 0.350   -1.964  7.148   1.00 16.84 ? 163 ASP A C   1 
ATOM   127 O O   . ASP A 1 18 ? 0.037   -0.839  7.498   1.00 17.78 ? 163 ASP A O   1 
ATOM   128 C CB  . ASP A 1 18 ? 0.838   -3.756  8.783   1.00 17.92 ? 163 ASP A CB  1 
ATOM   129 C CG  . ASP A 1 18 ? 0.277   -4.583  9.905   1.00 18.26 ? 163 ASP A CG  1 
ATOM   130 O OD1 . ASP A 1 18 ? -0.951  -4.836  9.977   1.00 18.74 ? 163 ASP A OD1 1 
ATOM   131 O OD2 . ASP A 1 18 ? 1.132   -4.956  10.743  1.00 20.72 ? 163 ASP A OD2 1 
ATOM   132 N N   . TYR A 1 19 ? 1.183   -2.199  6.139   1.00 15.52 ? 164 TYR A N   1 
ATOM   133 C CA  . TYR A 1 19 ? 1.818   -1.098  5.414   1.00 14.71 ? 164 TYR A CA  1 
ATOM   134 C C   . TYR A 1 19 ? 0.766   -0.256  4.691   1.00 14.31 ? 164 TYR A C   1 
ATOM   135 O O   . TYR A 1 19 ? 0.827   0.983   4.720   1.00 14.39 ? 164 TYR A O   1 
ATOM   136 C CB  . TYR A 1 19 ? 2.857   -1.684  4.443   1.00 15.00 ? 164 TYR A CB  1 
ATOM   137 C CG  . TYR A 1 19 ? 3.244   -0.811  3.261   1.00 13.54 ? 164 TYR A CG  1 
ATOM   138 C CD1 . TYR A 1 19 ? 3.873   0.441   3.437   1.00 14.00 ? 164 TYR A CD1 1 
ATOM   139 C CD2 . TYR A 1 19 ? 3.011   -1.262  1.956   1.00 13.78 ? 164 TYR A CD2 1 
ATOM   140 C CE1 . TYR A 1 19 ? 4.251   1.203   2.350   1.00 14.16 ? 164 TYR A CE1 1 
ATOM   141 C CE2 . TYR A 1 19 ? 3.362   -0.494  0.858   1.00 13.10 ? 164 TYR A CE2 1 
ATOM   142 C CZ  . TYR A 1 19 ? 3.987   0.747   1.062   1.00 13.15 ? 164 TYR A CZ  1 
ATOM   143 O OH  . TYR A 1 19 ? 4.386   1.512   -0.019  1.00 14.80 ? 164 TYR A OH  1 
ATOM   144 N N   . VAL A 1 20 ? -0.202  -0.918  4.060   1.00 14.19 ? 165 VAL A N   1 
ATOM   145 C CA  . VAL A 1 20 ? -1.255  -0.171  3.352   1.00 14.53 ? 165 VAL A CA  1 
ATOM   146 C C   . VAL A 1 20 ? -2.007  0.733   4.338   1.00 15.33 ? 165 VAL A C   1 
ATOM   147 O O   . VAL A 1 20 ? -2.266  1.910   4.041   1.00 14.83 ? 165 VAL A O   1 
ATOM   148 C CB  . VAL A 1 20 ? -2.219  -1.081  2.599   1.00 15.31 ? 165 VAL A CB  1 
ATOM   149 C CG1 . VAL A 1 20 ? -3.313  -0.234  1.933   1.00 16.12 ? 165 VAL A CG1 1 
ATOM   150 C CG2 . VAL A 1 20 ? -1.450  -1.859  1.553   1.00 15.63 ? 165 VAL A CG2 1 
ATOM   151 N N   . ASP A 1 21 ? -2.304  0.194   5.523   1.00 16.99 ? 166 ASP A N   1 
ATOM   152 C CA  . ASP A 1 21 ? -2.990  0.959   6.557   1.00 18.15 ? 166 ASP A CA  1 
ATOM   153 C C   . ASP A 1 21 ? -2.187  2.215   6.928   1.00 17.01 ? 166 ASP A C   1 
ATOM   154 O O   . ASP A 1 21 ? -2.734  3.312   6.973   1.00 17.12 ? 166 ASP A O   1 
ATOM   155 C CB  . ASP A 1 21 ? -3.223  0.066   7.784   1.00 19.97 ? 166 ASP A CB  1 
ATOM   156 C CG  . ASP A 1 21 ? -4.375  0.554   8.649   1.00 25.65 ? 166 ASP A CG  1 
ATOM   157 O OD1 . ASP A 1 21 ? -4.372  1.727   9.053   1.00 30.05 ? 166 ASP A OD1 1 
ATOM   158 O OD2 . ASP A 1 21 ? -5.303  -0.239  8.928   1.00 32.54 ? 166 ASP A OD2 1 
ATOM   159 N N   . ARG A 1 22 ? -0.880  2.063   7.130   1.00 15.40 ? 167 ARG A N   1 
ATOM   160 C CA  . ARG A 1 22 ? -0.026  3.208   7.485   1.00 15.31 ? 167 ARG A CA  1 
ATOM   161 C C   . ARG A 1 22 ? 0.047   4.229   6.340   1.00 14.17 ? 167 ARG A C   1 
ATOM   162 O O   . ARG A 1 22 ? -0.003  5.445   6.562   1.00 14.90 ? 167 ARG A O   1 
ATOM   163 C CB  . ARG A 1 22 ? 1.380   2.755   7.858   1.00 15.68 ? 167 ARG A CB  1 
ATOM   164 C CG  . ARG A 1 22 ? 1.367   1.838   9.078   1.00 15.66 ? 167 ARG A CG  1 
ATOM   165 C CD  . ARG A 1 22 ? 2.745   1.714   9.662   1.00 15.83 ? 167 ARG A CD  1 
ATOM   166 N NE  . ARG A 1 22 ? 3.695   1.086   8.742   1.00 16.56 ? 167 ARG A NE  1 
ATOM   167 C CZ  . ARG A 1 22 ? 4.683   1.698   8.097   1.00 17.03 ? 167 ARG A CZ  1 
ATOM   168 N NH1 . ARG A 1 22 ? 4.909   3.022   8.218   1.00 17.68 ? 167 ARG A NH1 1 
ATOM   169 N NH2 . ARG A 1 22 ? 5.471   0.966   7.320   1.00 17.26 ? 167 ARG A NH2 1 
ATOM   170 N N   . PHE A 1 23 ? 0.142   3.721   5.112   1.00 13.73 ? 168 PHE A N   1 
ATOM   171 C CA  . PHE A 1 23 ? 0.210   4.572   3.930   1.00 13.76 ? 168 PHE A CA  1 
ATOM   172 C C   . PHE A 1 23 ? -1.088  5.391   3.847   1.00 13.28 ? 168 PHE A C   1 
ATOM   173 O O   . PHE A 1 23 ? -1.040  6.600   3.643   1.00 14.52 ? 168 PHE A O   1 
ATOM   174 C CB  . PHE A 1 23 ? 0.390   3.678   2.693   1.00 13.77 ? 168 PHE A CB  1 
ATOM   175 C CG  . PHE A 1 23 ? 0.525   4.421   1.378   1.00 12.20 ? 168 PHE A CG  1 
ATOM   176 C CD1 . PHE A 1 23 ? 1.788   4.673   0.842   1.00 14.33 ? 168 PHE A CD1 1 
ATOM   177 C CD2 . PHE A 1 23 ? -0.595  4.834   0.669   1.00 11.42 ? 168 PHE A CD2 1 
ATOM   178 C CE1 . PHE A 1 23 ? 1.933   5.346   -0.376  1.00 14.34 ? 168 PHE A CE1 1 
ATOM   179 C CE2 . PHE A 1 23 ? -0.461  5.505   -0.576  1.00 12.58 ? 168 PHE A CE2 1 
ATOM   180 C CZ  . PHE A 1 23 ? 0.797   5.756   -1.098  1.00 14.07 ? 168 PHE A CZ  1 
ATOM   181 N N   . TYR A 1 24 ? -2.229  4.727   4.000   1.00 14.02 ? 169 TYR A N   1 
ATOM   182 C CA  . TYR A 1 24 ? -3.519  5.418   3.962   1.00 15.81 ? 169 TYR A CA  1 
ATOM   183 C C   . TYR A 1 24 ? -3.597  6.507   5.031   1.00 16.21 ? 169 TYR A C   1 
ATOM   184 O O   . TYR A 1 24 ? -3.966  7.661   4.747   1.00 16.95 ? 169 TYR A O   1 
ATOM   185 C CB  . TYR A 1 24 ? -4.621  4.411   4.167   1.00 16.38 ? 169 TYR A CB  1 
ATOM   186 C CG  . TYR A 1 24 ? -5.993  5.020   4.367   1.00 18.26 ? 169 TYR A CG  1 
ATOM   187 C CD1 . TYR A 1 24 ? -6.605  5.766   3.357   1.00 17.65 ? 169 TYR A CD1 1 
ATOM   188 C CD2 . TYR A 1 24 ? -6.678  4.835   5.559   1.00 19.79 ? 169 TYR A CD2 1 
ATOM   189 C CE1 . TYR A 1 24 ? -7.893  6.288   3.518   1.00 21.78 ? 169 TYR A CE1 1 
ATOM   190 C CE2 . TYR A 1 24 ? -7.950  5.373   5.738   1.00 20.84 ? 169 TYR A CE2 1 
ATOM   191 C CZ  . TYR A 1 24 ? -8.547  6.092   4.714   1.00 20.27 ? 169 TYR A CZ  1 
ATOM   192 O OH  . TYR A 1 24 ? -9.814  6.619   4.899   1.00 23.10 ? 169 TYR A OH  1 
ATOM   193 N N   . LYS A 1 25 ? -3.218  6.157   6.257   1.00 17.06 ? 170 LYS A N   1 
ATOM   194 C CA  . LYS A 1 25 ? -3.327  7.128   7.358   1.00 19.03 ? 170 LYS A CA  1 
ATOM   195 C C   . LYS A 1 25 ? -2.490  8.372   7.091   1.00 18.15 ? 170 LYS A C   1 
ATOM   196 O O   . LYS A 1 25 ? -2.943  9.500   7.326   1.00 19.83 ? 170 LYS A O   1 
ATOM   197 C CB  . LYS A 1 25 ? -3.027  6.480   8.718   1.00 19.32 ? 170 LYS A CB  1 
ATOM   198 C CG  . LYS A 1 25 ? -4.057  5.413   9.077   1.00 21.88 ? 170 LYS A CG  1 
ATOM   199 C CD  . LYS A 1 25 ? -3.711  4.595   10.334  1.00 23.04 ? 170 LYS A CD  1 
ATOM   200 C CE  . LYS A 1 25 ? -4.997  4.218   11.098  1.00 29.95 ? 170 LYS A CE  1 
ATOM   201 N NZ  . LYS A 1 25 ? -5.947  3.343   10.327  1.00 31.28 ? 170 LYS A NZ  1 
ATOM   202 N N   . THR A 1 26 ? -1.280  8.177   6.565   1.00 17.27 ? 171 THR A N   1 
ATOM   203 C CA  . THR A 1 26 ? -0.406  9.303   6.279   1.00 17.40 ? 171 THR A CA  1 
ATOM   204 C C   . THR A 1 26 ? -0.942  10.108  5.096   1.00 17.03 ? 171 THR A C   1 
ATOM   205 O O   . THR A 1 26 ? -0.864  11.351  5.075   1.00 16.38 ? 171 THR A O   1 
ATOM   206 C CB  . THR A 1 26 ? 1.027   8.783   6.000   1.00 17.38 ? 171 THR A CB  1 
ATOM   207 O OG1 . THR A 1 26 ? 1.522   8.123   7.174   1.00 21.80 ? 171 THR A OG1 1 
ATOM   208 C CG2 . THR A 1 26 ? 1.963   9.924   5.684   1.00 17.48 ? 171 THR A CG2 1 
ATOM   209 N N   . LEU A 1 27 ? -1.466  9.407   4.090   1.00 16.13 ? 172 LEU A N   1 
ATOM   210 C CA  . LEU A 1 27 ? -1.873  10.103  2.864   1.00 16.08 ? 172 LEU A CA  1 
ATOM   211 C C   . LEU A 1 27 ? -3.107  10.957  3.141   1.00 16.79 ? 172 LEU A C   1 
ATOM   212 O O   . LEU A 1 27 ? -3.264  12.044  2.569   1.00 16.83 ? 172 LEU A O   1 
ATOM   213 C CB  . LEU A 1 27 ? -2.126  9.124   1.717   1.00 15.88 ? 172 LEU A CB  1 
ATOM   214 C CG  . LEU A 1 27 ? -2.442  9.743   0.353   1.00 15.65 ? 172 LEU A CG  1 
ATOM   215 C CD1 . LEU A 1 27 ? -1.467  10.851  0.034   1.00 17.18 ? 172 LEU A CD1 1 
ATOM   216 C CD2 . LEU A 1 27 ? -2.413  8.659   -0.716  1.00 16.30 ? 172 LEU A CD2 1 
ATOM   217 N N   . ARG A 1 28 ? -3.953  10.485  4.049   1.00 17.92 ? 173 ARG A N   1 
ATOM   218 C CA  . ARG A 1 28 ? -5.139  11.268  4.433   1.00 20.05 ? 173 ARG A CA  1 
ATOM   219 C C   . ARG A 1 28 ? -4.745  12.649  4.944   1.00 19.84 ? 173 ARG A C   1 
ATOM   220 O O   . ARG A 1 28 ? -5.423  13.647  4.654   1.00 21.07 ? 173 ARG A O   1 
ATOM   221 C CB  . ARG A 1 28 ? -5.924  10.558  5.527   1.00 21.02 ? 173 ARG A CB  1 
ATOM   222 C CG  . ARG A 1 28 ? -6.785  9.419   5.047   1.00 25.71 ? 173 ARG A CG  1 
ATOM   223 C CD  . ARG A 1 28 ? -7.837  9.077   6.124   1.00 30.67 ? 173 ARG A CD  1 
ATOM   224 N NE  . ARG A 1 28 ? -7.241  8.989   7.462   1.00 36.09 ? 173 ARG A NE  1 
ATOM   225 C CZ  . ARG A 1 28 ? -7.738  8.286   8.479   1.00 35.95 ? 173 ARG A CZ  1 
ATOM   226 N NH1 . ARG A 1 28 ? -8.859  7.575   8.335   1.00 39.07 ? 173 ARG A NH1 1 
ATOM   227 N NH2 . ARG A 1 28 ? -7.101  8.285   9.647   1.00 37.80 ? 173 ARG A NH2 1 
ATOM   228 N N   . ALA A 1 29 ? -3.659  12.691  5.712   1.00 19.57 ? 174 ALA A N   1 
ATOM   229 C CA  . ALA A 1 29 ? -3.156  13.926  6.328   1.00 19.46 ? 174 ALA A CA  1 
ATOM   230 C C   . ALA A 1 29 ? -2.282  14.812  5.406   1.00 19.84 ? 174 ALA A C   1 
ATOM   231 O O   . ALA A 1 29 ? -2.091  16.005  5.668   1.00 20.20 ? 174 ALA A O   1 
ATOM   232 C CB  . ALA A 1 29 ? -2.429  13.585  7.608   1.00 19.41 ? 174 ALA A CB  1 
ATOM   233 N N   . GLU A 1 30 ? -1.775  14.234  4.320   1.00 18.90 ? 175 GLU A N   1 
ATOM   234 C CA  . GLU A 1 30 ? -0.910  14.925  3.373   1.00 19.39 ? 175 GLU A CA  1 
ATOM   235 C C   . GLU A 1 30 ? -1.642  16.110  2.752   1.00 19.76 ? 175 GLU A C   1 
ATOM   236 O O   . GLU A 1 30 ? -2.799  15.979  2.368   1.00 20.41 ? 175 GLU A O   1 
ATOM   237 C CB  . GLU A 1 30 ? -0.517  13.906  2.279   1.00 18.62 ? 175 GLU A CB  1 
ATOM   238 C CG  . GLU A 1 30 ? 0.542   14.372  1.271   1.00 18.92 ? 175 GLU A CG  1 
ATOM   239 C CD  . GLU A 1 30 ? 1.920   14.532  1.876   1.00 18.66 ? 175 GLU A CD  1 
ATOM   240 O OE1 . GLU A 1 30 ? 2.283   13.763  2.797   1.00 20.39 ? 175 GLU A OE1 1 
ATOM   241 O OE2 . GLU A 1 30 ? 2.646   15.433  1.425   1.00 20.78 ? 175 GLU A OE2 1 
ATOM   242 N N   . GLN A 1 31 ? -0.981  17.260  2.650   1.00 20.83 ? 176 GLN A N   1 
ATOM   243 C CA  A GLN A 1 31 ? -1.577  18.435  2.019   0.50 22.57 ? 176 GLN A CA  1 
ATOM   244 C CA  B GLN A 1 31 ? -1.595  18.423  2.022   0.50 22.32 ? 176 GLN A CA  1 
ATOM   245 C C   . GLN A 1 31 ? -1.253  18.440  0.527   1.00 22.30 ? 176 GLN A C   1 
ATOM   246 O O   . GLN A 1 31 ? -0.206  18.914  0.118   1.00 23.37 ? 176 GLN A O   1 
ATOM   247 C CB  A GLN A 1 31 ? -1.093  19.721  2.698   0.50 22.44 ? 176 GLN A CB  1 
ATOM   248 C CB  B GLN A 1 31 ? -1.195  19.718  2.746   0.50 22.71 ? 176 GLN A CB  1 
ATOM   249 C CG  A GLN A 1 31 ? -1.612  19.912  4.113   0.50 24.25 ? 176 GLN A CG  1 
ATOM   250 C CG  B GLN A 1 31 ? -1.493  19.732  4.261   0.50 25.45 ? 176 GLN A CG  1 
ATOM   251 C CD  A GLN A 1 31 ? -1.227  21.254  4.700   0.50 23.31 ? 176 GLN A CD  1 
ATOM   252 C CD  B GLN A 1 31 ? -2.972  19.537  4.600   0.50 25.70 ? 176 GLN A CD  1 
ATOM   253 O OE1 A GLN A 1 31 ? -1.880  22.272  4.444   0.50 25.86 ? 176 GLN A OE1 1 
ATOM   254 O OE1 B GLN A 1 31 ? -3.840  20.265  4.118   0.50 28.57 ? 176 GLN A OE1 1 
ATOM   255 N NE2 A GLN A 1 31 ? -0.169  21.264  5.509   0.50 25.45 ? 176 GLN A NE2 1 
ATOM   256 N NE2 B GLN A 1 31 ? -3.258  18.551  5.439   0.50 29.22 ? 176 GLN A NE2 1 
ATOM   257 N N   . ALA A 1 32 ? -2.156  17.872  -0.263  1.00 22.46 ? 177 ALA A N   1 
ATOM   258 C CA  . ALA A 1 32 ? -2.058  17.776  -1.718  1.00 22.44 ? 177 ALA A CA  1 
ATOM   259 C C   . ALA A 1 32 ? -3.468  17.685  -2.293  1.00 22.54 ? 177 ALA A C   1 
ATOM   260 O O   . ALA A 1 32 ? -4.417  17.400  -1.564  1.00 21.97 ? 177 ALA A O   1 
ATOM   261 C CB  . ALA A 1 32 ? -1.255  16.552  -2.119  1.00 22.73 ? 177 ALA A CB  1 
ATOM   262 N N   . SER A 1 33 ? -3.592  17.935  -3.600  1.00 22.11 ? 178 SER A N   1 
ATOM   263 C CA  . SER A 1 33 ? -4.865  17.860  -4.292  1.00 22.39 ? 178 SER A CA  1 
ATOM   264 C C   . SER A 1 33 ? -5.334  16.407  -4.329  1.00 22.87 ? 178 SER A C   1 
ATOM   265 O O   . SER A 1 33 ? -4.514  15.489  -4.269  1.00 21.46 ? 178 SER A O   1 
ATOM   266 C CB  . SER A 1 33 ? -4.748  18.403  -5.720  1.00 21.99 ? 178 SER A CB  1 
ATOM   267 O OG  . SER A 1 33 ? -3.996  17.534  -6.579  1.00 21.13 ? 178 SER A OG  1 
ATOM   268 N N   . GLN A 1 34 ? -6.646  16.195  -4.414  1.00 23.24 ? 179 GLN A N   1 
ATOM   269 C CA  . GLN A 1 34 ? -7.185  14.841  -4.606  1.00 24.92 ? 179 GLN A CA  1 
ATOM   270 C C   . GLN A 1 34 ? -6.542  14.101  -5.776  1.00 22.21 ? 179 GLN A C   1 
ATOM   271 O O   . GLN A 1 34 ? -6.183  12.922  -5.649  1.00 21.41 ? 179 GLN A O   1 
ATOM   272 C CB  . GLN A 1 34 ? -8.718  14.853  -4.793  1.00 24.22 ? 179 GLN A CB  1 
ATOM   273 C CG  . GLN A 1 34 ? -9.335  13.442  -4.735  1.00 28.07 ? 179 GLN A CG  1 
ATOM   274 C CD  . GLN A 1 34 ? -10.726 13.300  -5.407  1.00 26.28 ? 179 GLN A CD  1 
ATOM   275 O OE1 . GLN A 1 34 ? -11.424 12.298  -5.199  1.00 35.50 ? 179 GLN A OE1 1 
ATOM   276 N NE2 . GLN A 1 34 ? -11.122 14.291  -6.202  1.00 32.84 ? 179 GLN A NE2 1 
ATOM   277 N N   . GLU A 1 35 ? -6.379  14.793  -6.867  1.00 21.38 ? 180 GLU A N   1 
ATOM   278 C CA  . GLU A 1 35 ? -5.793  14.272  -8.043  1.00 21.19 ? 180 GLU A CA  1 
ATOM   279 C C   . GLU A 1 35 ? -4.358  13.777  -7.766  1.00 19.79 ? 180 GLU A C   1 
ATOM   280 O O   . GLU A 1 35 ? -3.962  12.736  -8.138  1.00 19.60 ? 180 GLU A O   1 
ATOM   281 C CB  . GLU A 1 35 ? -5.781  15.423  -9.023  1.00 22.95 ? 180 GLU A CB  1 
ATOM   282 C CG  . GLU A 1 35 ? -5.326  15.124  -10.341 1.00 27.68 ? 180 GLU A CG  1 
ATOM   283 C CD  . GLU A 1 35 ? -5.384  16.346  -11.293 1.00 23.04 ? 180 GLU A CD  1 
ATOM   284 O OE1 . GLU A 1 35 ? -5.820  17.399  -10.917 1.00 33.47 ? 180 GLU A OE1 1 
ATOM   285 O OE2 . GLU A 1 35 ? -4.976  16.206  -12.419 1.00 39.40 ? 180 GLU A OE2 1 
ATOM   286 N N   . VAL A 1 36 ? -3.624  14.600  -7.080  1.00 18.23 ? 181 VAL A N   1 
ATOM   287 C CA  . VAL A 1 36 ? -2.268  14.243  -6.649  1.00 17.52 ? 181 VAL A CA  1 
ATOM   288 C C   . VAL A 1 36 ? -2.267  13.054  -5.675  1.00 16.65 ? 181 VAL A C   1 
ATOM   289 O O   . VAL A 1 36 ? -1.410  12.170  -5.774  1.00 15.81 ? 181 VAL A O   1 
ATOM   290 C CB  . VAL A 1 36 ? -1.458  15.457  -6.130  1.00 17.52 ? 181 VAL A CB  1 
ATOM   291 C CG1 . VAL A 1 36 ? -0.234  15.027  -5.356  1.00 18.96 ? 181 VAL A CG1 1 
ATOM   292 C CG2 . VAL A 1 36 ? -1.059  16.348  -7.288  1.00 18.41 ? 181 VAL A CG2 1 
ATOM   293 N N   . LYS A 1 37 ? -3.231  13.012  -4.752  1.00 16.20 ? 182 LYS A N   1 
ATOM   294 C CA  . LYS A 1 37 ? -3.277  11.884  -3.832  1.00 15.78 ? 182 LYS A CA  1 
ATOM   295 C C   . LYS A 1 37 ? -3.532  10.598  -4.592  1.00 15.15 ? 182 LYS A C   1 
ATOM   296 O O   . LYS A 1 37 ? -3.015  9.546   -4.209  1.00 14.96 ? 182 LYS A O   1 
ATOM   297 C CB  . LYS A 1 37 ? -4.329  12.080  -2.735  1.00 16.53 ? 182 LYS A CB  1 
ATOM   298 C CG  . LYS A 1 37 ? -3.960  13.198  -1.776  1.00 16.67 ? 182 LYS A CG  1 
ATOM   299 C CD  . LYS A 1 37 ? -4.764  13.153  -0.482  1.00 18.58 ? 182 LYS A CD  1 
ATOM   300 C CE  . LYS A 1 37 ? -4.403  14.352  0.358   1.00 19.61 ? 182 LYS A CE  1 
ATOM   301 N NZ  . LYS A 1 37 ? -5.032  14.347  1.718   1.00 21.14 ? 182 LYS A NZ  1 
ATOM   302 N N   . ASN A 1 38 ? -4.349  10.671  -5.649  1.00 14.84 ? 183 ASN A N   1 
ATOM   303 C CA  . ASN A 1 38 ? -4.593  9.497   -6.498  1.00 15.50 ? 183 ASN A CA  1 
ATOM   304 C C   . ASN A 1 38 ? -3.315  9.010   -7.179  1.00 16.06 ? 183 ASN A C   1 
ATOM   305 O O   . ASN A 1 38 ? -3.009  7.812   -7.227  1.00 16.46 ? 183 ASN A O   1 
ATOM   306 C CB  . ASN A 1 38 ? -5.701  9.792   -7.516  1.00 15.83 ? 183 ASN A CB  1 
ATOM   307 C CG  . ASN A 1 38 ? -7.096  9.696   -6.886  1.00 17.84 ? 183 ASN A CG  1 
ATOM   308 O OD1 . ASN A 1 38 ? -7.265  9.037   -5.874  1.00 18.58 ? 183 ASN A OD1 1 
ATOM   309 N ND2 . ASN A 1 38 ? -8.092  10.327  -7.507  1.00 21.88 ? 183 ASN A ND2 1 
ATOM   310 N N   . TRP A 1 39 ? -2.560  9.975   -7.671  1.00 16.32 ? 184 TRP A N   1 
ATOM   311 C CA  . TRP A 1 39 ? -1.300  9.684   -8.342  1.00 16.99 ? 184 TRP A CA  1 
ATOM   312 C C   . TRP A 1 39 ? -0.299  9.099   -7.325  1.00 16.33 ? 184 TRP A C   1 
ATOM   313 O O   . TRP A 1 39 ? 0.378   8.100   -7.614  1.00 16.04 ? 184 TRP A O   1 
ATOM   314 C CB  . TRP A 1 39 ? -0.775  10.947  -9.013  1.00 18.63 ? 184 TRP A CB  1 
ATOM   315 C CG  . TRP A 1 39 ? 0.637   10.812  -9.476  1.00 19.43 ? 184 TRP A CG  1 
ATOM   316 C CD1 . TRP A 1 39 ? 1.127   9.922   -10.384 1.00 22.06 ? 184 TRP A CD1 1 
ATOM   317 C CD2 . TRP A 1 39 ? 1.738   11.607  -9.050  1.00 21.07 ? 184 TRP A CD2 1 
ATOM   318 N NE1 . TRP A 1 39 ? 2.478   10.112  -10.547 1.00 22.11 ? 184 TRP A NE1 1 
ATOM   319 C CE2 . TRP A 1 39 ? 2.880   11.140  -9.738  1.00 22.11 ? 184 TRP A CE2 1 
ATOM   320 C CE3 . TRP A 1 39 ? 1.875   12.673  -8.150  1.00 22.89 ? 184 TRP A CE3 1 
ATOM   321 C CZ2 . TRP A 1 39 ? 4.141   11.695  -9.554  1.00 21.47 ? 184 TRP A CZ2 1 
ATOM   322 C CZ3 . TRP A 1 39 ? 3.141   13.243  -7.983  1.00 22.00 ? 184 TRP A CZ3 1 
ATOM   323 C CH2 . TRP A 1 39 ? 4.256   12.750  -8.684  1.00 22.24 ? 184 TRP A CH2 1 
ATOM   324 N N   . MET A 1 40 ? -0.235  9.693   -6.138  1.00 15.92 ? 185 MET A N   1 
ATOM   325 C CA  . MET A 1 40 ? 0.613   9.147   -5.068  1.00 16.55 ? 185 MET A CA  1 
ATOM   326 C C   . MET A 1 40 ? 0.265   7.698   -4.757  1.00 16.32 ? 185 MET A C   1 
ATOM   327 O O   . MET A 1 40 ? 1.160   6.867   -4.563  1.00 17.05 ? 185 MET A O   1 
ATOM   328 C CB  . MET A 1 40 ? 0.491   9.964   -3.791  1.00 16.12 ? 185 MET A CB  1 
ATOM   329 C CG  . MET A 1 40 ? 1.122   11.338  -3.921  1.00 17.87 ? 185 MET A CG  1 
ATOM   330 S SD  . MET A 1 40 ? 0.594   12.396  -2.550  1.00 17.48 ? 185 MET A SD  1 
ATOM   331 C CE  . MET A 1 40 ? 1.850   13.664  -2.718  1.00 19.13 ? 185 MET A CE  1 
ATOM   332 N N   . THR A 1 41 ? -1.025  7.388   -4.701  1.00 16.12 ? 186 THR A N   1 
ATOM   333 C CA  . THR A 1 41 ? -1.436  6.023   -4.387  1.00 15.88 ? 186 THR A CA  1 
ATOM   334 C C   . THR A 1 41 ? -1.059  5.070   -5.533  1.00 16.10 ? 186 THR A C   1 
ATOM   335 O O   . THR A 1 41 ? -0.546  3.975   -5.308  1.00 16.77 ? 186 THR A O   1 
ATOM   336 C CB  . THR A 1 41 ? -2.931  5.951   -4.125  1.00 16.23 ? 186 THR A CB  1 
ATOM   337 O OG1 . THR A 1 41 ? -3.229  6.777   -2.997  1.00 16.18 ? 186 THR A OG1 1 
ATOM   338 C CG2 . THR A 1 41 ? -3.325  4.515   -3.791  1.00 16.55 ? 186 THR A CG2 1 
ATOM   339 N N   . ALA A 1 42 ? -1.259  5.546   -6.729  1.00 16.63 ? 187 ALA A N   1 
ATOM   340 C CA  . ALA A 1 42 ? -1.017  4.785   -7.927  1.00 17.53 ? 187 ALA A CA  1 
ATOM   341 C C   . ALA A 1 42 ? 0.456   4.514   -8.213  1.00 18.14 ? 187 ALA A C   1 
ATOM   342 O O   . ALA A 1 42 ? 0.781   3.636   -8.965  1.00 19.38 ? 187 ALA A O   1 
ATOM   343 C CB  . ALA A 1 42 ? -1.674  5.442   -9.119  1.00 17.53 ? 187 ALA A CB  1 
ATOM   344 N N   . THR A 1 43 ? 1.317   5.296   -7.609  1.00 17.22 ? 188 THR A N   1 
ATOM   345 C CA  . THR A 1 43 ? 2.717   5.086   -7.822  1.00 17.06 ? 188 THR A CA  1 
ATOM   346 C C   . THR A 1 43 ? 3.493   4.606   -6.579  1.00 16.74 ? 188 THR A C   1 
ATOM   347 O O   . THR A 1 43 ? 4.202   3.638   -6.636  1.00 17.61 ? 188 THR A O   1 
ATOM   348 C CB  . THR A 1 43 ? 3.356   6.358   -8.397  1.00 16.97 ? 188 THR A CB  1 
ATOM   349 O OG1 . THR A 1 43 ? 3.168   7.366   -7.484  1.00 15.96 ? 188 THR A OG1 1 
ATOM   350 C CG2 . THR A 1 43 ? 2.664   6.822   -9.569  1.00 17.25 ? 188 THR A CG2 1 
ATOM   351 N N   . LEU A 1 44 ? 3.331   5.298   -5.466  1.00 16.63 ? 189 LEU A N   1 
ATOM   352 C CA  . LEU A 1 44 ? 4.148   5.118   -4.285  1.00 16.30 ? 189 LEU A CA  1 
ATOM   353 C C   . LEU A 1 44 ? 3.830   3.887   -3.498  1.00 16.13 ? 189 LEU A C   1 
ATOM   354 O O   . LEU A 1 44 ? 4.690   3.337   -2.879  1.00 16.27 ? 189 LEU A O   1 
ATOM   355 C CB  . LEU A 1 44 ? 4.083   6.317   -3.357  1.00 16.25 ? 189 LEU A CB  1 
ATOM   356 C CG  . LEU A 1 44 ? 4.535   7.642   -3.895  1.00 14.96 ? 189 LEU A CG  1 
ATOM   357 C CD1 . LEU A 1 44 ? 4.296   8.706   -2.840  1.00 18.09 ? 189 LEU A CD1 1 
ATOM   358 C CD2 . LEU A 1 44 ? 6.001   7.550   -4.155  1.00 17.49 ? 189 LEU A CD2 1 
ATOM   359 N N   . LEU A 1 45 ? 2.565   3.468   -3.530  1.00 15.73 ? 190 LEU A N   1 
ATOM   360 C CA  . LEU A 1 45 ? 2.194   2.323   -2.711  1.00 15.49 ? 190 LEU A CA  1 
ATOM   361 C C   . LEU A 1 45 ? 2.986   1.093   -3.159  1.00 15.62 ? 190 LEU A C   1 
ATOM   362 O O   . LEU A 1 45 ? 3.584   0.407   -2.337  1.00 15.91 ? 190 LEU A O   1 
ATOM   363 C CB  . LEU A 1 45 ? 0.686   2.066   -2.774  1.00 15.88 ? 190 LEU A CB  1 
ATOM   364 C CG  . LEU A 1 45 ? 0.169   0.920   -1.916  1.00 16.63 ? 190 LEU A CG  1 
ATOM   365 C CD1 . LEU A 1 45 ? 0.403   1.195   -0.474  1.00 17.28 ? 190 LEU A CD1 1 
ATOM   366 C CD2 . LEU A 1 45 ? -1.316  0.769   -2.217  1.00 18.42 ? 190 LEU A CD2 1 
ATOM   367 N N   . VAL A 1 46 ? 2.984   0.826   -4.457  1.00 16.09 ? 191 VAL A N   1 
ATOM   368 C CA  . VAL A 1 46 ? 3.754   -0.301  -4.976  1.00 17.15 ? 191 VAL A CA  1 
ATOM   369 C C   . VAL A 1 46 ? 5.245   0.029   -4.906  1.00 17.34 ? 191 VAL A C   1 
ATOM   370 O O   . VAL A 1 46 ? 6.053   -0.820  -4.539  1.00 17.86 ? 191 VAL A O   1 
ATOM   371 C CB  . VAL A 1 46 ? 3.288   -0.698  -6.411  1.00 17.43 ? 191 VAL A CB  1 
ATOM   372 C CG1 . VAL A 1 46 ? 4.219   -1.758  -7.038  1.00 20.19 ? 191 VAL A CG1 1 
ATOM   373 C CG2 . VAL A 1 46 ? 1.842   -1.172  -6.376  1.00 17.80 ? 191 VAL A CG2 1 
ATOM   374 N N   . GLN A 1 47 ? 5.620   1.257   -5.232  1.00 17.54 ? 192 GLN A N   1 
ATOM   375 C CA  . GLN A 1 47 ? 7.043   1.617   -5.267  1.00 19.00 ? 192 GLN A CA  1 
ATOM   376 C C   . GLN A 1 47 ? 7.744   1.373   -3.933  1.00 19.21 ? 192 GLN A C   1 
ATOM   377 O O   . GLN A 1 47 ? 8.901   0.902   -3.896  1.00 19.98 ? 192 GLN A O   1 
ATOM   378 C CB  . GLN A 1 47 ? 7.222   3.090   -5.686  1.00 19.82 ? 192 GLN A CB  1 
ATOM   379 C CG  . GLN A 1 47 ? 8.643   3.588   -5.535  1.00 23.51 ? 192 GLN A CG  1 
ATOM   380 C CD  . GLN A 1 47 ? 8.989   4.733   -6.473  1.00 28.23 ? 192 GLN A CD  1 
ATOM   381 O OE1 . GLN A 1 47 ? 8.113   5.369   -7.046  1.00 29.02 ? 192 GLN A OE1 1 
ATOM   382 N NE2 . GLN A 1 47 ? 10.294  4.979   -6.651  1.00 32.18 ? 192 GLN A NE2 1 
ATOM   383 N N   . ASN A 1 48 ? 7.064   1.716   -2.842  1.00 17.89 ? 193 ASN A N   1 
ATOM   384 C CA  . ASN A 1 48 ? 7.667   1.644   -1.530  1.00 17.68 ? 193 ASN A CA  1 
ATOM   385 C C   . ASN A 1 48 ? 7.318   0.388   -0.736  1.00 16.61 ? 193 ASN A C   1 
ATOM   386 O O   . ASN A 1 48 ? 7.626   0.296   0.455   1.00 17.08 ? 193 ASN A O   1 
ATOM   387 C CB  . ASN A 1 48 ? 7.411   2.925   -0.748  1.00 17.33 ? 193 ASN A CB  1 
ATOM   388 C CG  . ASN A 1 48 ? 8.182   4.113   -1.336  1.00 19.93 ? 193 ASN A CG  1 
ATOM   389 O OD1 . ASN A 1 48 ? 9.278   3.946   -1.895  1.00 23.68 ? 193 ASN A OD1 1 
ATOM   390 N ND2 . ASN A 1 48 ? 7.618   5.303   -1.214  1.00 18.93 ? 193 ASN A ND2 1 
ATOM   391 N N   . ALA A 1 49 ? 6.713   -0.576  -1.414  1.00 17.46 ? 194 ALA A N   1 
ATOM   392 C CA  . ALA A 1 49 ? 6.539   -1.908  -0.847  1.00 17.19 ? 194 ALA A CA  1 
ATOM   393 C C   . ALA A 1 49 ? 7.917   -2.549  -0.714  1.00 18.50 ? 194 ALA A C   1 
ATOM   394 O O   . ALA A 1 49 ? 8.867   -2.142  -1.402  1.00 18.99 ? 194 ALA A O   1 
ATOM   395 C CB  . ALA A 1 49 ? 5.655   -2.751  -1.730  1.00 17.03 ? 194 ALA A CB  1 
ATOM   396 N N   . ASN A 1 50 ? 8.033   -3.541  0.160   1.00 19.10 ? 195 ASN A N   1 
ATOM   397 C CA  . ASN A 1 50 ? 9.317   -4.247  0.282   1.00 20.21 ? 195 ASN A CA  1 
ATOM   398 C C   . ASN A 1 50 ? 9.570   -5.112  -0.978  1.00 20.97 ? 195 ASN A C   1 
ATOM   399 O O   . ASN A 1 50 ? 8.671   -5.376  -1.769  1.00 20.76 ? 195 ASN A O   1 
ATOM   400 C CB  . ASN A 1 50 ? 9.423   -5.028  1.618   1.00 20.36 ? 195 ASN A CB  1 
ATOM   401 C CG  . ASN A 1 50 ? 8.409   -6.157  1.734   1.00 20.11 ? 195 ASN A CG  1 
ATOM   402 O OD1 . ASN A 1 50 ? 7.980   -6.752  0.725   1.00 19.32 ? 195 ASN A OD1 1 
ATOM   403 N ND2 . ASN A 1 50 ? 8.013   -6.466  2.983   1.00 18.61 ? 195 ASN A ND2 1 
ATOM   404 N N   . PRO A 1 51 ? 10.820  -5.527  -1.208  1.00 23.04 ? 196 PRO A N   1 
ATOM   405 C CA  . PRO A 1 51 ? 11.086  -6.275  -2.457  1.00 23.70 ? 196 PRO A CA  1 
ATOM   406 C C   . PRO A 1 51 ? 10.167  -7.453  -2.782  1.00 24.52 ? 196 PRO A C   1 
ATOM   407 O O   . PRO A 1 51 ? 9.747   -7.603  -3.937  1.00 25.42 ? 196 PRO A O   1 
ATOM   408 C CB  . PRO A 1 51 ? 12.522  -6.763  -2.250  1.00 23.88 ? 196 PRO A CB  1 
ATOM   409 C CG  . PRO A 1 51 ? 13.130  -5.688  -1.453  1.00 23.54 ? 196 PRO A CG  1 
ATOM   410 C CD  . PRO A 1 51 ? 12.051  -5.280  -0.446  1.00 23.26 ? 196 PRO A CD  1 
ATOM   411 N N   . ASP A 1 52 ? 9.843   -8.278  -1.792  1.00 25.22 ? 197 ASP A N   1 
ATOM   412 C CA  . ASP A 1 52 ? 9.034   -9.461  -2.042  1.00 26.22 ? 197 ASP A CA  1 
ATOM   413 C C   . ASP A 1 52 ? 7.575   -9.152  -2.405  1.00 25.66 ? 197 ASP A C   1 
ATOM   414 O O   . ASP A 1 52 ? 7.002   -9.815  -3.263  1.00 26.51 ? 197 ASP A O   1 
ATOM   415 C CB  . ASP A 1 52 ? 9.146   -10.439 -0.871  1.00 27.73 ? 197 ASP A CB  1 
ATOM   416 C CG  . ASP A 1 52 ? 10.592  -10.933 -0.644  1.00 30.95 ? 197 ASP A CG  1 
ATOM   417 O OD1 . ASP A 1 52 ? 11.429  -10.862 -1.573  1.00 32.02 ? 197 ASP A OD1 1 
ATOM   418 O OD2 . ASP A 1 52 ? 10.898  -11.390 0.480   1.00 35.66 ? 197 ASP A OD2 1 
ATOM   419 N N   . CYS A 1 53 ? 6.984   -8.147  -1.748  1.00 23.84 ? 198 CYS A N   1 
ATOM   420 C CA  . CYS A 1 53 ? 5.635   -7.720  -2.106  1.00 22.99 ? 198 CYS A CA  1 
ATOM   421 C C   . CYS A 1 53 ? 5.631   -6.990  -3.427  1.00 22.89 ? 198 CYS A C   1 
ATOM   422 O O   . CYS A 1 53 ? 4.702   -7.157  -4.229  1.00 24.13 ? 198 CYS A O   1 
ATOM   423 C CB  . CYS A 1 53 ? 5.042   -6.841  -1.002  1.00 22.81 ? 198 CYS A CB  1 
ATOM   424 S SG  . CYS A 1 53 ? 4.618   -7.831  0.432   1.00 20.66 ? 198 CYS A SG  1 
ATOM   425 N N   . LYS A 1 54 ? 6.673   -6.195  -3.655  1.00 22.81 ? 199 LYS A N   1 
ATOM   426 C CA  . LYS A 1 54 ? 6.761   -5.365  -4.851  1.00 23.87 ? 199 LYS A CA  1 
ATOM   427 C C   . LYS A 1 54 ? 6.721   -6.277  -6.079  1.00 24.60 ? 199 LYS A C   1 
ATOM   428 O O   . LYS A 1 54 ? 5.987   -6.033  -7.036  1.00 24.63 ? 199 LYS A O   1 
ATOM   429 C CB  . LYS A 1 54 ? 8.020   -4.490  -4.798  1.00 24.34 ? 199 LYS A CB  1 
ATOM   430 C CG  . LYS A 1 54 ? 8.124   -3.397  -5.841  1.00 23.97 ? 199 LYS A CG  1 
ATOM   431 C CD  . LYS A 1 54 ? 9.101   -2.350  -5.349  1.00 23.55 ? 199 LYS A CD  1 
ATOM   432 C CE  . LYS A 1 54 ? 9.439   -1.318  -6.414  1.00 25.21 ? 199 LYS A CE  1 
ATOM   433 N NZ  . LYS A 1 54 ? 10.353  -0.308  -5.841  1.00 25.79 ? 199 LYS A NZ  1 
ATOM   434 N N   . THR A 1 55 ? 7.485   -7.364  -6.035  1.00 25.51 ? 200 THR A N   1 
ATOM   435 C CA  . THR A 1 55 ? 7.435   -8.352  -7.113  1.00 26.34 ? 200 THR A CA  1 
ATOM   436 C C   . THR A 1 55 ? 6.013   -8.846  -7.424  1.00 25.87 ? 200 THR A C   1 
ATOM   437 O O   . THR A 1 55 ? 5.559   -8.831  -8.584  1.00 26.38 ? 200 THR A O   1 
ATOM   438 C CB  . THR A 1 55 ? 8.359   -9.534  -6.786  1.00 26.88 ? 200 THR A CB  1 
ATOM   439 O OG1 . THR A 1 55 ? 9.701   -9.049  -6.739  1.00 28.59 ? 200 THR A OG1 1 
ATOM   440 C CG2 . THR A 1 55 ? 8.238   -10.636 -7.847  1.00 29.34 ? 200 THR A CG2 1 
ATOM   441 N N   . ILE A 1 56 ? 5.313   -9.278  -6.390  1.00 24.79 ? 201 ILE A N   1 
ATOM   442 C CA  . ILE A 1 56 ? 3.947   -9.760  -6.526  1.00 24.14 ? 201 ILE A CA  1 
ATOM   443 C C   . ILE A 1 56 ? 3.013   -8.674  -7.100  1.00 23.93 ? 201 ILE A C   1 
ATOM   444 O O   . ILE A 1 56 ? 2.185   -8.956  -7.970  1.00 22.90 ? 201 ILE A O   1 
ATOM   445 C CB  . ILE A 1 56 ? 3.432   -10.274 -5.168  1.00 24.11 ? 201 ILE A CB  1 
ATOM   446 C CG1 . ILE A 1 56 ? 4.168   -11.568 -4.783  1.00 24.25 ? 201 ILE A CG1 1 
ATOM   447 C CG2 . ILE A 1 56 ? 1.935   -10.480 -5.179  1.00 24.83 ? 201 ILE A CG2 1 
ATOM   448 C CD1 . ILE A 1 56 ? 3.946   -11.972 -3.323  1.00 24.55 ? 201 ILE A CD1 1 
ATOM   449 N N   . LEU A 1 57 ? 3.156   -7.450  -6.615  1.00 23.18 ? 202 LEU A N   1 
ATOM   450 C CA  . LEU A 1 57 ? 2.235   -6.386  -6.994  1.00 23.24 ? 202 LEU A CA  1 
ATOM   451 C C   . LEU A 1 57 ? 2.394   -6.006  -8.455  1.00 23.90 ? 202 LEU A C   1 
ATOM   452 O O   . LEU A 1 57 ? 1.390   -5.815  -9.159  1.00 23.83 ? 202 LEU A O   1 
ATOM   453 C CB  . LEU A 1 57 ? 2.413   -5.159  -6.088  1.00 22.48 ? 202 LEU A CB  1 
ATOM   454 C CG  . LEU A 1 57 ? 2.089   -5.428  -4.612  1.00 22.47 ? 202 LEU A CG  1 
ATOM   455 C CD1 . LEU A 1 57 ? 2.672   -4.324  -3.728  1.00 23.50 ? 202 LEU A CD1 1 
ATOM   456 C CD2 . LEU A 1 57 ? 0.605   -5.545  -4.425  1.00 19.96 ? 202 LEU A CD2 1 
ATOM   457 N N   . LYS A 1 58 ? 3.648   -5.913  -8.903  1.00 24.86 ? 203 LYS A N   1 
ATOM   458 C CA  . LYS A 1 58 ? 3.926   -5.631  -10.317 1.00 26.60 ? 203 LYS A CA  1 
ATOM   459 C C   . LYS A 1 58 ? 3.338   -6.713  -11.213 1.00 26.78 ? 203 LYS A C   1 
ATOM   460 O O   . LYS A 1 58 ? 2.801   -6.416  -12.287 1.00 27.38 ? 203 LYS A O   1 
ATOM   461 C CB  . LYS A 1 58 ? 5.420   -5.515  -10.582 1.00 26.97 ? 203 LYS A CB  1 
ATOM   462 C CG  . LYS A 1 58 ? 6.086   -4.367  -9.883  1.00 29.57 ? 203 LYS A CG  1 
ATOM   463 C CD  . LYS A 1 58 ? 5.696   -3.031  -10.454 1.00 33.21 ? 203 LYS A CD  1 
ATOM   464 C CE  . LYS A 1 58 ? 6.820   -2.023  -10.241 1.00 36.91 ? 203 LYS A CE  1 
ATOM   465 N NZ  . LYS A 1 58 ? 6.574   -0.739  -10.959 1.00 38.06 ? 203 LYS A NZ  1 
ATOM   466 N N   . ALA A 1 59 ? 3.435   -7.962  -10.755 1.00 26.97 ? 204 ALA A N   1 
ATOM   467 C CA  . ALA A 1 59 ? 2.951   -9.099  -11.525 1.00 26.69 ? 204 ALA A CA  1 
ATOM   468 C C   . ALA A 1 59 ? 1.450   -9.010  -11.712 1.00 27.05 ? 204 ALA A C   1 
ATOM   469 O O   . ALA A 1 59 ? 0.962   -9.242  -12.819 1.00 27.91 ? 204 ALA A O   1 
ATOM   470 C CB  . ALA A 1 59 ? 3.331   -10.392 -10.856 1.00 26.68 ? 204 ALA A CB  1 
ATOM   471 N N   . LEU A 1 60 ? 0.731   -8.620  -10.657 1.00 26.43 ? 205 LEU A N   1 
ATOM   472 C CA  . LEU A 1 60 ? -0.738  -8.521  -10.704 1.00 26.26 ? 205 LEU A CA  1 
ATOM   473 C C   . LEU A 1 60 ? -1.230  -7.513  -11.741 1.00 26.25 ? 205 LEU A C   1 
ATOM   474 O O   . LEU A 1 60 ? -2.315  -7.661  -12.288 1.00 25.96 ? 205 LEU A O   1 
ATOM   475 C CB  . LEU A 1 60 ? -1.316  -8.109  -9.349  1.00 26.55 ? 205 LEU A CB  1 
ATOM   476 C CG  . LEU A 1 60 ? -1.409  -9.079  -8.188  1.00 27.37 ? 205 LEU A CG  1 
ATOM   477 C CD1 . LEU A 1 60 ? -2.094  -8.370  -7.026  1.00 27.27 ? 205 LEU A CD1 1 
ATOM   478 C CD2 . LEU A 1 60 ? -2.160  -10.361 -8.574  1.00 26.79 ? 205 LEU A CD2 1 
ATOM   479 N N   . GLY A 1 61 ? -0.446  -6.468  -11.967 1.00 26.08 ? 206 GLY A N   1 
ATOM   480 C CA  . GLY A 1 61 ? -0.796  -5.496  -12.984 1.00 26.35 ? 206 GLY A CA  1 
ATOM   481 C C   . GLY A 1 61 ? -1.594  -4.314  -12.476 1.00 25.87 ? 206 GLY A C   1 
ATOM   482 O O   . GLY A 1 61 ? -2.083  -4.299  -11.327 1.00 25.51 ? 206 GLY A O   1 
ATOM   483 N N   . PRO A 1 62 ? -1.752  -3.317  -13.352 1.00 25.49 ? 207 PRO A N   1 
ATOM   484 C CA  . PRO A 1 62 ? -2.314  -2.034  -12.969 1.00 24.85 ? 207 PRO A CA  1 
ATOM   485 C C   . PRO A 1 62 ? -3.816  -2.078  -12.722 1.00 24.46 ? 207 PRO A C   1 
ATOM   486 O O   . PRO A 1 62 ? -4.341  -1.180  -12.051 1.00 24.45 ? 207 PRO A O   1 
ATOM   487 C CB  . PRO A 1 62 ? -1.972  -1.142  -14.168 1.00 25.25 ? 207 PRO A CB  1 
ATOM   488 C CG  . PRO A 1 62 ? -1.956  -2.061  -15.334 1.00 25.62 ? 207 PRO A CG  1 
ATOM   489 C CD  . PRO A 1 62 ? -1.371  -3.356  -14.777 1.00 25.50 ? 207 PRO A CD  1 
ATOM   490 N N   . GLY A 1 63 ? -4.479  -3.122  -13.222 1.00 22.50 ? 208 GLY A N   1 
ATOM   491 C CA  . GLY A 1 63 ? -5.919  -3.274  -13.038 1.00 22.01 ? 208 GLY A CA  1 
ATOM   492 C C   . GLY A 1 63 ? -6.320  -3.989  -11.768 1.00 21.21 ? 208 GLY A C   1 
ATOM   493 O O   . GLY A 1 63 ? -7.516  -4.155  -11.510 1.00 21.30 ? 208 GLY A O   1 
ATOM   494 N N   . ALA A 1 64 ? -5.331  -4.408  -10.973 1.00 21.12 ? 209 ALA A N   1 
ATOM   495 C CA  . ALA A 1 64 ? -5.606  -5.060  -9.683  1.00 21.56 ? 209 ALA A CA  1 
ATOM   496 C C   . ALA A 1 64 ? -6.342  -4.177  -8.672  1.00 21.54 ? 209 ALA A C   1 
ATOM   497 O O   . ALA A 1 64 ? -6.114  -2.974  -8.598  1.00 21.35 ? 209 ALA A O   1 
ATOM   498 C CB  . ALA A 1 64 ? -4.305  -5.575  -9.068  1.00 22.08 ? 209 ALA A CB  1 
ATOM   499 N N   . THR A 1 65 ? -7.226  -4.789  -7.892  1.00 20.65 ? 210 THR A N   1 
ATOM   500 C CA  . THR A 1 65 ? -7.905  -4.087  -6.804  1.00 20.79 ? 210 THR A CA  1 
ATOM   501 C C   . THR A 1 65 ? -7.080  -4.195  -5.524  1.00 20.51 ? 210 THR A C   1 
ATOM   502 O O   . THR A 1 65 ? -6.223  -5.071  -5.421  1.00 20.40 ? 210 THR A O   1 
ATOM   503 C CB  . THR A 1 65 ? -9.290  -4.670  -6.547  1.00 21.32 ? 210 THR A CB  1 
ATOM   504 O OG1 . THR A 1 65 ? -9.151  -6.030  -6.119  1.00 22.03 ? 210 THR A OG1 1 
ATOM   505 C CG2 . THR A 1 65 ? -10.124 -4.625  -7.833  1.00 22.27 ? 210 THR A CG2 1 
ATOM   506 N N   . LEU A 1 66 ? -7.371  -3.342  -4.547  1.00 20.61 ? 211 LEU A N   1 
ATOM   507 C CA  . LEU A 1 66 ? -6.722  -3.446  -3.246  1.00 21.90 ? 211 LEU A CA  1 
ATOM   508 C C   . LEU A 1 66 ? -6.958  -4.831  -2.628  1.00 21.74 ? 211 LEU A C   1 
ATOM   509 O O   . LEU A 1 66 ? -6.012  -5.464  -2.121  1.00 21.19 ? 211 LEU A O   1 
ATOM   510 C CB  . LEU A 1 66 ? -7.214  -2.342  -2.313  1.00 22.17 ? 211 LEU A CB  1 
ATOM   511 C CG  . LEU A 1 66 ? -6.420  -2.213  -1.012  1.00 23.92 ? 211 LEU A CG  1 
ATOM   512 C CD1 . LEU A 1 66 ? -4.941  -1.940  -1.314  1.00 25.74 ? 211 LEU A CD1 1 
ATOM   513 C CD2 . LEU A 1 66 ? -6.999  -1.108  -0.120  1.00 23.60 ? 211 LEU A CD2 1 
ATOM   514 N N   . GLU A 1 67 ? -8.206  -5.307  -2.679  1.00 22.60 ? 212 GLU A N   1 
ATOM   515 C CA  . GLU A 1 67 ? -8.552  -6.662  -2.186  1.00 25.10 ? 212 GLU A CA  1 
ATOM   516 C C   . GLU A 1 67 ? -7.651  -7.732  -2.823  1.00 22.87 ? 212 GLU A C   1 
ATOM   517 O O   . GLU A 1 67 ? -7.099  -8.608  -2.140  1.00 21.82 ? 212 GLU A O   1 
ATOM   518 C CB  . GLU A 1 67 ? -10.033 -6.976  -2.441  1.00 24.34 ? 212 GLU A CB  1 
ATOM   519 C CG  . GLU A 1 67 ? -10.509 -8.308  -1.886  1.00 29.62 ? 212 GLU A CG  1 
ATOM   520 C CD  . GLU A 1 67 ? -12.039 -8.442  -1.896  1.00 27.33 ? 212 GLU A CD  1 
ATOM   521 O OE1 . GLU A 1 67 ? -12.747 -7.432  -2.162  1.00 37.66 ? 212 GLU A OE1 1 
ATOM   522 O OE2 . GLU A 1 67 ? -12.551 -9.563  -1.635  1.00 36.80 ? 212 GLU A OE2 1 
ATOM   523 N N   . GLU A 1 68 ? -7.460  -7.636  -4.132  1.00 22.21 ? 213 GLU A N   1 
ATOM   524 C CA  . GLU A 1 68 ? -6.609  -8.592  -4.835  1.00 22.26 ? 213 GLU A CA  1 
ATOM   525 C C   . GLU A 1 68 ? -5.149  -8.504  -4.409  1.00 22.10 ? 213 GLU A C   1 
ATOM   526 O O   . GLU A 1 68 ? -4.477  -9.534  -4.264  1.00 21.96 ? 213 GLU A O   1 
ATOM   527 C CB  . GLU A 1 68 ? -6.762  -8.422  -6.343  1.00 22.35 ? 213 GLU A CB  1 
ATOM   528 C CG  . GLU A 1 68 ? -8.114  -8.965  -6.853  1.00 22.50 ? 213 GLU A CG  1 
ATOM   529 C CD  . GLU A 1 68 ? -8.523  -8.398  -8.205  1.00 23.56 ? 213 GLU A CD  1 
ATOM   530 O OE1 . GLU A 1 68 ? -7.874  -7.465  -8.705  1.00 25.48 ? 213 GLU A OE1 1 
ATOM   531 O OE2 . GLU A 1 68 ? -9.519  -8.883  -8.774  1.00 23.12 ? 213 GLU A OE2 1 
ATOM   532 N N   . MET A 1 69 ? -4.670  -7.279  -4.193  1.00 20.72 ? 214 MET A N   1 
ATOM   533 C CA  . MET A 1 69 ? -3.296  -7.065  -3.720  1.00 22.25 ? 214 MET A CA  1 
ATOM   534 C C   . MET A 1 69 ? -3.085  -7.657  -2.348  1.00 21.95 ? 214 MET A C   1 
ATOM   535 O O   . MET A 1 69 ? -2.058  -8.303  -2.092  1.00 22.83 ? 214 MET A O   1 
ATOM   536 C CB  . MET A 1 69 ? -2.982  -5.575  -3.664  1.00 21.50 ? 214 MET A CB  1 
ATOM   537 C CG  . MET A 1 69 ? -2.943  -4.897  -5.008  1.00 21.82 ? 214 MET A CG  1 
ATOM   538 S SD  . MET A 1 69 ? -2.588  -3.136  -4.800  1.00 25.49 ? 214 MET A SD  1 
ATOM   539 C CE  . MET A 1 69 ? -2.304  -2.722  -6.506  1.00 25.69 ? 214 MET A CE  1 
ATOM   540 N N   . MET A 1 70 ? -4.059  -7.425  -1.477  1.00 22.76 ? 215 MET A N   1 
ATOM   541 C CA  . MET A 1 70 ? -4.035  -7.946  -0.115  1.00 23.80 ? 215 MET A CA  1 
ATOM   542 C C   . MET A 1 70 ? -3.936  -9.466  -0.174  1.00 24.53 ? 215 MET A C   1 
ATOM   543 O O   . MET A 1 70 ? -3.049  -10.075 0.449   1.00 24.91 ? 215 MET A O   1 
ATOM   544 C CB  . MET A 1 70 ? -5.291  -7.537  0.639   1.00 25.09 ? 215 MET A CB  1 
ATOM   545 C CG  . MET A 1 70 ? -5.424  -6.050  0.970   1.00 25.58 ? 215 MET A CG  1 
ATOM   546 S SD  . MET A 1 70 ? -4.208  -5.509  2.177   1.00 29.31 ? 215 MET A SD  1 
ATOM   547 C CE  . MET A 1 70 ? -4.802  -3.841  2.422   1.00 28.57 ? 215 MET A CE  1 
ATOM   548 N N   . THR A 1 71 ? -4.813  -10.075 -0.959  1.00 24.18 ? 216 THR A N   1 
ATOM   549 C CA  . THR A 1 71 ? -4.806  -11.534 -1.088  1.00 25.22 ? 216 THR A CA  1 
ATOM   550 C C   . THR A 1 71 ? -3.460  -12.081 -1.579  1.00 25.07 ? 216 THR A C   1 
ATOM   551 O O   . THR A 1 71 ? -2.934  -13.030 -0.991  1.00 26.76 ? 216 THR A O   1 
ATOM   552 C CB  . THR A 1 71 ? -5.966  -12.014 -1.975  1.00 25.14 ? 216 THR A CB  1 
ATOM   553 O OG1 . THR A 1 71 ? -7.195  -11.668 -1.327  1.00 26.71 ? 216 THR A OG1 1 
ATOM   554 C CG2 . THR A 1 71 ? -5.916  -13.542 -2.192  1.00 27.56 ? 216 THR A CG2 1 
ATOM   555 N N   . ALA A 1 72 ? -2.894  -11.465 -2.614  1.00 24.66 ? 217 ALA A N   1 
ATOM   556 C CA  . ALA A 1 72 ? -1.642  -11.924 -3.217  1.00 24.70 ? 217 ALA A CA  1 
ATOM   557 C C   . ALA A 1 72 ? -0.420  -11.793 -2.312  1.00 25.03 ? 217 ALA A C   1 
ATOM   558 O O   . ALA A 1 72 ? 0.541   -12.557 -2.438  1.00 25.04 ? 217 ALA A O   1 
ATOM   559 C CB  . ALA A 1 72 ? -1.394  -11.202 -4.527  1.00 25.62 ? 217 ALA A CB  1 
ATOM   560 N N   . CYS A 1 73 ? -0.458  -10.809 -1.417  1.00 24.38 ? 218 CYS A N   1 
ATOM   561 C CA  . CYS A 1 73 ? 0.680   -10.570 -0.540  1.00 24.59 ? 218 CYS A CA  1 
ATOM   562 C C   . CYS A 1 73 ? 0.524   -11.220 0.817   1.00 25.43 ? 218 CYS A C   1 
ATOM   563 O O   . CYS A 1 73 ? 1.407   -11.083 1.649   1.00 24.26 ? 218 CYS A O   1 
ATOM   564 C CB  . CYS A 1 73 ? 0.897   -9.076  -0.338  1.00 24.02 ? 218 CYS A CB  1 
ATOM   565 S SG  . CYS A 1 73 ? 1.518   -8.294  -1.808  1.00 23.11 ? 218 CYS A SG  1 
ATOM   566 N N   . GLN A 1 74 ? -0.606  -11.883 1.058   1.00 27.02 ? 219 GLN A N   1 
ATOM   567 C CA  . GLN A 1 74 ? -0.828  -12.559 2.337   1.00 29.93 ? 219 GLN A CA  1 
ATOM   568 C C   . GLN A 1 74 ? 0.326   -13.547 2.608   1.00 29.27 ? 219 GLN A C   1 
ATOM   569 O O   . GLN A 1 74 ? 0.680   -14.374 1.756   1.00 29.87 ? 219 GLN A O   1 
ATOM   570 C CB  . GLN A 1 74 ? -2.197  -13.260 2.336   1.00 29.11 ? 219 GLN A CB  1 
ATOM   571 C CG  . GLN A 1 74 ? -2.793  -13.567 3.716   1.00 32.03 ? 219 GLN A CG  1 
ATOM   572 C CD  . GLN A 1 74 ? -3.968  -14.535 3.624   1.00 30.17 ? 219 GLN A CD  1 
ATOM   573 O OE1 . GLN A 1 74 ? -4.624  -14.642 2.574   1.00 38.31 ? 219 GLN A OE1 1 
ATOM   574 N NE2 . GLN A 1 74 ? -4.241  -15.248 4.717   1.00 36.66 ? 219 GLN A NE2 1 
ATOM   575 N N   . GLY A 1 75 ? 0.955   -13.403 3.771   1.00 29.20 ? 220 GLY A N   1 
ATOM   576 C CA  . GLY A 1 75 ? 2.004   -14.339 4.199   1.00 28.01 ? 220 GLY A CA  1 
ATOM   577 C C   . GLY A 1 75 ? 3.419   -14.020 3.749   1.00 27.48 ? 220 GLY A C   1 
ATOM   578 O O   . GLY A 1 75 ? 4.381   -14.654 4.197   1.00 27.01 ? 220 GLY A O   1 
ATOM   579 N N   . VAL A 1 76 ? 3.570   -13.046 2.855   1.00 25.95 ? 221 VAL A N   1 
ATOM   580 C CA  . VAL A 1 76 ? 4.896   -12.565 2.492   1.00 26.19 ? 221 VAL A CA  1 
ATOM   581 C C   . VAL A 1 76 ? 5.536   -11.801 3.673   1.00 26.52 ? 221 VAL A C   1 
ATOM   582 O O   . VAL A 1 76 ? 4.994   -10.800 4.157   1.00 25.63 ? 221 VAL A O   1 
ATOM   583 C CB  . VAL A 1 76 ? 4.839   -11.668 1.241   1.00 26.17 ? 221 VAL A CB  1 
ATOM   584 C CG1 . VAL A 1 76 ? 6.215   -11.192 0.869   1.00 26.50 ? 221 VAL A CG1 1 
ATOM   585 C CG2 . VAL A 1 76 ? 4.156   -12.416 0.100   1.00 25.56 ? 221 VAL A CG2 1 
ATOM   586 N N   . GLY A 1 77 ? 6.639   -12.337 4.140   1.00 26.61 ? 222 GLY A N   1 
ATOM   587 C CA  . GLY A 1 77 ? 7.341   -11.846 5.270   1.00 27.82 ? 222 GLY A CA  1 
ATOM   588 C C   . GLY A 1 77 ? 6.995   -12.664 6.503   1.00 28.75 ? 222 GLY A C   1 
ATOM   589 O O   . GLY A 1 77 ? 7.649   -12.573 7.477   1.00 29.33 ? 222 GLY A O   1 
ATOM   590 N N   . GLY A 1 78 ? 5.944   -13.433 6.403   1.00 29.66 ? 223 GLY A N   1 
ATOM   591 C CA  . GLY A 1 78 ? 5.238   -14.040 7.505   1.00 30.97 ? 223 GLY A CA  1 
ATOM   592 C C   . GLY A 1 78 ? 5.685   -15.432 7.624   1.00 31.19 ? 223 GLY A C   1 
ATOM   593 O O   . GLY A 1 78 ? 6.798   -15.686 7.315   1.00 31.86 ? 223 GLY A O   1 
ATOM   594 N N   . PRO A 1 79 ? 4.857   -16.334 8.070   1.00 31.56 ? 224 PRO A N   1 
ATOM   595 C CA  . PRO A 1 79 ? 3.427   -16.171 8.402   1.00 32.00 ? 224 PRO A CA  1 
ATOM   596 C C   . PRO A 1 79 ? 3.136   -15.398 9.707   1.00 32.11 ? 224 PRO A C   1 
ATOM   597 O O   . PRO A 1 79 ? 1.976   -15.045 9.961   1.00 32.32 ? 224 PRO A O   1 
ATOM   598 C CB  . PRO A 1 79 ? 2.920   -17.619 8.550   1.00 32.12 ? 224 PRO A CB  1 
ATOM   599 C CG  . PRO A 1 79 ? 4.059   -18.514 8.160   1.00 31.89 ? 224 PRO A CG  1 
ATOM   600 C CD  . PRO A 1 79 ? 5.312   -17.717 8.293   1.00 31.58 ? 224 PRO A CD  1 
ATOM   601 N N   . GLY A 1 80 ? 4.163   -15.163 10.523  1.00 31.93 ? 225 GLY A N   1 
ATOM   602 C CA  . GLY A 1 80 ? 4.026   -14.306 11.713  1.00 32.57 ? 225 GLY A CA  1 
ATOM   603 C C   . GLY A 1 80 ? 3.262   -14.920 12.879  1.00 32.78 ? 225 GLY A C   1 
ATOM   604 O O   . GLY A 1 80 ? 2.738   -14.201 13.736  1.00 32.20 ? 225 GLY A O   1 
ATOM   605 N N   . HIS A 1 81 ? 3.187   -16.248 12.915  1.00 33.35 ? 226 HIS A N   1 
ATOM   606 C CA  . HIS A 1 81 ? 2.563   -16.958 14.045  1.00 34.53 ? 226 HIS A CA  1 
ATOM   607 C C   . HIS A 1 81 ? 3.614   -17.178 15.140  1.00 34.32 ? 226 HIS A C   1 
ATOM   608 O O   . HIS A 1 81 ? 4.798   -17.300 14.840  1.00 33.72 ? 226 HIS A O   1 
ATOM   609 C CB  . HIS A 1 81 ? 1.956   -18.297 13.577  1.00 35.73 ? 226 HIS A CB  1 
ATOM   610 C CG  . HIS A 1 81 ? 1.547   -19.200 14.700  1.00 38.99 ? 226 HIS A CG  1 
ATOM   611 N ND1 . HIS A 1 81 ? 0.636   -18.825 15.668  1.00 41.48 ? 226 HIS A ND1 1 
ATOM   612 C CD2 . HIS A 1 81 ? 1.926   -20.463 15.011  1.00 40.95 ? 226 HIS A CD2 1 
ATOM   613 C CE1 . HIS A 1 81 ? 0.490   -19.812 16.536  1.00 42.80 ? 226 HIS A CE1 1 
ATOM   614 N NE2 . HIS A 1 81 ? 1.253   -20.821 16.155  1.00 43.15 ? 226 HIS A NE2 1 
ATOM   615 N N   . LYS A 1 82 ? 3.197   -17.207 16.405  1.00 34.09 ? 227 LYS A N   1 
ATOM   616 C CA  . LYS A 1 82 ? 4.138   -17.489 17.487  1.00 35.20 ? 227 LYS A CA  1 
ATOM   617 C C   . LYS A 1 82 ? 4.716   -18.886 17.316  1.00 36.25 ? 227 LYS A C   1 
ATOM   618 O O   . LYS A 1 82 ? 3.980   -19.851 17.095  1.00 35.59 ? 227 LYS A O   1 
ATOM   619 C CB  . LYS A 1 82 ? 3.488   -17.365 18.871  1.00 34.69 ? 227 LYS A CB  1 
ATOM   620 C CG  . LYS A 1 82 ? 4.496   -17.515 20.019  1.00 35.03 ? 227 LYS A CG  1 
ATOM   621 C CD  . LYS A 1 82 ? 3.854   -17.324 21.374  1.00 34.51 ? 227 LYS A CD  1 
ATOM   622 C CE  . LYS A 1 82 ? 4.842   -17.708 22.475  1.00 35.47 ? 227 LYS A CE  1 
ATOM   623 N NZ  . LYS A 1 82 ? 4.494   -17.063 23.776  1.00 36.34 ? 227 LYS A NZ  1 
ATOM   624 N N   . ALA A 1 83 ? 6.038   -18.964 17.401  1.00 38.60 ? 228 ALA A N   1 
ATOM   625 C CA  . ALA A 1 83 ? 6.777   -20.221 17.354  1.00 41.13 ? 228 ALA A CA  1 
ATOM   626 C C   . ALA A 1 83 ? 6.344   -21.173 18.485  1.00 42.79 ? 228 ALA A C   1 
ATOM   627 O O   . ALA A 1 83 ? 6.563   -20.885 19.668  1.00 43.21 ? 228 ALA A O   1 
ATOM   628 C CB  . ALA A 1 83 ? 8.271   -19.942 17.405  1.00 41.06 ? 228 ALA A CB  1 
ATOM   629 N N   . ILE B 2 1  ? -3.944  1.232   -8.011  1.00 23.28 ? 1   ILE T N   1 
ATOM   630 C CA  . ILE B 2 1  ? -5.147  1.704   -7.255  1.00 23.56 ? 1   ILE T CA  1 
ATOM   631 C C   . ILE B 2 1  ? -5.008  3.186   -6.961  1.00 23.12 ? 1   ILE T C   1 
ATOM   632 O O   . ILE B 2 1  ? -3.912  3.751   -7.077  1.00 22.77 ? 1   ILE T O   1 
ATOM   633 C CB  . ILE B 2 1  ? -5.423  0.928   -5.931  1.00 24.43 ? 1   ILE T CB  1 
ATOM   634 C CG1 . ILE B 2 1  ? -4.325  1.161   -4.898  1.00 25.65 ? 1   ILE T CG1 1 
ATOM   635 C CG2 . ILE B 2 1  ? -5.645  -0.562  -6.206  1.00 25.81 ? 1   ILE T CG2 1 
ATOM   636 C CD1 . ILE B 2 1  ? -4.805  1.076   -3.439  1.00 29.59 ? 1   ILE T CD1 1 
ATOM   637 N N   . THR B 2 2  ? -6.128  3.791   -6.576  1.00 22.34 ? 2   THR T N   1 
ATOM   638 C CA  . THR B 2 2  ? -6.188  5.225   -6.329  1.00 22.52 ? 2   THR T CA  1 
ATOM   639 C C   . THR B 2 2  ? -6.490  5.492   -4.848  1.00 21.67 ? 2   THR T C   1 
ATOM   640 O O   . THR B 2 2  ? -6.808  4.573   -4.082  1.00 20.73 ? 2   THR T O   1 
ATOM   641 C CB  . THR B 2 2  ? -7.313  5.865   -7.151  1.00 23.50 ? 2   THR T CB  1 
ATOM   642 O OG1 . THR B 2 2  ? -8.562  5.211   -6.848  1.00 24.11 ? 2   THR T OG1 1 
ATOM   643 C CG2 . THR B 2 2  ? -7.035  5.751   -8.652  1.00 24.66 ? 2   THR T CG2 1 
ATOM   644 N N   . PHE B 2 3  ? -6.388  6.757   -4.447  1.00 20.43 ? 3   PHE T N   1 
ATOM   645 C CA  . PHE B 2 3  ? -6.686  7.139   -3.070  1.00 20.28 ? 3   PHE T CA  1 
ATOM   646 C C   . PHE B 2 3  ? -8.167  6.852   -2.787  1.00 20.37 ? 3   PHE T C   1 
ATOM   647 O O   . PHE B 2 3  ? -8.530  6.444   -1.696  1.00 19.94 ? 3   PHE T O   1 
ATOM   648 C CB  . PHE B 2 3  ? -6.369  8.618   -2.852  1.00 20.95 ? 3   PHE T CB  1 
ATOM   649 C CG  . PHE B 2 3  ? -6.627  9.094   -1.462  1.00 21.13 ? 3   PHE T CG  1 
ATOM   650 C CD1 . PHE B 2 3  ? -6.066  8.441   -0.372  1.00 21.88 ? 3   PHE T CD1 1 
ATOM   651 C CD2 . PHE B 2 3  ? -7.435  10.199  -1.235  1.00 23.07 ? 3   PHE T CD2 1 
ATOM   652 C CE1 . PHE B 2 3  ? -6.312  8.883   0.929   1.00 23.02 ? 3   PHE T CE1 1 
ATOM   653 C CE2 . PHE B 2 3  ? -7.667  10.645  0.071   1.00 24.18 ? 3   PHE T CE2 1 
ATOM   654 C CZ  . PHE B 2 3  ? -7.116  9.987   1.140   1.00 22.76 ? 3   PHE T CZ  1 
ATOM   655 N N   . GLU B 2 4  ? -9.004  7.071   -3.792  1.00 20.55 ? 4   GLU T N   1 
ATOM   656 C CA  . GLU B 2 4  ? -10.429 6.758   -3.690  1.00 20.78 ? 4   GLU T CA  1 
ATOM   657 C C   . GLU B 2 4  ? -10.701 5.301   -3.315  1.00 20.34 ? 4   GLU T C   1 
ATOM   658 O O   . GLU B 2 4  ? -11.632 5.024   -2.579  1.00 20.86 ? 4   GLU T O   1 
ATOM   659 C CB  . GLU B 2 4  ? -11.124 7.120   -5.003  1.00 21.90 ? 4   GLU T CB  1 
ATOM   660 C CG  . GLU B 2 4  ? -11.105 8.624   -5.234  1.00 24.20 ? 4   GLU T CG  1 
ATOM   661 C CD  . GLU B 2 4  ? -11.700 9.017   -6.583  1.00 27.40 ? 4   GLU T CD  1 
ATOM   662 O OE1 . GLU B 2 4  ? -12.902 8.734   -6.809  1.00 31.23 ? 4   GLU T OE1 1 
ATOM   663 O OE2 . GLU B 2 4  ? -10.967 9.602   -7.410  1.00 27.28 ? 4   GLU T OE2 1 
ATOM   664 N N   . ASP B 2 5  ? -9.892  4.379   -3.831  1.00 19.41 ? 5   ASP T N   1 
ATOM   665 C CA  . ASP B 2 5  ? -9.982  2.946   -3.475  1.00 19.27 ? 5   ASP T CA  1 
ATOM   666 C C   . ASP B 2 5  ? -9.643  2.769   -1.996  1.00 19.06 ? 5   ASP T C   1 
ATOM   667 O O   . ASP B 2 5  ? -10.271 1.967   -1.301  1.00 19.87 ? 5   ASP T O   1 
ATOM   668 C CB  . ASP B 2 5  ? -9.031  2.098   -4.315  1.00 19.84 ? 5   ASP T CB  1 
ATOM   669 C CG  . ASP B 2 5  ? -9.365  2.135   -5.802  1.00 20.69 ? 5   ASP T CG  1 
ATOM   670 O OD1 . ASP B 2 5  ? -10.548 2.244   -6.141  1.00 20.75 ? 5   ASP T OD1 1 
ATOM   671 O OD2 . ASP B 2 5  ? -8.431  2.041   -6.612  1.00 20.25 ? 5   ASP T OD2 1 
ATOM   672 N N   . LEU B 2 6  ? -8.650  3.515   -1.515  1.00 18.15 ? 6   LEU T N   1 
ATOM   673 C CA  . LEU B 2 6  ? -8.290  3.440   -0.090  1.00 18.36 ? 6   LEU T CA  1 
ATOM   674 C C   . LEU B 2 6  ? -9.440  3.959   0.751   1.00 19.04 ? 6   LEU T C   1 
ATOM   675 O O   . LEU B 2 6  ? -9.829  3.316   1.739   1.00 20.14 ? 6   LEU T O   1 
ATOM   676 C CB  . LEU B 2 6  ? -7.006  4.213   0.212   1.00 17.76 ? 6   LEU T CB  1 
ATOM   677 C CG  . LEU B 2 6  ? -5.735  3.635   -0.441  1.00 18.28 ? 6   LEU T CG  1 
ATOM   678 C CD1 . LEU B 2 6  ? -4.557  4.553   -0.209  1.00 18.88 ? 6   LEU T CD1 1 
ATOM   679 C CD2 . LEU B 2 6  ? -5.412  2.246   0.120   1.00 20.79 ? 6   LEU T CD2 1 
ATOM   680 N N   . LEU B 2 7  ? -10.006 5.092   0.348   1.00 19.86 ? 7   LEU T N   1 
ATOM   681 C CA  . LEU B 2 7  ? -11.153 5.663   1.089   1.00 21.48 ? 7   LEU T CA  1 
ATOM   682 C C   . LEU B 2 7  ? -12.328 4.694   1.168   1.00 22.71 ? 7   LEU T C   1 
ATOM   683 O O   . LEU B 2 7  ? -12.991 4.578   2.231   1.00 22.60 ? 7   LEU T O   1 
ATOM   684 C CB  . LEU B 2 7  ? -11.595 6.998   0.465   1.00 21.45 ? 7   LEU T CB  1 
ATOM   685 C CG  . LEU B 2 7  ? -10.625 8.168   0.646   1.00 22.67 ? 7   LEU T CG  1 
ATOM   686 C CD1 . LEU B 2 7  ? -11.005 9.317   -0.287  1.00 24.32 ? 7   LEU T CD1 1 
ATOM   687 C CD2 . LEU B 2 7  ? -10.560 8.633   2.095   1.00 22.50 ? 7   LEU T CD2 1 
ATOM   688 N N   . ASP B 2 8  ? -12.589 4.014   0.057   1.00 23.17 ? 8   ASP T N   1 
ATOM   689 C CA  . ASP B 2 8  ? -13.669 3.032   -0.023  1.00 24.90 ? 8   ASP T CA  1 
ATOM   690 C C   . ASP B 2 8  ? -13.366 1.834   0.865   1.00 24.95 ? 8   ASP T C   1 
ATOM   691 O O   . ASP B 2 8  ? -14.267 1.278   1.495   1.00 25.87 ? 8   ASP T O   1 
ATOM   692 C CB  . ASP B 2 8  ? -13.880 2.557   -1.461  1.00 25.67 ? 8   ASP T CB  1 
ATOM   693 C CG  . ASP B 2 8  ? -14.592 3.590   -2.344  1.00 27.97 ? 8   ASP T CG  1 
ATOM   694 O OD1 . ASP B 2 8  ? -15.117 4.613   -1.844  1.00 28.82 ? 8   ASP T OD1 1 
ATOM   695 O OD2 . ASP B 2 8  ? -14.615 3.355   -3.571  1.00 30.99 ? 8   ASP T OD2 1 
ATOM   696 N N   . TYR B 2 9  ? -12.096 1.425   0.908   1.00 24.54 ? 9   TYR T N   1 
ATOM   697 C CA  . TYR B 2 9  ? -11.712 0.187   1.598   1.00 24.34 ? 9   TYR T CA  1 
ATOM   698 C C   . TYR B 2 9  ? -11.834 0.385   3.098   1.00 24.50 ? 9   TYR T C   1 
ATOM   699 O O   . TYR B 2 9  ? -12.407 -0.450  3.808   1.00 23.78 ? 9   TYR T O   1 
ATOM   700 C CB  . TYR B 2 9  ? -10.256 -0.150  1.266   1.00 24.59 ? 9   TYR T CB  1 
ATOM   701 C CG  . TYR B 2 9  ? -9.756  -1.488  1.793   1.00 25.03 ? 9   TYR T CG  1 
ATOM   702 C CD1 . TYR B 2 9  ? -10.124 -2.687  1.181   1.00 24.90 ? 9   TYR T CD1 1 
ATOM   703 C CD2 . TYR B 2 9  ? -8.873  -1.548  2.871   1.00 24.63 ? 9   TYR T CD2 1 
ATOM   704 C CE1 . TYR B 2 9  ? -9.656  -3.908  1.647   1.00 27.10 ? 9   TYR T CE1 1 
ATOM   705 C CE2 . TYR B 2 9  ? -8.381  -2.772  3.336   1.00 24.55 ? 9   TYR T CE2 1 
ATOM   706 C CZ  . TYR B 2 9  ? -8.777  -3.946  2.723   1.00 26.46 ? 9   TYR T CZ  1 
ATOM   707 O OH  . TYR B 2 9  ? -8.319  -5.175  3.173   1.00 27.77 ? 9   TYR T OH  1 
ATOM   708 N N   . TYR B 2 10 ? -11.272 1.485   3.576   1.00 24.64 ? 10  TYR T N   1 
ATOM   709 C CA  . TYR B 2 10 ? -11.198 1.756   5.009   1.00 26.32 ? 10  TYR T CA  1 
ATOM   710 C C   . TYR B 2 10 ? -12.407 2.510   5.554   1.00 28.64 ? 10  TYR T C   1 
ATOM   711 O O   . TYR B 2 10 ? -12.665 2.465   6.760   1.00 28.57 ? 10  TYR T O   1 
ATOM   712 C CB  . TYR B 2 10 ? -9.896  2.493   5.344   1.00 25.43 ? 10  TYR T CB  1 
ATOM   713 C CG  . TYR B 2 10 ? -8.669  1.619   5.172   1.00 23.77 ? 10  TYR T CG  1 
ATOM   714 C CD1 . TYR B 2 10 ? -7.731  1.885   4.171   1.00 21.90 ? 10  TYR T CD1 1 
ATOM   715 C CD2 . TYR B 2 10 ? -8.453  0.512   5.997   1.00 22.91 ? 10  TYR T CD2 1 
ATOM   716 C CE1 . TYR B 2 10 ? -6.627  1.074   3.991   1.00 22.87 ? 10  TYR T CE1 1 
ATOM   717 C CE2 . TYR B 2 10 ? -7.342  -0.309  5.832   1.00 22.32 ? 10  TYR T CE2 1 
ATOM   718 C CZ  . TYR B 2 10 ? -6.410  -0.001  4.832   1.00 23.52 ? 10  TYR T CZ  1 
ATOM   719 O OH  . TYR B 2 10 ? -5.291  -0.790  4.633   1.00 23.97 ? 10  TYR T OH  1 
ATOM   720 N N   . GLY B 2 11 ? -13.135 3.192   4.669   1.00 31.54 ? 11  GLY T N   1 
ATOM   721 C CA  . GLY B 2 11 ? -14.357 3.928   5.024   1.00 35.38 ? 11  GLY T CA  1 
ATOM   722 C C   . GLY B 2 11 ? -15.591 3.044   5.107   1.00 37.89 ? 11  GLY T C   1 
ATOM   723 O O   . GLY B 2 11 ? -15.465 1.843   5.375   1.00 38.08 ? 11  GLY T O   1 
HETATM 724 O O   . HOH C 3 .  ? -3.102  18.956  -8.608  1.00 19.68 ? 1   HOH A O   1 
HETATM 725 O O   . HOH C 3 .  ? 1.012   2.022   -6.280  1.00 20.51 ? 2   HOH A O   1 
HETATM 726 O O   . HOH C 3 .  ? 7.491   3.858   7.148   1.00 18.61 ? 3   HOH A O   1 
HETATM 727 O O   . HOH C 3 .  ? -9.415  -6.276  -11.000 1.00 24.17 ? 4   HOH A O   1 
HETATM 728 O O   . HOH C 3 .  ? 3.219   -2.076  10.988  1.00 21.41 ? 5   HOH A O   1 
HETATM 729 O O   . HOH C 3 .  ? 2.343   17.525  -0.358  1.00 20.95 ? 6   HOH A O   1 
HETATM 730 O O   . HOH C 3 .  ? 5.211   5.946   0.335   1.00 19.10 ? 7   HOH A O   1 
HETATM 731 O O   . HOH C 3 .  ? -4.136  -1.210  -9.243  1.00 20.09 ? 8   HOH A O   1 
HETATM 732 O O   . HOH C 3 .  ? 3.622   5.100   9.901   1.00 24.23 ? 9   HOH A O   1 
HETATM 733 O O   . HOH C 3 .  ? 9.868   -1.042  1.652   1.00 24.96 ? 10  HOH A O   1 
HETATM 734 O O   . HOH C 3 .  ? -10.700 -3.793  -3.312  1.00 24.42 ? 11  HOH A O   1 
HETATM 735 O O   . HOH C 3 .  ? 6.664   -18.600 13.823  1.00 26.31 ? 13  HOH A O   1 
HETATM 736 O O   . HOH C 3 .  ? -9.003  -1.135  -5.773  1.00 26.29 ? 14  HOH A O   1 
HETATM 737 O O   . HOH C 3 .  ? 1.151   6.268   9.017   1.00 24.85 ? 15  HOH A O   1 
HETATM 738 O O   . HOH C 3 .  ? 2.617   -9.348  3.465   1.00 23.18 ? 16  HOH A O   1 
HETATM 739 O O   . HOH C 3 .  ? 6.265   -8.465  4.255   1.00 24.60 ? 17  HOH A O   1 
HETATM 740 O O   . HOH C 3 .  ? -0.983  -4.420  -8.778  1.00 24.64 ? 18  HOH A O   1 
HETATM 741 O O   . HOH C 3 .  ? 1.756   17.535  3.534   1.00 25.41 ? 19  HOH A O   1 
HETATM 742 O O   . HOH C 3 .  ? 2.155   -11.708 13.817  1.00 28.78 ? 20  HOH A O   1 
HETATM 743 O O   . HOH C 3 .  ? -1.079  -0.746  10.215  1.00 34.07 ? 21  HOH A O   1 
HETATM 744 O O   . HOH C 3 .  ? -0.612  -8.663  4.356   1.00 23.15 ? 22  HOH A O   1 
HETATM 745 O O   . HOH C 3 .  ? 0.484   -10.925 5.647   1.00 29.08 ? 23  HOH A O   1 
HETATM 746 O O   . HOH C 3 .  ? 8.204   -14.269 2.959   1.00 32.88 ? 24  HOH A O   1 
HETATM 747 O O   . HOH C 3 .  ? 8.080   6.253   8.205   1.00 28.96 ? 25  HOH A O   1 
HETATM 748 O O   . HOH C 3 .  ? 1.115   13.303  5.344   1.00 31.90 ? 27  HOH A O   1 
HETATM 749 O O   . HOH C 3 .  ? 3.740   -5.069  11.732  1.00 26.47 ? 28  HOH A O   1 
HETATM 750 O O   . HOH C 3 .  ? -11.491 -7.283  -5.590  1.00 28.01 ? 29  HOH A O   1 
HETATM 751 O O   . HOH C 3 .  ? -7.823  17.310  -7.268  1.00 30.08 ? 31  HOH A O   1 
HETATM 752 O O   . HOH C 3 .  ? -9.134  -11.468 -3.464  1.00 35.95 ? 32  HOH A O   1 
HETATM 753 O O   . HOH C 3 .  ? -8.694  14.280  -1.689  1.00 36.80 ? 33  HOH A O   1 
HETATM 754 O O   . HOH C 3 .  ? -8.394  12.674  -9.954  1.00 38.41 ? 34  HOH A O   1 
HETATM 755 O O   . HOH C 3 .  ? 6.762   -9.037  -10.899 1.00 32.69 ? 35  HOH A O   1 
HETATM 756 O O   . HOH C 3 .  ? 5.593   -10.639 9.410   1.00 28.79 ? 36  HOH A O   1 
HETATM 757 O O   . HOH C 3 .  ? 9.807   1.071   -8.606  1.00 46.35 ? 37  HOH A O   1 
HETATM 758 O O   . HOH C 3 .  ? 1.060   21.545  0.841   1.00 40.93 ? 40  HOH A O   1 
HETATM 759 O O   . HOH C 3 .  ? -5.222  -11.694 -5.689  1.00 30.23 ? 41  HOH A O   1 
HETATM 760 O O   . HOH C 3 .  ? 5.528   16.913  4.562   1.00 38.25 ? 42  HOH A O   1 
HETATM 761 O O   . HOH C 3 .  ? -4.401  11.401  -10.659 1.00 26.64 ? 43  HOH A O   1 
HETATM 762 O O   . HOH C 3 .  ? 1.622   -14.673 -1.241  1.00 38.17 ? 44  HOH A O   1 
HETATM 763 O O   . HOH C 3 .  ? 7.084   0.688   -8.596  1.00 42.79 ? 45  HOH A O   1 
HETATM 764 O O   . HOH C 3 .  ? 0.081   17.225  7.321   1.00 36.45 ? 46  HOH A O   1 
HETATM 765 O O   . HOH C 3 .  ? 3.759   -9.837  11.513  1.00 26.58 ? 47  HOH A O   1 
HETATM 766 O O   . HOH C 3 .  ? -1.357  -1.508  -8.939  1.00 29.08 ? 48  HOH A O   1 
HETATM 767 O O   . HOH C 3 .  ? 11.508  -2.170  -1.982  1.00 28.86 ? 49  HOH A O   1 
HETATM 768 O O   . HOH C 3 .  ? 9.244   7.640   -1.472  1.00 31.95 ? 50  HOH A O   1 
HETATM 769 O O   . HOH C 3 .  ? -7.805  14.021  1.620   1.00 29.44 ? 52  HOH A O   1 
HETATM 770 O O   . HOH C 3 .  ? 4.810   2.198   -8.904  1.00 34.30 ? 53  HOH A O   1 
HETATM 771 O O   . HOH C 3 .  ? -5.248  16.699  7.734   1.00 35.22 ? 55  HOH A O   1 
HETATM 772 O O   . HOH C 3 .  ? 8.008   7.764   -8.102  1.00 33.64 ? 56  HOH A O   1 
HETATM 773 O O   . HOH C 3 .  ? -5.643  16.924  2.772   1.00 28.07 ? 57  HOH A O   1 
HETATM 774 O O   . HOH C 3 .  ? -3.979  -6.027  -13.977 1.00 38.41 ? 58  HOH A O   1 
HETATM 775 O O   . HOH C 3 .  ? 10.753  -8.395  1.202   1.00 35.76 ? 59  HOH A O   1 
HETATM 776 O O   . HOH C 3 .  ? 1.155   -14.232 -4.748  1.00 35.01 ? 60  HOH A O   1 
HETATM 777 O O   . HOH C 3 .  ? -11.143 -9.882  -4.787  1.00 43.44 ? 61  HOH A O   1 
HETATM 778 O O   . HOH C 3 .  ? -8.312  18.721  -4.988  1.00 33.63 ? 62  HOH A O   1 
HETATM 779 O O   . HOH C 3 .  ? 6.926   -15.657 10.445  1.00 35.86 ? 63  HOH A O   1 
HETATM 780 O O   . HOH C 3 .  ? 11.425  6.132   4.651   1.00 48.86 ? 65  HOH A O   1 
HETATM 781 O O   . HOH C 3 .  ? -10.642 16.018  -8.366  1.00 54.28 ? 66  HOH A O   1 
HETATM 782 O O   . HOH C 3 .  ? -2.704  -9.704  3.041   1.00 36.23 ? 67  HOH A O   1 
HETATM 783 O O   . HOH C 3 .  ? -10.771 -10.975 -7.637  1.00 34.63 ? 68  HOH A O   1 
HETATM 784 O O   . HOH C 3 .  ? 5.511   7.069   10.053  1.00 37.41 ? 69  HOH A O   1 
HETATM 785 O O   . HOH C 3 .  ? 11.191  0.720   -2.501  1.00 36.01 ? 70  HOH A O   1 
HETATM 786 O O   . HOH C 3 .  ? 3.336   -12.055 8.576   1.00 33.38 ? 71  HOH A O   1 
HETATM 787 O O   . HOH C 3 .  ? -7.848  -12.436 -5.453  1.00 36.06 ? 72  HOH A O   1 
HETATM 788 O O   . HOH C 3 .  ? -7.514  15.129  5.324   1.00 39.50 ? 73  HOH A O   1 
HETATM 789 O O   . HOH C 3 .  ? 2.552   -3.754  -13.283 1.00 46.23 ? 74  HOH A O   1 
HETATM 790 O O   . HOH C 3 .  ? -3.930  -15.436 -0.020  1.00 42.50 ? 75  HOH A O   1 
HETATM 791 O O   . HOH C 3 .  ? 3.103   -11.039 6.006   1.00 42.62 ? 77  HOH A O   1 
HETATM 792 O O   . HOH C 3 .  ? 12.041  -1.919  4.300   1.00 36.11 ? 82  HOH A O   1 
HETATM 793 O O   . HOH C 3 .  ? -5.743  -2.708  8.901   1.00 36.78 ? 83  HOH A O   1 
HETATM 794 O O   . HOH C 3 .  ? -8.869  -9.451  0.230   1.00 42.90 ? 85  HOH A O   1 
HETATM 795 O O   . HOH C 3 .  ? -9.359  12.079  2.921   1.00 40.31 ? 86  HOH A O   1 
HETATM 796 O O   . HOH C 3 .  ? 2.419   20.473  3.161   1.00 32.40 ? 87  HOH A O   1 
HETATM 797 O O   . HOH C 3 .  ? 6.862   7.159   -10.783 0.50 43.51 ? 88  HOH A O   1 
HETATM 798 O O   . HOH C 3 .  ? 4.010   -21.669 13.692  1.00 47.27 ? 90  HOH A O   1 
HETATM 799 O O   . HOH C 3 .  ? 8.933   -9.664  3.608   1.00 40.08 ? 92  HOH A O   1 
HETATM 800 O O   . HOH C 3 .  ? 9.556   -15.397 9.088   1.00 45.99 ? 94  HOH A O   1 
HETATM 801 O O   . HOH C 3 .  ? 7.709   -16.992 17.665  1.00 40.59 ? 95  HOH A O   1 
HETATM 802 O O   . HOH C 3 .  ? 14.058  -10.112 -0.924  1.00 45.61 ? 96  HOH A O   1 
HETATM 803 O O   . HOH C 3 .  ? 9.900   0.443   7.119   1.00 38.96 ? 97  HOH A O   1 
HETATM 804 O O   . HOH D 3 .  ? -5.054  -2.986  5.937   1.00 25.02 ? 13  HOH T O   1 
HETATM 805 O O   . HOH D 3 .  ? -6.472  -5.337  5.257   1.00 28.56 ? 14  HOH T O   1 
HETATM 806 O O   . HOH D 3 .  ? -5.543  2.648   -10.487 1.00 29.35 ? 15  HOH T O   1 
HETATM 807 O O   . HOH D 3 .  ? -14.457 9.025   -8.749  1.00 37.39 ? 16  HOH T O   1 
HETATM 808 O O   . HOH D 3 .  ? -12.666 0.390   -4.480  1.00 33.25 ? 17  HOH T O   1 
HETATM 809 O O   . HOH D 3 .  ? -1.538  0.672   -6.607  1.00 34.44 ? 18  HOH T O   1 
HETATM 810 O O   . HOH D 3 .  ? -9.341  -7.303  2.520   1.00 43.80 ? 19  HOH T O   1 
# 
loop_
_atom_site_anisotrop.id 
_atom_site_anisotrop.type_symbol 
_atom_site_anisotrop.pdbx_label_atom_id 
_atom_site_anisotrop.pdbx_label_alt_id 
_atom_site_anisotrop.pdbx_label_comp_id 
_atom_site_anisotrop.pdbx_label_asym_id 
_atom_site_anisotrop.pdbx_label_seq_id 
_atom_site_anisotrop.pdbx_PDB_ins_code 
_atom_site_anisotrop.U[1][1] 
_atom_site_anisotrop.U[2][2] 
_atom_site_anisotrop.U[3][3] 
_atom_site_anisotrop.U[1][2] 
_atom_site_anisotrop.U[1][3] 
_atom_site_anisotrop.U[2][3] 
_atom_site_anisotrop.pdbx_auth_seq_id 
_atom_site_anisotrop.pdbx_auth_comp_id 
_atom_site_anisotrop.pdbx_auth_asym_id 
_atom_site_anisotrop.pdbx_auth_atom_id 
1   N N   . THR A 3  ? 0.4746 0.4641 0.4674 -0.0008 0.0006  -0.0014 148 THR A N   
2   C CA  . THR A 3  ? 0.4458 0.4322 0.4249 -0.0036 -0.0047 -0.0002 148 THR A CA  
3   C C   . THR A 3  ? 0.4117 0.4002 0.3968 -0.0004 -0.0027 -0.0017 148 THR A C   
4   O O   . THR A 3  ? 0.4268 0.4075 0.4036 0.0019  -0.0019 -0.0090 148 THR A O   
5   C CB  . THR A 3  ? 0.4525 0.4404 0.4326 -0.0016 -0.0026 0.0028  148 THR A CB  
6   O OG1 . THR A 3  ? 0.4836 0.4627 0.4569 -0.0013 -0.0036 -0.0014 148 THR A OG1 
7   C CG2 . THR A 3  ? 0.4435 0.4301 0.4261 -0.0012 -0.0054 0.0022  148 THR A CG2 
8   N N   . SER A 4  ? 0.3696 0.3331 0.3377 -0.0135 -0.0180 -0.0067 149 SER A N   
9   C CA  . SER A 4  ? 0.3117 0.2842 0.3026 -0.0188 -0.0144 -0.0052 149 SER A CA  
10  C C   . SER A 4  ? 0.2697 0.2491 0.2616 -0.0184 -0.0194 -0.0061 149 SER A C   
11  O O   . SER A 4  ? 0.2601 0.2435 0.2604 -0.0357 -0.0383 -0.0087 149 SER A O   
12  C CB  . SER A 4  ? 0.3086 0.2869 0.2932 -0.0157 -0.0134 0.0005  149 SER A CB  
13  O OG  . SER A 4  ? 0.2686 0.2504 0.2814 -0.0313 0.0021  -0.0058 149 SER A OG  
14  N N   . ILE A 5  ? 0.2337 0.2202 0.2416 -0.0209 -0.0103 -0.0056 150 ILE A N   
15  C CA  . ILE A 5  ? 0.2116 0.2035 0.2394 -0.0121 -0.0105 -0.0057 150 ILE A CA  
16  C C   . ILE A 5  ? 0.2133 0.2059 0.2342 -0.0159 -0.0079 -0.0023 150 ILE A C   
17  O O   . ILE A 5  ? 0.2036 0.1988 0.2577 -0.0102 -0.0128 0.0076  150 ILE A O   
18  C CB  . ILE A 5  ? 0.1964 0.1965 0.2235 -0.0179 -0.0150 -0.0098 150 ILE A CB  
19  C CG1 . ILE A 5  ? 0.1984 0.1753 0.2207 -0.0115 -0.0024 -0.0053 150 ILE A CG1 
20  C CG2 . ILE A 5  ? 0.1850 0.2230 0.2432 -0.0054 -0.0016 -0.0011 150 ILE A CG2 
21  C CD1 . ILE A 5  ? 0.1956 0.2010 0.2320 -0.0168 -0.0042 0.0030  150 ILE A CD1 
22  N N   . LEU A 6  ? 0.2124 0.2120 0.2535 -0.0151 -0.0086 0.0008  151 LEU A N   
23  C CA  . LEU A 6  ? 0.2351 0.2429 0.2696 -0.0080 -0.0022 0.0110  151 LEU A CA  
24  C C   . LEU A 6  ? 0.2445 0.2534 0.2816 -0.0007 -0.0033 0.0085  151 LEU A C   
25  O O   . LEU A 6  ? 0.2539 0.2727 0.3159 0.0024  0.0007  0.0132  151 LEU A O   
26  C CB  . LEU A 6  ? 0.2357 0.2406 0.2801 -0.0115 -0.0034 0.0161  151 LEU A CB  
27  C CG  . LEU A 6  ? 0.2722 0.2725 0.2971 -0.0075 -0.0025 0.0234  151 LEU A CG  
28  C CD1 . LEU A 6  ? 0.2939 0.3015 0.3270 -0.0174 -0.0006 0.0325  151 LEU A CD1 
29  C CD2 . LEU A 6  ? 0.2774 0.2884 0.3080 -0.0299 -0.0111 0.0263  151 LEU A CD2 
30  N N   . ASP A 7  ? 0.2510 0.2595 0.2826 -0.0006 -0.0133 0.0087  152 ASP A N   
31  C CA  . ASP A 7  ? 0.2733 0.2766 0.2864 0.0008  -0.0111 0.0116  152 ASP A CA  
32  C C   . ASP A 7  ? 0.2551 0.2590 0.2725 0.0019  -0.0132 0.0087  152 ASP A C   
33  O O   . ASP A 7  ? 0.2641 0.2822 0.2741 0.0022  -0.0189 0.0145  152 ASP A O   
34  C CB  . ASP A 7  ? 0.2930 0.2971 0.3006 0.0076  -0.0087 0.0057  152 ASP A CB  
35  C CG  . ASP A 7  ? 0.3382 0.3409 0.3467 -0.0079 0.0062  0.0020  152 ASP A CG  
36  O OD1 . ASP A 7  ? 0.3605 0.4276 0.4274 -0.0167 0.0289  0.0012  152 ASP A OD1 
37  O OD2 . ASP A 7  ? 0.4010 0.3921 0.3960 0.0049  -0.0210 -0.0124 152 ASP A OD2 
38  N N   . ILE A 8  ? 0.2410 0.2428 0.2492 0.0057  -0.0085 0.0087  153 ILE A N   
39  C CA  . ILE A 8  ? 0.2236 0.2298 0.2403 0.0032  -0.0100 0.0032  153 ILE A CA  
40  C C   . ILE A 8  ? 0.2225 0.2266 0.2391 0.0022  -0.0095 0.0030  153 ILE A C   
41  O O   . ILE A 8  ? 0.2398 0.2290 0.2545 0.0130  -0.0093 0.0072  153 ILE A O   
42  C CB  . ILE A 8  ? 0.2128 0.2152 0.2338 0.0001  -0.0086 0.0012  153 ILE A CB  
43  C CG1 . ILE A 8  ? 0.2335 0.2450 0.2260 0.0030  0.0016  0.0007  153 ILE A CG1 
44  C CG2 . ILE A 8  ? 0.2085 0.2309 0.2131 0.0009  -0.0039 0.0095  153 ILE A CG2 
45  C CD1 . ILE A 8  ? 0.2315 0.2634 0.2474 0.0029  -0.0154 -0.0048 153 ILE A CD1 
46  N N   . ARG A 9  ? 0.2135 0.2093 0.2337 -0.0031 -0.0076 0.0084  154 ARG A N   
47  C CA  . ARG A 9  ? 0.2233 0.2334 0.2486 -0.0028 -0.0042 0.0060  154 ARG A CA  
48  C C   . ARG A 9  ? 0.1982 0.2198 0.2241 -0.0009 -0.0054 0.0070  154 ARG A C   
49  O O   . ARG A 9  ? 0.1946 0.2337 0.2361 0.0001  -0.0065 0.0025  154 ARG A O   
50  C CB  . ARG A 9  ? 0.2361 0.2380 0.2518 0.0044  0.0062  0.0051  154 ARG A CB  
51  C CG  . ARG A 9  ? 0.2800 0.2896 0.3018 -0.0070 0.0028  0.0100  154 ARG A CG  
52  C CD  . ARG A 9  ? 0.2637 0.3186 0.3156 -0.0098 0.0029  -0.0003 154 ARG A CD  
53  N NE  . ARG A 9  ? 0.3547 0.4087 0.4247 -0.0054 0.0102  -0.0246 154 ARG A NE  
54  C CZ  . ARG A 9  ? 0.3617 0.3541 0.3610 -0.0013 0.0154  -0.0203 154 ARG A CZ  
55  N NH1 . ARG A 9  ? 0.3903 0.4750 0.4468 0.0014  0.0189  -0.0089 154 ARG A NH1 
56  N NH2 . ARG A 9  ? 0.3623 0.4556 0.4670 -0.0025 0.0208  0.0079  154 ARG A NH2 
57  N N   . GLN A 10 ? 0.1839 0.2033 0.2230 0.0023  -0.0129 0.0111  155 GLN A N   
58  C CA  . GLN A 10 ? 0.1916 0.2010 0.2157 0.0058  -0.0195 0.0120  155 GLN A CA  
59  C C   . GLN A 10 ? 0.2067 0.2106 0.2276 0.0105  -0.0156 0.0126  155 GLN A C   
60  O O   . GLN A 10 ? 0.2113 0.2277 0.2404 0.0135  -0.0167 0.0220  155 GLN A O   
61  C CB  . GLN A 10 ? 0.1862 0.1913 0.2180 0.0068  -0.0215 0.0066  155 GLN A CB  
62  C CG  . GLN A 10 ? 0.1764 0.1808 0.1935 0.0120  -0.0049 0.0088  155 GLN A CG  
63  C CD  . GLN A 10 ? 0.1743 0.2002 0.1851 0.0203  0.0067  -0.0042 155 GLN A CD  
64  O OE1 . GLN A 10 ? 0.1939 0.2120 0.1838 0.0161  0.0062  0.0089  155 GLN A OE1 
65  N NE2 . GLN A 10 ? 0.2214 0.2052 0.2189 0.0160  0.0056  0.0082  155 GLN A NE2 
66  N N   . GLY A 11 ? 0.2166 0.2232 0.2324 0.0160  -0.0183 0.0173  156 GLY A N   
67  C CA  . GLY A 11 ? 0.2330 0.2322 0.2441 0.0184  -0.0260 0.0136  156 GLY A CA  
68  C C   . GLY A 11 ? 0.2348 0.2459 0.2536 0.0182  -0.0169 0.0088  156 GLY A C   
69  O O   . GLY A 11 ? 0.2274 0.2301 0.2452 0.0256  -0.0183 0.0187  156 GLY A O   
70  N N   . PRO A 12 ? 0.2615 0.2637 0.2843 0.0168  -0.0206 0.0067  157 PRO A N   
71  C CA  . PRO A 12 ? 0.2587 0.2777 0.2925 0.0188  -0.0139 0.0020  157 PRO A CA  
72  C C   . PRO A 12 ? 0.2613 0.2804 0.2870 0.0207  -0.0102 0.0035  157 PRO A C   
73  O O   . PRO A 12 ? 0.2802 0.2830 0.2995 0.0261  -0.0069 -0.0025 157 PRO A O   
74  C CB  . PRO A 12 ? 0.2639 0.2873 0.2898 0.0237  -0.0212 0.0092  157 PRO A CB  
75  C CG  . PRO A 12 ? 0.2826 0.2932 0.3211 0.0212  -0.0144 0.0034  157 PRO A CG  
76  C CD  . PRO A 12 ? 0.2577 0.2793 0.2843 0.0165  -0.0245 0.0086  157 PRO A CD  
77  N N   . LYS A 13 ? 0.2561 0.2695 0.2739 0.0320  -0.0074 0.0006  158 LYS A N   
78  C CA  . LYS A 13 ? 0.2708 0.2715 0.2658 0.0267  -0.0035 0.0058  158 LYS A CA  
79  C C   . LYS A 13 ? 0.2599 0.2407 0.2487 0.0235  0.0025  0.0036  158 LYS A C   
80  O O   . LYS A 13 ? 0.2635 0.2260 0.2265 0.0297  0.0047  0.0048  158 LYS A O   
81  C CB  . LYS A 13 ? 0.2802 0.2756 0.2788 0.0305  -0.0026 0.0092  158 LYS A CB  
82  C CG  . LYS A 13 ? 0.2974 0.3031 0.3071 0.0293  0.0003  0.0190  158 LYS A CG  
83  C CD  . LYS A 13 ? 0.3203 0.3164 0.3052 0.0224  -0.0171 0.0158  158 LYS A CD  
84  C CE  . LYS A 13 ? 0.3873 0.3799 0.3844 0.0019  -0.0086 0.0084  158 LYS A CE  
85  N NZ  . LYS A 13 ? 0.4064 0.4018 0.3894 0.0127  -0.0060 -0.0152 158 LYS A NZ  
86  N N   . GLU A 14 ? 0.2496 0.2277 0.2251 0.0293  -0.0020 0.0010  159 GLU A N   
87  C CA  . GLU A 14 ? 0.2326 0.2144 0.2167 0.0153  -0.0051 0.0045  159 GLU A CA  
88  C C   . GLU A 14 ? 0.2312 0.2172 0.2166 0.0238  -0.0056 0.0055  159 GLU A C   
89  O O   . GLU A 14 ? 0.2358 0.2133 0.2051 0.0365  -0.0025 -0.0021 159 GLU A O   
90  C CB  . GLU A 14 ? 0.2331 0.2042 0.2139 0.0264  -0.0126 -0.0004 159 GLU A CB  
91  C CG  . GLU A 14 ? 0.2134 0.2123 0.2082 0.0228  -0.0067 0.0030  159 GLU A CG  
92  C CD  . GLU A 14 ? 0.2097 0.2084 0.2033 0.0064  -0.0081 -0.0071 159 GLU A CD  
93  O OE1 . GLU A 14 ? 0.2347 0.2060 0.2090 0.0145  -0.0180 0.0094  159 GLU A OE1 
94  O OE2 . GLU A 14 ? 0.2330 0.2509 0.2158 0.0024  0.0203  -0.0185 159 GLU A OE2 
95  N N   . PRO A 15 ? 0.2453 0.2168 0.2139 0.0128  -0.0075 0.0142  160 PRO A N   
96  C CA  . PRO A 15 ? 0.2317 0.2123 0.2159 0.0134  -0.0087 0.0165  160 PRO A CA  
97  C C   . PRO A 15 ? 0.2217 0.2125 0.2036 0.0159  -0.0123 0.0116  160 PRO A C   
98  O O   . PRO A 15 ? 0.2428 0.2029 0.2084 0.0085  -0.0270 0.0186  160 PRO A O   
99  C CB  . PRO A 15 ? 0.2449 0.2216 0.2197 0.0071  -0.0028 0.0130  160 PRO A CB  
100 C CG  . PRO A 15 ? 0.2444 0.2137 0.2305 0.0170  -0.0123 0.0179  160 PRO A CG  
101 C CD  . PRO A 15 ? 0.2401 0.2414 0.2240 0.0165  0.0019  0.0142  160 PRO A CD  
102 N N   . PHE A 16 ? 0.2172 0.2112 0.2022 0.0199  -0.0130 0.0166  161 PHE A N   
103 C CA  . PHE A 16 ? 0.2244 0.2158 0.1938 0.0149  -0.0154 0.0127  161 PHE A CA  
104 C C   . PHE A 16 ? 0.2176 0.2145 0.1959 0.0052  -0.0096 0.0095  161 PHE A C   
105 O O   . PHE A 16 ? 0.2150 0.2099 0.1974 0.0170  -0.0032 0.0105  161 PHE A O   
106 C CB  . PHE A 16 ? 0.2273 0.2242 0.1959 0.0130  -0.0186 0.0138  161 PHE A CB  
107 C CG  . PHE A 16 ? 0.2438 0.2284 0.2324 0.0067  -0.0273 0.0168  161 PHE A CG  
108 C CD1 . PHE A 16 ? 0.2396 0.2168 0.2070 0.0154  -0.0075 0.0070  161 PHE A CD1 
109 C CD2 . PHE A 16 ? 0.2010 0.2271 0.2160 0.0346  -0.0189 0.0085  161 PHE A CD2 
110 C CE1 . PHE A 16 ? 0.2431 0.1959 0.2267 0.0079  -0.0207 0.0104  161 PHE A CE1 
111 C CE2 . PHE A 16 ? 0.2609 0.2440 0.2251 0.0095  -0.0200 0.0133  161 PHE A CE2 
112 C CZ  . PHE A 16 ? 0.2537 0.2225 0.2145 0.0148  -0.0232 0.0179  161 PHE A CZ  
113 N N   . ARG A 17 ? 0.2338 0.2188 0.2062 0.0012  -0.0134 0.0165  162 ARG A N   
114 C CA  . ARG A 17 ? 0.2334 0.2380 0.2248 -0.0016 -0.0031 0.0209  162 ARG A CA  
115 C C   . ARG A 17 ? 0.2245 0.2325 0.2158 0.0012  -0.0029 0.0218  162 ARG A C   
116 O O   . ARG A 17 ? 0.2259 0.2404 0.2162 0.0065  -0.0009 0.0317  162 ARG A O   
117 C CB  . ARG A 17 ? 0.2391 0.2371 0.2378 -0.0118 -0.0075 0.0148  162 ARG A CB  
118 C CG  . ARG A 17 ? 0.2769 0.2671 0.2701 -0.0060 -0.0008 0.0187  162 ARG A CG  
119 C CD  . ARG A 17 ? 0.3182 0.3261 0.3030 -0.0086 -0.0004 -0.0008 162 ARG A CD  
120 N NE  . ARG A 17 ? 0.3537 0.3320 0.3335 -0.0091 0.0032  0.0101  162 ARG A NE  
121 C CZ  . ARG A 17 ? 0.3919 0.3413 0.3583 -0.0100 -0.0135 -0.0006 162 ARG A CZ  
122 N NH1 . ARG A 17 ? 0.3917 0.3699 0.3639 -0.0092 -0.0279 0.0015  162 ARG A NH1 
123 N NH2 . ARG A 17 ? 0.4058 0.3856 0.3781 -0.0058 -0.0236 -0.0107 162 ARG A NH2 
124 N N   . ASP A 18 ? 0.2252 0.2385 0.2055 0.0027  -0.0039 0.0234  163 ASP A N   
125 C CA  . ASP A 18 ? 0.2219 0.2241 0.2098 -0.0007 0.0008  0.0230  163 ASP A CA  
126 C C   . ASP A 18 ? 0.2203 0.2200 0.1996 0.0048  0.0052  0.0188  163 ASP A C   
127 O O   . ASP A 18 ? 0.2454 0.2305 0.1994 0.0022  0.0138  0.0134  163 ASP A O   
128 C CB  . ASP A 18 ? 0.2418 0.2362 0.2027 0.0058  -0.0003 0.0288  163 ASP A CB  
129 C CG  . ASP A 18 ? 0.2273 0.2439 0.2223 0.0016  0.0049  0.0249  163 ASP A CG  
130 O OD1 . ASP A 18 ? 0.2652 0.2420 0.2047 -0.0034 -0.0010 0.0267  163 ASP A OD1 
131 O OD2 . ASP A 18 ? 0.2893 0.2719 0.2261 0.0047  -0.0134 0.0560  163 ASP A OD2 
132 N N   . TYR A 19 ? 0.2011 0.2015 0.1869 0.0023  0.0086  0.0213  164 TYR A N   
133 C CA  . TYR A 19 ? 0.1866 0.1918 0.1802 0.0033  0.0081  0.0108  164 TYR A CA  
134 C C   . TYR A 19 ? 0.1813 0.1813 0.1810 0.0039  0.0097  0.0071  164 TYR A C   
135 O O   . TYR A 19 ? 0.1883 0.1768 0.1813 0.0187  0.0049  -0.0024 164 TYR A O   
136 C CB  . TYR A 19 ? 0.1919 0.1923 0.1857 0.0092  0.0083  0.0133  164 TYR A CB  
137 C CG  . TYR A 19 ? 0.1709 0.1615 0.1820 -0.0020 -0.0003 0.0117  164 TYR A CG  
138 C CD1 . TYR A 19 ? 0.1869 0.1695 0.1754 0.0031  -0.0078 -0.0063 164 TYR A CD1 
139 C CD2 . TYR A 19 ? 0.1613 0.1733 0.1888 0.0262  -0.0178 0.0150  164 TYR A CD2 
140 C CE1 . TYR A 19 ? 0.1670 0.1889 0.1819 0.0088  0.0099  -0.0050 164 TYR A CE1 
141 C CE2 . TYR A 19 ? 0.1594 0.1641 0.1742 -0.0028 0.0070  0.0033  164 TYR A CE2 
142 C CZ  . TYR A 19 ? 0.1524 0.1676 0.1793 0.0002  -0.0020 0.0009  164 TYR A CZ  
143 O OH  . TYR A 19 ? 0.1718 0.1807 0.2096 -0.0063 0.0124  0.0141  164 TYR A OH  
144 N N   . VAL A 20 ? 0.1834 0.1812 0.1744 0.0092  0.0036  0.0057  165 VAL A N   
145 C CA  . VAL A 20 ? 0.1807 0.1833 0.1877 0.0022  -0.0070 -0.0023 165 VAL A CA  
146 C C   . VAL A 20 ? 0.1865 0.2052 0.1904 -0.0008 0.0051  0.0057  165 VAL A C   
147 O O   . VAL A 20 ? 0.1783 0.1936 0.1916 0.0013  0.0164  0.0051  165 VAL A O   
148 C CB  . VAL A 20 ? 0.1932 0.1930 0.1952 0.0042  -0.0065 0.0059  165 VAL A CB  
149 C CG1 . VAL A 20 ? 0.1952 0.2016 0.2155 0.0082  -0.0231 -0.0074 165 VAL A CG1 
150 C CG2 . VAL A 20 ? 0.2218 0.1819 0.1899 -0.0086 -0.0067 -0.0070 165 VAL A CG2 
151 N N   . ASP A 21 ? 0.2085 0.2313 0.2055 -0.0051 0.0101  0.0039  166 ASP A N   
152 C CA  . ASP A 21 ? 0.2299 0.2445 0.2149 0.0001  0.0160  0.0069  166 ASP A CA  
153 C C   . ASP A 21 ? 0.2166 0.2359 0.1938 0.0039  0.0176  0.0094  166 ASP A C   
154 O O   . ASP A 21 ? 0.2012 0.2405 0.2087 0.0055  0.0258  0.0068  166 ASP A O   
155 C CB  . ASP A 21 ? 0.2581 0.2651 0.2352 -0.0025 0.0145  0.0186  166 ASP A CB  
156 C CG  . ASP A 21 ? 0.3209 0.3264 0.3269 -0.0094 0.0302  -0.0110 166 ASP A CG  
157 O OD1 . ASP A 21 ? 0.3778 0.3635 0.4004 0.0028  0.0292  -0.0066 166 ASP A OD1 
158 O OD2 . ASP A 21 ? 0.3953 0.4161 0.4250 -0.0172 0.0367  0.0035  166 ASP A OD2 
159 N N   . ARG A 22 ? 0.1957 0.2174 0.1718 0.0081  0.0182  0.0052  167 ARG A N   
160 C CA  . ARG A 22 ? 0.1898 0.2131 0.1787 0.0115  0.0150  0.0029  167 ARG A CA  
161 C C   . ARG A 22 ? 0.1818 0.1881 0.1683 0.0080  0.0164  0.0018  167 ARG A C   
162 O O   . ARG A 22 ? 0.1804 0.2059 0.1797 0.0187  0.0253  -0.0144 167 ARG A O   
163 C CB  . ARG A 22 ? 0.2033 0.2164 0.1759 0.0191  0.0093  0.0082  167 ARG A CB  
164 C CG  . ARG A 22 ? 0.2030 0.2032 0.1887 0.0122  0.0007  0.0201  167 ARG A CG  
165 C CD  . ARG A 22 ? 0.1838 0.2308 0.1867 0.0104  0.0102  0.0097  167 ARG A CD  
166 N NE  . ARG A 22 ? 0.2030 0.2242 0.2020 0.0126  -0.0137 -0.0181 167 ARG A NE  
167 C CZ  . ARG A 22 ? 0.2309 0.2072 0.2087 0.0019  -0.0282 0.0064  167 ARG A CZ  
168 N NH1 . ARG A 22 ? 0.2453 0.2055 0.2211 -0.0158 -0.0299 -0.0018 167 ARG A NH1 
169 N NH2 . ARG A 22 ? 0.2344 0.2211 0.2003 0.0001  -0.0231 -0.0038 167 ARG A NH2 
170 N N   . PHE A 23 ? 0.1710 0.1813 0.1692 0.0047  0.0111  -0.0060 168 PHE A N   
171 C CA  . PHE A 23 ? 0.1791 0.1737 0.1702 0.0173  0.0032  -0.0065 168 PHE A CA  
172 C C   . PHE A 23 ? 0.1652 0.1694 0.1699 0.0155  0.0127  -0.0094 168 PHE A C   
173 O O   . PHE A 23 ? 0.1775 0.1769 0.1972 0.0242  0.0193  -0.0165 168 PHE A O   
174 C CB  . PHE A 23 ? 0.1846 0.1843 0.1540 0.0068  0.0044  -0.0024 168 PHE A CB  
175 C CG  . PHE A 23 ? 0.1522 0.1669 0.1443 -0.0016 -0.0009 0.0032  168 PHE A CG  
176 C CD1 . PHE A 23 ? 0.1736 0.1872 0.1837 -0.0234 0.0013  0.0009  168 PHE A CD1 
177 C CD2 . PHE A 23 ? 0.1608 0.1320 0.1411 0.0058  -0.0074 -0.0061 168 PHE A CD2 
178 C CE1 . PHE A 23 ? 0.1724 0.2006 0.1716 0.0043  -0.0045 0.0124  168 PHE A CE1 
179 C CE2 . PHE A 23 ? 0.1672 0.1557 0.1549 -0.0055 0.0146  -0.0024 168 PHE A CE2 
180 C CZ  . PHE A 23 ? 0.1624 0.1842 0.1877 0.0004  -0.0018 0.0116  168 PHE A CZ  
181 N N   . TYR A 24 ? 0.1703 0.1801 0.1821 0.0276  0.0110  -0.0052 169 TYR A N   
182 C CA  . TYR A 24 ? 0.1817 0.2122 0.2066 0.0121  0.0114  -0.0072 169 TYR A CA  
183 C C   . TYR A 24 ? 0.1921 0.2141 0.2097 0.0134  0.0197  -0.0064 169 TYR A C   
184 O O   . TYR A 24 ? 0.1935 0.2333 0.2171 0.0124  0.0317  -0.0078 169 TYR A O   
185 C CB  . TYR A 24 ? 0.1883 0.2191 0.2148 0.0088  0.0124  -0.0096 169 TYR A CB  
186 C CG  . TYR A 24 ? 0.1987 0.2551 0.2399 0.0122  0.0171  -0.0089 169 TYR A CG  
187 C CD1 . TYR A 24 ? 0.1951 0.2495 0.2260 0.0124  0.0102  -0.0144 169 TYR A CD1 
188 C CD2 . TYR A 24 ? 0.2284 0.2747 0.2486 0.0086  0.0132  -0.0059 169 TYR A CD2 
189 C CE1 . TYR A 24 ? 0.2455 0.3066 0.2755 0.0252  0.0085  -0.0024 169 TYR A CE1 
190 C CE2 . TYR A 24 ? 0.2354 0.2854 0.2710 0.0186  0.0257  -0.0080 169 TYR A CE2 
191 C CZ  . TYR A 24 ? 0.2024 0.2857 0.2819 0.0239  0.0221  -0.0122 169 TYR A CZ  
192 O OH  . TYR A 24 ? 0.2128 0.3439 0.3207 0.0347  0.0412  -0.0353 169 TYR A OH  
193 N N   . LYS A 25 ? 0.2135 0.2218 0.2127 0.0110  0.0167  -0.0057 170 LYS A N   
194 C CA  . LYS A 25 ? 0.2379 0.2480 0.2371 0.0135  0.0076  -0.0089 170 LYS A CA  
195 C C   . LYS A 25 ? 0.2229 0.2368 0.2299 0.0165  0.0102  -0.0080 170 LYS A C   
196 O O   . LYS A 25 ? 0.2435 0.2482 0.2618 0.0141  0.0205  -0.0203 170 LYS A O   
197 C CB  . LYS A 25 ? 0.2490 0.2504 0.2343 0.0144  0.0089  -0.0044 170 LYS A CB  
198 C CG  . LYS A 25 ? 0.2742 0.2892 0.2678 0.0060  0.0079  0.0037  170 LYS A CG  
199 C CD  . LYS A 25 ? 0.2954 0.2949 0.2851 0.0070  0.0061  0.0052  170 LYS A CD  
200 C CE  . LYS A 25 ? 0.3776 0.3940 0.3664 -0.0086 0.0117  0.0042  170 LYS A CE  
201 N NZ  . LYS A 25 ? 0.4018 0.3889 0.3978 -0.0248 -0.0112 -0.0118 170 LYS A NZ  
202 N N   . THR A 26 ? 0.2168 0.2271 0.2120 0.0065  0.0162  -0.0063 171 THR A N   
203 C CA  . THR A 26 ? 0.2109 0.2381 0.2121 0.0092  0.0088  -0.0077 171 THR A CA  
204 C C   . THR A 26 ? 0.2051 0.2229 0.2189 0.0112  0.0105  -0.0058 171 THR A C   
205 O O   . THR A 26 ? 0.1909 0.2171 0.2140 0.0171  0.0100  -0.0335 171 THR A O   
206 C CB  . THR A 26 ? 0.2098 0.2413 0.2093 0.0114  0.0131  -0.0002 171 THR A CB  
207 O OG1 . THR A 26 ? 0.2505 0.3043 0.2732 0.0193  -0.0054 0.0258  171 THR A OG1 
208 C CG2 . THR A 26 ? 0.2174 0.2190 0.2277 -0.0015 -0.0056 -0.0136 171 THR A CG2 
209 N N   . LEU A 27 ? 0.2071 0.2075 0.1981 0.0176  0.0123  -0.0052 172 LEU A N   
210 C CA  . LEU A 27 ? 0.2020 0.2064 0.2026 0.0226  0.0072  -0.0061 172 LEU A CA  
211 C C   . LEU A 27 ? 0.2107 0.2119 0.2154 0.0214  0.0134  -0.0080 172 LEU A C   
212 O O   . LEU A 27 ? 0.2091 0.2117 0.2186 0.0304  0.0242  -0.0137 172 LEU A O   
213 C CB  . LEU A 27 ? 0.2185 0.2012 0.1837 0.0207  0.0020  -0.0004 172 LEU A CB  
214 C CG  . LEU A 27 ? 0.2110 0.1912 0.1922 0.0243  -0.0019 -0.0047 172 LEU A CG  
215 C CD1 . LEU A 27 ? 0.2276 0.1976 0.2274 0.0142  -0.0058 0.0048  172 LEU A CD1 
216 C CD2 . LEU A 27 ? 0.2321 0.1923 0.1946 0.0039  0.0033  -0.0170 172 LEU A CD2 
217 N N   . ARG A 28 ? 0.2197 0.2276 0.2335 0.0195  0.0158  -0.0069 173 ARG A N   
218 C CA  . ARG A 28 ? 0.2450 0.2575 0.2589 0.0157  0.0209  -0.0065 173 ARG A CA  
219 C C   . ARG A 28 ? 0.2445 0.2562 0.2530 0.0138  0.0227  -0.0048 173 ARG A C   
220 O O   . ARG A 28 ? 0.2712 0.2614 0.2677 0.0170  0.0184  -0.0038 173 ARG A O   
221 C CB  . ARG A 28 ? 0.2540 0.2744 0.2699 0.0112  0.0208  -0.0014 173 ARG A CB  
222 C CG  . ARG A 28 ? 0.3234 0.3144 0.3391 -0.0033 0.0061  -0.0048 173 ARG A CG  
223 C CD  . ARG A 28 ? 0.3811 0.3984 0.3858 -0.0002 0.0303  0.0018  173 ARG A CD  
224 N NE  . ARG A 28 ? 0.4499 0.4664 0.4550 0.0022  0.0022  -0.0045 173 ARG A NE  
225 C CZ  . ARG A 28 ? 0.4541 0.4632 0.4485 -0.0140 0.0084  0.0055  173 ARG A CZ  
226 N NH1 . ARG A 28 ? 0.4970 0.5040 0.4832 0.0038  0.0094  -0.0113 173 ARG A NH1 
227 N NH2 . ARG A 28 ? 0.4770 0.4790 0.4799 -0.0065 0.0078  0.0021  173 ARG A NH2 
228 N N   . ALA A 29 ? 0.2474 0.2552 0.2408 0.0090  0.0288  -0.0137 174 ALA A N   
229 C CA  . ALA A 29 ? 0.2449 0.2468 0.2476 0.0036  0.0235  -0.0128 174 ALA A CA  
230 C C   . ALA A 29 ? 0.2616 0.2468 0.2452 -0.0013 0.0224  -0.0154 174 ALA A C   
231 O O   . ALA A 29 ? 0.2755 0.2462 0.2456 -0.0044 0.0347  -0.0223 174 ALA A O   
232 C CB  . ALA A 29 ? 0.2572 0.2472 0.2330 0.0017  0.0290  -0.0130 174 ALA A CB  
233 N N   . GLU A 30 ? 0.2460 0.2314 0.2403 0.0071  0.0226  -0.0135 175 GLU A N   
234 C CA  . GLU A 30 ? 0.2544 0.2392 0.2429 0.0057  0.0133  -0.0165 175 GLU A CA  
235 C C   . GLU A 30 ? 0.2538 0.2461 0.2507 0.0051  0.0129  -0.0130 175 GLU A C   
236 O O   . GLU A 30 ? 0.2720 0.2328 0.2708 0.0001  0.0044  -0.0135 175 GLU A O   
237 C CB  . GLU A 30 ? 0.2414 0.2211 0.2450 0.0051  0.0274  -0.0226 175 GLU A CB  
238 C CG  . GLU A 30 ? 0.2346 0.2413 0.2428 0.0225  0.0172  -0.0042 175 GLU A CG  
239 C CD  . GLU A 30 ? 0.2344 0.2384 0.2360 0.0164  0.0111  -0.0081 175 GLU A CD  
240 O OE1 . GLU A 30 ? 0.2442 0.2627 0.2677 0.0202  0.0055  0.0065  175 GLU A OE1 
241 O OE2 . GLU A 30 ? 0.2348 0.2770 0.2776 0.0203  0.0124  0.0152  175 GLU A OE2 
242 N N   . GLN A 31 ? 0.2725 0.2535 0.2652 0.0119  0.0103  -0.0045 176 GLN A N   
243 C CA  A GLN A 31 ? 0.2917 0.2819 0.2839 0.0048  0.0076  -0.0007 176 GLN A CA  
244 C CA  B GLN A 31 ? 0.2895 0.2774 0.2811 0.0059  0.0070  -0.0017 176 GLN A CA  
245 C C   . GLN A 31 ? 0.2880 0.2779 0.2813 0.0074  0.0063  0.0023  176 GLN A C   
246 O O   . GLN A 31 ? 0.2941 0.2979 0.2955 0.0037  0.0034  -0.0004 176 GLN A O   
247 C CB  A GLN A 31 ? 0.2911 0.2815 0.2800 0.0039  0.0027  -0.0027 176 GLN A CB  
248 C CB  B GLN A 31 ? 0.2941 0.2837 0.2849 0.0039  0.0025  -0.0038 176 GLN A CB  
249 C CG  A GLN A 31 ? 0.3082 0.3100 0.3031 0.0069  0.0114  0.0011  176 GLN A CG  
250 C CG  B GLN A 31 ? 0.3313 0.3200 0.3156 0.0073  0.0078  -0.0010 176 GLN A CG  
251 C CD  A GLN A 31 ? 0.2987 0.2949 0.2920 0.0057  -0.0004 -0.0009 176 GLN A CD  
252 C CD  B GLN A 31 ? 0.3188 0.3325 0.3253 0.0029  -0.0039 0.0145  176 GLN A CD  
253 O OE1 A GLN A 31 ? 0.3211 0.3313 0.3299 0.0044  0.0118  -0.0034 176 GLN A OE1 
254 O OE1 B GLN A 31 ? 0.3649 0.3574 0.3632 -0.0115 0.0100  0.0043  176 GLN A OE1 
255 N NE2 A GLN A 31 ? 0.3220 0.3297 0.3151 0.0043  0.0082  -0.0050 176 GLN A NE2 
256 N NE2 B GLN A 31 ? 0.3727 0.3688 0.3686 0.0088  -0.0002 -0.0040 176 GLN A NE2 
257 N N   . ALA A 32 ? 0.2914 0.2824 0.2792 0.0087  0.0086  0.0001  177 ALA A N   
258 C CA  . ALA A 32 ? 0.2896 0.2804 0.2827 0.0158  0.0051  0.0020  177 ALA A CA  
259 C C   . ALA A 32 ? 0.2864 0.2828 0.2869 0.0137  0.0108  0.0017  177 ALA A C   
260 O O   . ALA A 32 ? 0.2793 0.2717 0.2837 0.0194  0.0164  0.0078  177 ALA A O   
261 C CB  . ALA A 32 ? 0.2941 0.2816 0.2876 0.0206  0.0106  -0.0005 177 ALA A CB  
262 N N   . SER A 33 ? 0.2810 0.2830 0.2760 0.0144  0.0106  0.0039  178 SER A N   
263 C CA  . SER A 33 ? 0.2754 0.2833 0.2919 0.0201  0.0083  0.0055  178 SER A CA  
264 C C   . SER A 33 ? 0.2757 0.2908 0.3023 0.0130  0.0057  0.0036  178 SER A C   
265 O O   . SER A 33 ? 0.2370 0.2761 0.3021 0.0282  0.0013  0.0154  178 SER A O   
266 C CB  . SER A 33 ? 0.2758 0.2792 0.2804 0.0204  0.0097  -0.0033 178 SER A CB  
267 O OG  . SER A 33 ? 0.2652 0.2678 0.2699 0.0566  0.0046  0.0217  178 SER A OG  
268 N N   . GLN A 34 ? 0.2656 0.3039 0.3134 0.0138  -0.0005 0.0074  179 GLN A N   
269 C CA  . GLN A 34 ? 0.2905 0.3241 0.3321 0.0129  0.0022  0.0047  179 GLN A CA  
270 C C   . GLN A 34 ? 0.2445 0.2972 0.3022 0.0069  -0.0034 0.0122  179 GLN A C   
271 O O   . GLN A 34 ? 0.2180 0.2929 0.3023 0.0124  0.0128  0.0137  179 GLN A O   
272 C CB  . GLN A 34 ? 0.2652 0.3216 0.3334 0.0149  -0.0010 0.0084  179 GLN A CB  
273 C CG  . GLN A 34 ? 0.3336 0.3499 0.3830 0.0107  0.0091  -0.0080 179 GLN A CG  
274 C CD  . GLN A 34 ? 0.2975 0.3344 0.3668 -0.0190 -0.0194 0.0072  179 GLN A CD  
275 O OE1 . GLN A 34 ? 0.4440 0.4398 0.4648 -0.0049 0.0031  -0.0130 179 GLN A OE1 
276 N NE2 . GLN A 34 ? 0.4166 0.4219 0.4091 0.0122  -0.0079 -0.0023 179 GLN A NE2 
277 N N   . GLU A 35 ? 0.2290 0.2965 0.2866 0.0120  -0.0119 0.0125  180 GLU A N   
278 C CA  . GLU A 35 ? 0.2363 0.2898 0.2786 0.0108  -0.0149 0.0150  180 GLU A CA  
279 C C   . GLU A 35 ? 0.2223 0.2698 0.2599 0.0048  -0.0050 0.0112  180 GLU A C   
280 O O   . GLU A 35 ? 0.2191 0.2622 0.2633 0.0007  -0.0122 0.0178  180 GLU A O   
281 C CB  . GLU A 35 ? 0.2672 0.3062 0.2984 0.0021  -0.0182 0.0187  180 GLU A CB  
282 C CG  . GLU A 35 ? 0.3208 0.3556 0.3750 -0.0047 -0.0042 -0.0096 180 GLU A CG  
283 C CD  . GLU A 35 ? 0.3197 0.2883 0.2672 0.0899  0.0345  -0.0328 180 GLU A CD  
284 O OE1 . GLU A 35 ? 0.3724 0.4362 0.4631 -0.0235 -0.0411 0.0432  180 GLU A OE1 
285 O OE2 . GLU A 35 ? 0.5041 0.5282 0.4646 -0.0496 -0.0151 0.0261  180 GLU A OE2 
286 N N   . VAL A 36 ? 0.2092 0.2409 0.2425 0.0055  -0.0023 0.0167  181 VAL A N   
287 C CA  . VAL A 36 ? 0.2037 0.2264 0.2354 0.0001  -0.0054 0.0130  181 VAL A CA  
288 C C   . VAL A 36 ? 0.1943 0.2203 0.2178 -0.0007 0.0045  0.0129  181 VAL A C   
289 O O   . VAL A 36 ? 0.1627 0.2199 0.2180 -0.0070 0.0092  0.0238  181 VAL A O   
290 C CB  . VAL A 36 ? 0.2093 0.2205 0.2358 -0.0028 -0.0049 0.0104  181 VAL A CB  
291 C CG1 . VAL A 36 ? 0.2273 0.2398 0.2532 0.0055  -0.0074 0.0050  181 VAL A CG1 
292 C CG2 . VAL A 36 ? 0.2395 0.2477 0.2121 0.0031  -0.0005 0.0093  181 VAL A CG2 
293 N N   . LYS A 37 ? 0.1900 0.2109 0.2145 0.0051  -0.0010 0.0178  182 LYS A N   
294 C CA  . LYS A 37 ? 0.1844 0.2070 0.2078 0.0002  0.0089  0.0147  182 LYS A CA  
295 C C   . LYS A 37 ? 0.1768 0.2008 0.1978 0.0052  0.0077  0.0145  182 LYS A C   
296 O O   . LYS A 37 ? 0.1650 0.1936 0.2094 0.0150  0.0171  0.0167  182 LYS A O   
297 C CB  . LYS A 37 ? 0.1954 0.2182 0.2143 0.0210  0.0076  0.0067  182 LYS A CB  
298 C CG  . LYS A 37 ? 0.2119 0.2109 0.2106 0.0155  0.0098  0.0016  182 LYS A CG  
299 C CD  . LYS A 37 ? 0.2326 0.2433 0.2299 0.0143  0.0104  0.0089  182 LYS A CD  
300 C CE  . LYS A 37 ? 0.2349 0.2601 0.2499 0.0269  0.0238  -0.0059 182 LYS A CE  
301 N NZ  . LYS A 37 ? 0.2630 0.2830 0.2570 0.0179  0.0368  0.0280  182 LYS A NZ  
302 N N   . ASN A 38 ? 0.1664 0.1986 0.1985 0.0016  0.0027  0.0109  183 ASN A N   
303 C CA  . ASN A 38 ? 0.1678 0.2159 0.2050 0.0051  0.0050  0.0082  183 ASN A CA  
304 C C   . ASN A 38 ? 0.1875 0.2185 0.2038 0.0036  0.0125  0.0067  183 ASN A C   
305 O O   . ASN A 38 ? 0.1737 0.2248 0.2268 0.0063  0.0144  0.0220  183 ASN A O   
306 C CB  . ASN A 38 ? 0.1748 0.2262 0.2004 0.0098  0.0024  0.0138  183 ASN A CB  
307 C CG  . ASN A 38 ? 0.2010 0.2435 0.2334 0.0100  0.0107  0.0108  183 ASN A CG  
308 O OD1 . ASN A 38 ? 0.2118 0.2614 0.2326 0.0436  0.0325  -0.0007 183 ASN A OD1 
309 N ND2 . ASN A 38 ? 0.2583 0.2767 0.2961 0.0164  -0.0145 -0.0042 183 ASN A ND2 
310 N N   . TRP A 39 ? 0.1763 0.2236 0.2199 -0.0026 0.0112  0.0068  184 TRP A N   
311 C CA  . TRP A 39 ? 0.1984 0.2266 0.2205 0.0052  0.0132  0.0081  184 TRP A CA  
312 C C   . TRP A 39 ? 0.1904 0.2165 0.2135 -0.0005 0.0073  0.0036  184 TRP A C   
313 O O   . TRP A 39 ? 0.1991 0.2070 0.2034 -0.0025 0.0015  -0.0013 184 TRP A O   
314 C CB  . TRP A 39 ? 0.2251 0.2406 0.2421 0.0017  0.0166  0.0058  184 TRP A CB  
315 C CG  . TRP A 39 ? 0.2386 0.2431 0.2564 0.0131  0.0168  0.0044  184 TRP A CG  
316 C CD1 . TRP A 39 ? 0.2735 0.2831 0.2816 0.0010  0.0116  -0.0021 184 TRP A CD1 
317 C CD2 . TRP A 39 ? 0.2456 0.2727 0.2824 0.0010  0.0246  -0.0071 184 TRP A CD2 
318 N NE1 . TRP A 39 ? 0.2727 0.2925 0.2749 -0.0082 0.0188  -0.0076 184 TRP A NE1 
319 C CE2 . TRP A 39 ? 0.2760 0.2726 0.2915 0.0008  0.0251  0.0017  184 TRP A CE2 
320 C CE3 . TRP A 39 ? 0.2701 0.2793 0.3202 -0.0187 0.0172  -0.0106 184 TRP A CE3 
321 C CZ2 . TRP A 39 ? 0.2481 0.2887 0.2789 0.0054  0.0103  -0.0093 184 TRP A CZ2 
322 C CZ3 . TRP A 39 ? 0.2574 0.2768 0.3016 -0.0102 0.0140  -0.0124 184 TRP A CZ3 
323 C CH2 . TRP A 39 ? 0.2655 0.2754 0.3038 -0.0055 0.0109  -0.0064 184 TRP A CH2 
324 N N   . MET A 40 ? 0.1881 0.2132 0.2036 0.0009  0.0070  0.0102  185 MET A N   
325 C CA  . MET A 40 ? 0.1947 0.2204 0.2135 0.0007  0.0039  0.0057  185 MET A CA  
326 C C   . MET A 40 ? 0.1967 0.2159 0.2075 -0.0020 0.0026  -0.0004 185 MET A C   
327 O O   . MET A 40 ? 0.1994 0.2226 0.2258 0.0049  0.0114  0.0015  185 MET A O   
328 C CB  . MET A 40 ? 0.1910 0.2041 0.2174 0.0006  -0.0035 0.0006  185 MET A CB  
329 C CG  . MET A 40 ? 0.2224 0.2185 0.2377 -0.0054 0.0083  0.0094  185 MET A CG  
330 S SD  . MET A 40 ? 0.1952 0.2373 0.2315 -0.0107 0.0068  0.0117  185 MET A SD  
331 C CE  . MET A 40 ? 0.2414 0.2270 0.2584 -0.0195 -0.0078 -0.0057 185 MET A CE  
332 N N   . THR A 41 ? 0.1973 0.2106 0.2043 -0.0052 0.0158  -0.0024 186 THR A N   
333 C CA  . THR A 41 ? 0.1986 0.1995 0.2049 0.0007  0.0188  -0.0123 186 THR A CA  
334 C C   . THR A 41 ? 0.2046 0.2031 0.2039 -0.0003 0.0127  -0.0119 186 THR A C   
335 O O   . THR A 41 ? 0.2176 0.2166 0.2029 0.0010  0.0144  -0.0295 186 THR A O   
336 C CB  . THR A 41 ? 0.1974 0.2008 0.2183 -0.0066 0.0124  -0.0113 186 THR A CB  
337 O OG1 . THR A 41 ? 0.1986 0.2007 0.2152 0.0080  0.0277  -0.0111 186 THR A OG1 
338 C CG2 . THR A 41 ? 0.2241 0.1959 0.2087 -0.0123 0.0297  -0.0086 186 THR A CG2 
339 N N   . ALA A 42 ? 0.2144 0.2126 0.2046 0.0001  0.0077  -0.0165 187 ALA A N   
340 C CA  . ALA A 42 ? 0.2198 0.2279 0.2183 0.0097  0.0057  -0.0108 187 ALA A CA  
341 C C   . ALA A 42 ? 0.2237 0.2334 0.2322 0.0026  0.0049  -0.0116 187 ALA A C   
342 O O   . ALA A 42 ? 0.2328 0.2397 0.2639 0.0170  0.0102  -0.0246 187 ALA A O   
343 C CB  . ALA A 42 ? 0.2155 0.2304 0.2199 0.0081  -0.0016 -0.0040 187 ALA A CB  
344 N N   . THR A 43 ? 0.2081 0.2187 0.2274 0.0054  0.0045  -0.0022 188 THR A N   
345 C CA  . THR A 43 ? 0.2112 0.2134 0.2234 -0.0006 0.0097  -0.0016 188 THR A CA  
346 C C   . THR A 43 ? 0.2004 0.2105 0.2250 0.0040  0.0066  -0.0052 188 THR A C   
347 O O   . THR A 43 ? 0.2128 0.2200 0.2361 0.0044  0.0050  -0.0050 188 THR A O   
348 C CB  . THR A 43 ? 0.2127 0.2140 0.2178 0.0026  0.0050  0.0034  188 THR A CB  
349 O OG1 . THR A 43 ? 0.2032 0.1890 0.2141 0.0015  0.0039  0.0003  188 THR A OG1 
350 C CG2 . THR A 43 ? 0.2222 0.2248 0.2084 -0.0037 0.0028  0.0003  188 THR A CG2 
351 N N   . LEU A 44 ? 0.1944 0.2170 0.2203 0.0057  0.0111  -0.0023 189 LEU A N   
352 C CA  . LEU A 44 ? 0.1886 0.2090 0.2215 0.0052  0.0147  -0.0026 189 LEU A CA  
353 C C   . LEU A 44 ? 0.1849 0.2142 0.2138 0.0035  0.0110  0.0026  189 LEU A C   
354 O O   . LEU A 44 ? 0.1774 0.2071 0.2333 0.0183  0.0191  0.0026  189 LEU A O   
355 C CB  . LEU A 44 ? 0.1930 0.2025 0.2218 -0.0061 0.0097  0.0029  189 LEU A CB  
356 C CG  . LEU A 44 ? 0.1660 0.1785 0.2236 0.0082  0.0172  0.0098  189 LEU A CG  
357 C CD1 . LEU A 44 ? 0.2118 0.2214 0.2539 -0.0147 -0.0001 -0.0128 189 LEU A CD1 
358 C CD2 . LEU A 44 ? 0.1892 0.2117 0.2635 0.0024  0.0217  0.0029  189 LEU A CD2 
359 N N   . LEU A 45 ? 0.1846 0.2073 0.2054 0.0077  0.0162  0.0026  190 LEU A N   
360 C CA  . LEU A 45 ? 0.1815 0.2015 0.2054 0.0068  0.0130  0.0031  190 LEU A CA  
361 C C   . LEU A 45 ? 0.1909 0.1993 0.2031 0.0082  0.0089  -0.0005 190 LEU A C   
362 O O   . LEU A 45 ? 0.2066 0.2024 0.1955 0.0078  0.0014  -0.0096 190 LEU A O   
363 C CB  . LEU A 45 ? 0.1811 0.2124 0.2096 -0.0035 0.0160  0.0103  190 LEU A CB  
364 C CG  . LEU A 45 ? 0.1978 0.2140 0.2198 -0.0046 0.0030  0.0096  190 LEU A CG  
365 C CD1 . LEU A 45 ? 0.2155 0.2223 0.2184 -0.0074 0.0176  -0.0002 190 LEU A CD1 
366 C CD2 . LEU A 45 ? 0.2035 0.2476 0.2485 -0.0051 0.0015  0.0177  190 LEU A CD2 
367 N N   . VAL A 46 ? 0.1970 0.2057 0.2084 0.0202  0.0172  -0.0093 191 VAL A N   
368 C CA  . VAL A 46 ? 0.2210 0.2126 0.2177 0.0199  0.0067  -0.0097 191 VAL A CA  
369 C C   . VAL A 46 ? 0.2207 0.2269 0.2110 0.0202  0.0121  -0.0023 191 VAL A C   
370 O O   . VAL A 46 ? 0.2298 0.2369 0.2118 0.0340  0.0048  0.0019  191 VAL A O   
371 C CB  . VAL A 46 ? 0.2264 0.2162 0.2196 0.0194  0.0050  -0.0096 191 VAL A CB  
372 C CG1 . VAL A 46 ? 0.2706 0.2359 0.2605 0.0252  0.0169  -0.0052 191 VAL A CG1 
373 C CG2 . VAL A 46 ? 0.2288 0.2044 0.2431 0.0226  0.0135  -0.0069 191 VAL A CG2 
374 N N   . GLN A 47 ? 0.2131 0.2285 0.2249 0.0185  0.0107  -0.0023 192 GLN A N   
375 C CA  . GLN A 47 ? 0.2268 0.2497 0.2451 0.0097  0.0089  0.0110  192 GLN A CA  
376 C C   . GLN A 47 ? 0.2214 0.2531 0.2552 0.0187  0.0096  0.0144  192 GLN A C   
377 O O   . GLN A 47 ? 0.2107 0.2701 0.2780 0.0287  0.0254  0.0207  192 GLN A O   
378 C CB  . GLN A 47 ? 0.2431 0.2518 0.2579 0.0069  0.0128  0.0151  192 GLN A CB  
379 C CG  . GLN A 47 ? 0.2856 0.3099 0.2977 -0.0026 -0.0029 0.0173  192 GLN A CG  
380 C CD  . GLN A 47 ? 0.3426 0.3523 0.3775 -0.0116 0.0137  0.0279  192 GLN A CD  
381 O OE1 . GLN A 47 ? 0.3625 0.3581 0.3820 -0.0133 0.0098  0.0170  192 GLN A OE1 
382 N NE2 . GLN A 47 ? 0.3809 0.4161 0.4256 -0.0152 0.0073  0.0157  192 GLN A NE2 
383 N N   . ASN A 48 ? 0.2103 0.2354 0.2339 0.0177  0.0074  0.0139  193 ASN A N   
384 C CA  . ASN A 48 ? 0.2069 0.2324 0.2324 0.0135  0.0089  0.0117  193 ASN A CA  
385 C C   . ASN A 48 ? 0.1892 0.2172 0.2245 0.0166  0.0118  0.0063  193 ASN A C   
386 O O   . ASN A 48 ? 0.1881 0.2280 0.2326 0.0204  0.0109  0.0232  193 ASN A O   
387 C CB  . ASN A 48 ? 0.2076 0.2133 0.2376 0.0095  0.0014  0.0152  193 ASN A CB  
388 C CG  . ASN A 48 ? 0.2331 0.2454 0.2784 0.0079  0.0153  0.0183  193 ASN A CG  
389 O OD1 . ASN A 48 ? 0.2648 0.2847 0.3499 -0.0139 0.0490  0.0402  193 ASN A OD1 
390 N ND2 . ASN A 48 ? 0.2079 0.2314 0.2800 0.0192  -0.0106 0.0246  193 ASN A ND2 
391 N N   . ALA A 49 ? 0.1933 0.2290 0.2409 0.0191  0.0127  0.0092  194 ALA A N   
392 C CA  . ALA A 49 ? 0.1945 0.2224 0.2361 0.0200  0.0136  0.0091  194 ALA A CA  
393 C C   . ALA A 49 ? 0.2114 0.2423 0.2489 0.0215  0.0122  0.0107  194 ALA A C   
394 O O   . ALA A 49 ? 0.2123 0.2502 0.2588 0.0402  0.0221  0.0286  194 ALA A O   
395 C CB  . ALA A 49 ? 0.2025 0.2285 0.2159 0.0242  0.0220  -0.0034 194 ALA A CB  
396 N N   . ASN A 50 ? 0.2242 0.2550 0.2466 0.0332  0.0093  0.0088  195 ASN A N   
397 C CA  . ASN A 50 ? 0.2353 0.2703 0.2621 0.0290  0.0032  0.0124  195 ASN A CA  
398 C C   . ASN A 50 ? 0.2441 0.2785 0.2738 0.0266  0.0084  0.0062  195 ASN A C   
399 O O   . ASN A 50 ? 0.2420 0.2651 0.2817 0.0291  0.0120  0.0085  195 ASN A O   
400 C CB  . ASN A 50 ? 0.2434 0.2714 0.2586 0.0260  0.0008  0.0119  195 ASN A CB  
401 C CG  . ASN A 50 ? 0.2537 0.2580 0.2521 0.0219  -0.0064 0.0187  195 ASN A CG  
402 O OD1 . ASN A 50 ? 0.2733 0.2191 0.2416 0.0347  -0.0017 0.0084  195 ASN A OD1 
403 N ND2 . ASN A 50 ? 0.2370 0.2582 0.2117 0.0411  -0.0073 -0.0168 195 ASN A ND2 
404 N N   . PRO A 51 ? 0.2664 0.3042 0.3047 0.0306  0.0100  0.0008  196 PRO A N   
405 C CA  . PRO A 51 ? 0.2768 0.3140 0.3095 0.0345  0.0084  -0.0026 196 PRO A CA  
406 C C   . PRO A 51 ? 0.2907 0.3220 0.3189 0.0384  0.0071  -0.0033 196 PRO A C   
407 O O   . PRO A 51 ? 0.3094 0.3291 0.3273 0.0434  0.0045  -0.0068 196 PRO A O   
408 C CB  . PRO A 51 ? 0.2683 0.3216 0.3172 0.0315  0.0053  0.0015  196 PRO A CB  
409 C CG  . PRO A 51 ? 0.2743 0.3102 0.3100 0.0273  0.0192  -0.0071 196 PRO A CG  
410 C CD  . PRO A 51 ? 0.2738 0.3128 0.2971 0.0267  0.0098  0.0004  196 PRO A CD  
411 N N   . ASP A 52 ? 0.3076 0.3243 0.3263 0.0371  0.0109  -0.0048 197 ASP A N   
412 C CA  . ASP A 52 ? 0.3209 0.3398 0.3355 0.0301  0.0060  -0.0018 197 ASP A CA  
413 C C   . ASP A 52 ? 0.3232 0.3261 0.3254 0.0250  0.0023  -0.0086 197 ASP A C   
414 O O   . ASP A 52 ? 0.3363 0.3381 0.3329 0.0332  0.0001  -0.0157 197 ASP A O   
415 C CB  . ASP A 52 ? 0.3490 0.3528 0.3516 0.0268  0.0099  0.0033  197 ASP A CB  
416 C CG  . ASP A 52 ? 0.3754 0.4125 0.3878 0.0241  0.0017  0.0138  197 ASP A CG  
417 O OD1 . ASP A 52 ? 0.3984 0.4090 0.4091 0.0326  0.0143  0.0285  197 ASP A OD1 
418 O OD2 . ASP A 52 ? 0.4614 0.4644 0.4291 0.0217  -0.0064 0.0210  197 ASP A OD2 
419 N N   . CYS A 53 ? 0.3029 0.3052 0.2976 0.0333  -0.0007 -0.0079 198 CYS A N   
420 C CA  . CYS A 53 ? 0.3031 0.2858 0.2844 0.0309  0.0029  -0.0128 198 CYS A CA  
421 C C   . CYS A 53 ? 0.2971 0.2875 0.2850 0.0278  -0.0005 -0.0110 198 CYS A C   
422 O O   . CYS A 53 ? 0.3170 0.3066 0.2933 0.0187  -0.0039 -0.0068 198 CYS A O   
423 C CB  . CYS A 53 ? 0.3028 0.2826 0.2812 0.0339  0.0060  -0.0128 198 CYS A CB  
424 S SG  . CYS A 53 ? 0.3354 0.2014 0.2480 0.0498  -0.0317 -0.0199 198 CYS A SG  
425 N N   . LYS A 54 ? 0.2989 0.2911 0.2766 0.0286  0.0022  -0.0067 199 LYS A N   
426 C CA  . LYS A 54 ? 0.3031 0.3046 0.2991 0.0237  0.0014  -0.0007 199 LYS A CA  
427 C C   . LYS A 54 ? 0.3155 0.3107 0.3082 0.0230  -0.0025 -0.0039 199 LYS A C   
428 O O   . LYS A 54 ? 0.3004 0.3226 0.3126 0.0315  -0.0019 -0.0069 199 LYS A O   
429 C CB  . LYS A 54 ? 0.3084 0.3151 0.3011 0.0199  0.0046  0.0021  199 LYS A CB  
430 C CG  . LYS A 54 ? 0.2907 0.3168 0.3031 0.0286  0.0018  0.0039  199 LYS A CG  
431 C CD  . LYS A 54 ? 0.2816 0.2956 0.3176 0.0212  0.0275  0.0061  199 LYS A CD  
432 C CE  . LYS A 54 ? 0.2984 0.3342 0.3250 0.0177  0.0267  0.0025  199 LYS A CE  
433 N NZ  . LYS A 54 ? 0.2796 0.3525 0.3477 0.0041  0.0560  -0.0179 199 LYS A NZ  
434 N N   . THR A 55 ? 0.3230 0.3207 0.3254 0.0254  -0.0034 -0.0087 200 THR A N   
435 C CA  . THR A 55 ? 0.3382 0.3293 0.3334 0.0164  -0.0049 -0.0123 200 THR A CA  
436 C C   . THR A 55 ? 0.3375 0.3173 0.3280 0.0172  -0.0049 -0.0068 200 THR A C   
437 O O   . THR A 55 ? 0.3539 0.3280 0.3202 0.0184  -0.0045 -0.0054 200 THR A O   
438 C CB  . THR A 55 ? 0.3418 0.3338 0.3454 0.0141  -0.0031 -0.0128 200 THR A CB  
439 O OG1 . THR A 55 ? 0.3547 0.3624 0.3690 0.0138  -0.0055 -0.0235 200 THR A OG1 
440 C CG2 . THR A 55 ? 0.3724 0.3739 0.3683 0.0171  -0.0004 -0.0210 200 THR A CG2 
441 N N   . ILE A 56 ? 0.3303 0.2999 0.3117 0.0178  -0.0087 -0.0093 201 ILE A N   
442 C CA  . ILE A 56 ? 0.3234 0.2862 0.3073 0.0209  -0.0094 -0.0041 201 ILE A CA  
443 C C   . ILE A 56 ? 0.3204 0.2840 0.3048 0.0168  -0.0133 -0.0047 201 ILE A C   
444 O O   . ILE A 56 ? 0.3135 0.2632 0.2932 0.0251  -0.0225 -0.0091 201 ILE A O   
445 C CB  . ILE A 56 ? 0.3287 0.2846 0.3028 0.0177  -0.0099 -0.0078 201 ILE A CB  
446 C CG1 . ILE A 56 ? 0.3416 0.2880 0.2918 0.0066  -0.0080 0.0058  201 ILE A CG1 
447 C CG2 . ILE A 56 ? 0.3368 0.2946 0.3118 0.0140  -0.0054 -0.0092 201 ILE A CG2 
448 C CD1 . ILE A 56 ? 0.3485 0.2983 0.2858 0.0058  -0.0195 0.0085  201 ILE A CD1 
449 N N   . LEU A 57 ? 0.3095 0.2835 0.2878 0.0102  -0.0085 -0.0093 202 LEU A N   
450 C CA  . LEU A 57 ? 0.3121 0.2809 0.2900 0.0051  -0.0038 -0.0062 202 LEU A CA  
451 C C   . LEU A 57 ? 0.3179 0.2934 0.2966 0.0051  -0.0042 -0.0067 202 LEU A C   
452 O O   . LEU A 57 ? 0.3194 0.2931 0.2929 0.0073  -0.0035 -0.0026 202 LEU A O   
453 C CB  . LEU A 57 ? 0.3035 0.2687 0.2820 0.0036  -0.0024 -0.0121 202 LEU A CB  
454 C CG  . LEU A 57 ? 0.2986 0.2647 0.2901 -0.0090 0.0010  -0.0165 202 LEU A CG  
455 C CD1 . LEU A 57 ? 0.3258 0.2816 0.2853 -0.0221 -0.0025 -0.0196 202 LEU A CD1 
456 C CD2 . LEU A 57 ? 0.2831 0.2130 0.2622 -0.0211 -0.0051 -0.0250 202 LEU A CD2 
457 N N   . LYS A 58 ? 0.3263 0.3118 0.3065 0.0081  0.0015  -0.0035 203 LYS A N   
458 C CA  . LYS A 58 ? 0.3441 0.3377 0.3289 0.0065  -0.0002 0.0004  203 LYS A CA  
459 C C   . LYS A 58 ? 0.3443 0.3395 0.3334 0.0087  -0.0018 -0.0014 203 LYS A C   
460 O O   . LYS A 58 ? 0.3467 0.3555 0.3383 0.0138  -0.0031 -0.0045 203 LYS A O   
461 C CB  . LYS A 58 ? 0.3439 0.3479 0.3328 0.0082  0.0007  0.0013  203 LYS A CB  
462 C CG  . LYS A 58 ? 0.3741 0.3776 0.3717 -0.0043 -0.0031 -0.0023 203 LYS A CG  
463 C CD  . LYS A 58 ? 0.4204 0.4141 0.4270 -0.0034 -0.0006 0.0072  203 LYS A CD  
464 C CE  . LYS A 58 ? 0.4735 0.4618 0.4670 -0.0033 -0.0012 -0.0074 203 LYS A CE  
465 N NZ  . LYS A 58 ? 0.4887 0.4787 0.4787 0.0038  0.0012  0.0000  203 LYS A NZ  
466 N N   . ALA A 59 ? 0.3492 0.3376 0.3379 0.0069  -0.0056 -0.0021 204 ALA A N   
467 C CA  . ALA A 59 ? 0.3442 0.3357 0.3341 0.0076  -0.0083 -0.0001 204 ALA A CA  
468 C C   . ALA A 59 ? 0.3520 0.3402 0.3354 0.0081  -0.0087 -0.0004 204 ALA A C   
469 O O   . ALA A 59 ? 0.3658 0.3642 0.3305 0.0176  -0.0147 -0.0006 204 ALA A O   
470 C CB  . ALA A 59 ? 0.3512 0.3230 0.3395 0.0048  -0.0069 -0.0011 204 ALA A CB  
471 N N   . LEU A 60 ? 0.3485 0.3358 0.3197 0.0089  -0.0073 0.0037  205 LEU A N   
472 C CA  . LEU A 60 ? 0.3498 0.3227 0.3250 0.0116  -0.0062 0.0034  205 LEU A CA  
473 C C   . LEU A 60 ? 0.3482 0.3235 0.3257 0.0110  -0.0089 0.0058  205 LEU A C   
474 O O   . LEU A 60 ? 0.3392 0.3090 0.3382 0.0096  -0.0090 0.0030  205 LEU A O   
475 C CB  . LEU A 60 ? 0.3611 0.3239 0.3236 0.0107  -0.0085 -0.0019 205 LEU A CB  
476 C CG  . LEU A 60 ? 0.3694 0.3315 0.3388 -0.0142 0.0023  -0.0090 205 LEU A CG  
477 C CD1 . LEU A 60 ? 0.3687 0.3249 0.3425 -0.0088 0.0126  -0.0101 205 LEU A CD1 
478 C CD2 . LEU A 60 ? 0.3725 0.3116 0.3338 -0.0207 -0.0079 -0.0254 205 LEU A CD2 
479 N N   . GLY A 61 ? 0.3449 0.3227 0.3233 0.0147  -0.0099 0.0140  206 GLY A N   
480 C CA  . GLY A 61 ? 0.3438 0.3264 0.3310 0.0171  -0.0013 0.0141  206 GLY A CA  
481 C C   . GLY A 61 ? 0.3352 0.3207 0.3270 0.0175  -0.0005 0.0154  206 GLY A C   
482 O O   . GLY A 61 ? 0.3333 0.3091 0.3269 0.0229  -0.0050 0.0167  206 GLY A O   
483 N N   . PRO A 62 ? 0.3260 0.3176 0.3247 0.0141  -0.0024 0.0149  207 PRO A N   
484 C CA  . PRO A 62 ? 0.3118 0.3153 0.3171 0.0136  0.0003  0.0111  207 PRO A CA  
485 C C   . PRO A 62 ? 0.3062 0.3097 0.3132 0.0110  -0.0051 0.0091  207 PRO A C   
486 O O   . PRO A 62 ? 0.2925 0.3151 0.3212 0.0206  -0.0058 0.0065  207 PRO A O   
487 C CB  . PRO A 62 ? 0.3212 0.3161 0.3217 0.0110  -0.0008 0.0153  207 PRO A CB  
488 C CG  . PRO A 62 ? 0.3304 0.3184 0.3244 0.0114  0.0041  0.0192  207 PRO A CG  
489 C CD  . PRO A 62 ? 0.3228 0.3192 0.3265 0.0205  0.0017  0.0139  207 PRO A CD  
490 N N   . GLY A 63 ? 0.2754 0.2912 0.2883 0.0106  -0.0067 0.0134  208 GLY A N   
491 C CA  . GLY A 63 ? 0.2743 0.2857 0.2760 0.0039  -0.0068 0.0150  208 GLY A CA  
492 C C   . GLY A 63 ? 0.2650 0.2714 0.2693 0.0036  -0.0089 0.0132  208 GLY A C   
493 O O   . GLY A 63 ? 0.2703 0.2670 0.2717 0.0109  0.0007  0.0229  208 GLY A O   
494 N N   . ALA A 64 ? 0.2744 0.2642 0.2636 0.0060  -0.0104 0.0131  209 ALA A N   
495 C CA  . ALA A 64 ? 0.2728 0.2764 0.2697 0.0024  -0.0113 0.0151  209 ALA A CA  
496 C C   . ALA A 64 ? 0.2763 0.2696 0.2725 0.0021  -0.0152 0.0135  209 ALA A C   
497 O O   . ALA A 64 ? 0.2851 0.2576 0.2682 0.0033  -0.0085 0.0108  209 ALA A O   
498 C CB  . ALA A 64 ? 0.2810 0.2855 0.2724 0.0079  -0.0245 0.0193  209 ALA A CB  
499 N N   . THR A 65 ? 0.2673 0.2594 0.2578 0.0022  -0.0127 0.0176  210 THR A N   
500 C CA  . THR A 65 ? 0.2662 0.2596 0.2640 -0.0025 -0.0144 0.0187  210 THR A CA  
501 C C   . THR A 65 ? 0.2604 0.2606 0.2579 -0.0008 -0.0089 0.0103  210 THR A C   
502 O O   . THR A 65 ? 0.2607 0.2590 0.2553 0.0002  -0.0175 0.0149  210 THR A O   
503 C CB  . THR A 65 ? 0.2683 0.2662 0.2753 -0.0014 -0.0191 0.0213  210 THR A CB  
504 O OG1 . THR A 65 ? 0.3015 0.2521 0.2831 -0.0235 -0.0122 0.0291  210 THR A OG1 
505 C CG2 . THR A 65 ? 0.2810 0.2971 0.2681 -0.0133 -0.0222 0.0215  210 THR A CG2 
506 N N   . LEU A 66 ? 0.2603 0.2590 0.2637 -0.0017 -0.0070 0.0102  211 LEU A N   
507 C CA  . LEU A 66 ? 0.2753 0.2786 0.2780 -0.0023 -0.0020 -0.0023 211 LEU A CA  
508 C C   . LEU A 66 ? 0.2753 0.2739 0.2766 -0.0012 -0.0054 0.0035  211 LEU A C   
509 O O   . LEU A 66 ? 0.2672 0.2665 0.2711 -0.0068 -0.0072 -0.0046 211 LEU A O   
510 C CB  . LEU A 66 ? 0.2757 0.2828 0.2837 0.0011  0.0021  0.0000  211 LEU A CB  
511 C CG  . LEU A 66 ? 0.2967 0.3088 0.3030 -0.0029 0.0033  -0.0094 211 LEU A CG  
512 C CD1 . LEU A 66 ? 0.2931 0.3509 0.3339 -0.0106 0.0097  -0.0148 211 LEU A CD1 
513 C CD2 . LEU A 66 ? 0.2993 0.2996 0.2978 -0.0037 0.0093  -0.0114 211 LEU A CD2 
514 N N   . GLU A 67 ? 0.2881 0.2757 0.2946 -0.0056 -0.0066 0.0052  212 GLU A N   
515 C CA  . GLU A 67 ? 0.3240 0.3077 0.3220 -0.0013 -0.0044 0.0036  212 GLU A CA  
516 C C   . GLU A 67 ? 0.2940 0.2818 0.2929 -0.0096 -0.0060 0.0033  212 GLU A C   
517 O O   . GLU A 67 ? 0.2789 0.2791 0.2711 -0.0103 -0.0097 0.0126  212 GLU A O   
518 C CB  . GLU A 67 ? 0.3045 0.2939 0.3263 -0.0039 -0.0008 0.0020  212 GLU A CB  
519 C CG  . GLU A 67 ? 0.3935 0.3563 0.3753 -0.0044 -0.0016 0.0070  212 GLU A CG  
520 C CD  . GLU A 67 ? 0.3239 0.3312 0.3833 -0.0216 -0.0075 0.0042  212 GLU A CD  
521 O OE1 . GLU A 67 ? 0.4831 0.4603 0.4875 -0.0051 -0.0161 0.0050  212 GLU A OE1 
522 O OE2 . GLU A 67 ? 0.4660 0.4483 0.4839 -0.0061 0.0065  -0.0025 212 GLU A OE2 
523 N N   . GLU A 68 ? 0.2907 0.2708 0.2820 -0.0114 -0.0100 0.0084  213 GLU A N   
524 C CA  . GLU A 68 ? 0.2889 0.2719 0.2848 -0.0117 -0.0140 0.0021  213 GLU A CA  
525 C C   . GLU A 68 ? 0.2911 0.2657 0.2829 -0.0074 -0.0162 -0.0003 213 GLU A C   
526 O O   . GLU A 68 ? 0.2877 0.2661 0.2806 -0.0022 -0.0213 -0.0058 213 GLU A O   
527 C CB  . GLU A 68 ? 0.2925 0.2768 0.2797 -0.0168 -0.0083 0.0032  213 GLU A CB  
528 C CG  . GLU A 68 ? 0.2873 0.2792 0.2883 -0.0122 -0.0278 0.0043  213 GLU A CG  
529 C CD  . GLU A 68 ? 0.3053 0.2911 0.2986 -0.0207 -0.0268 0.0039  213 GLU A CD  
530 O OE1 . GLU A 68 ? 0.3178 0.3210 0.3293 -0.0279 -0.0243 0.0123  213 GLU A OE1 
531 O OE2 . GLU A 68 ? 0.2944 0.2712 0.3129 -0.0351 -0.0384 -0.0101 213 GLU A OE2 
532 N N   . MET A 69 ? 0.2773 0.2419 0.2679 -0.0157 -0.0162 -0.0034 214 MET A N   
533 C CA  . MET A 69 ? 0.3081 0.2535 0.2837 -0.0092 -0.0159 -0.0029 214 MET A CA  
534 C C   . MET A 69 ? 0.2994 0.2551 0.2793 -0.0142 -0.0228 -0.0067 214 MET A C   
535 O O   . MET A 69 ? 0.3183 0.2674 0.2817 -0.0113 -0.0302 -0.0073 214 MET A O   
536 C CB  . MET A 69 ? 0.2927 0.2459 0.2780 -0.0230 -0.0192 -0.0092 214 MET A CB  
537 C CG  . MET A 69 ? 0.2969 0.2536 0.2783 -0.0134 -0.0138 -0.0085 214 MET A CG  
538 S SD  . MET A 69 ? 0.3997 0.2572 0.3115 -0.0051 0.0089  -0.0076 214 MET A SD  
539 C CE  . MET A 69 ? 0.3629 0.2989 0.3141 -0.0032 -0.0013 0.0117  214 MET A CE  
540 N N   . MET A 70 ? 0.3076 0.2705 0.2864 -0.0137 -0.0257 -0.0002 215 MET A N   
541 C CA  . MET A 70 ? 0.3227 0.2823 0.2994 -0.0123 -0.0279 0.0032  215 MET A CA  
542 C C   . MET A 70 ? 0.3290 0.2906 0.3124 -0.0098 -0.0262 0.0044  215 MET A C   
543 O O   . MET A 70 ? 0.3320 0.2947 0.3197 -0.0078 -0.0413 0.0120  215 MET A O   
544 C CB  . MET A 70 ? 0.3310 0.3055 0.3166 -0.0126 -0.0229 0.0040  215 MET A CB  
545 C CG  . MET A 70 ? 0.3392 0.3143 0.3184 -0.0062 -0.0291 0.0033  215 MET A CG  
546 S SD  . MET A 70 ? 0.3822 0.3613 0.3700 -0.0335 -0.0321 -0.0082 215 MET A SD  
547 C CE  . MET A 70 ? 0.3754 0.3467 0.3634 -0.0152 -0.0098 -0.0067 215 MET A CE  
548 N N   . THR A 71 ? 0.3230 0.2887 0.3067 -0.0088 -0.0278 0.0043  216 THR A N   
549 C CA  . THR A 71 ? 0.3353 0.2987 0.3240 -0.0078 -0.0232 -0.0041 216 THR A CA  
550 C C   . THR A 71 ? 0.3344 0.2983 0.3196 -0.0103 -0.0271 -0.0081 216 THR A C   
551 O O   . THR A 71 ? 0.3574 0.3151 0.3441 -0.0014 -0.0284 -0.0010 216 THR A O   
552 C CB  . THR A 71 ? 0.3275 0.2976 0.3299 -0.0110 -0.0222 -0.0044 216 THR A CB  
553 O OG1 . THR A 71 ? 0.3444 0.3166 0.3537 -0.0192 -0.0142 -0.0024 216 THR A OG1 
554 C CG2 . THR A 71 ? 0.3631 0.3242 0.3597 -0.0039 -0.0198 -0.0066 216 THR A CG2 
555 N N   . ALA A 72 ? 0.3355 0.2948 0.3065 -0.0115 -0.0295 -0.0137 217 ALA A N   
556 C CA  . ALA A 72 ? 0.3347 0.2942 0.3094 -0.0091 -0.0315 -0.0133 217 ALA A CA  
557 C C   . ALA A 72 ? 0.3383 0.2973 0.3153 -0.0059 -0.0285 -0.0124 217 ALA A C   
558 O O   . ALA A 72 ? 0.3490 0.2924 0.3098 -0.0089 -0.0412 -0.0243 217 ALA A O   
559 C CB  . ALA A 72 ? 0.3472 0.3025 0.3237 -0.0100 -0.0189 -0.0113 217 ALA A CB  
560 N N   . CYS A 73 ? 0.3385 0.2811 0.3065 -0.0034 -0.0305 -0.0056 218 CYS A N   
561 C CA  . CYS A 73 ? 0.3451 0.2760 0.3131 -0.0062 -0.0303 -0.0049 218 CYS A CA  
562 C C   . CYS A 73 ? 0.3502 0.2915 0.3246 -0.0045 -0.0248 0.0053  218 CYS A C   
563 O O   . CYS A 73 ? 0.3393 0.2639 0.3183 -0.0082 -0.0373 0.0172  218 CYS A O   
564 C CB  . CYS A 73 ? 0.3420 0.2620 0.3082 -0.0020 -0.0295 -0.0083 218 CYS A CB  
565 S SG  . CYS A 73 ? 0.3797 0.2143 0.2839 0.0313  -0.0358 -0.0218 218 CYS A SG  
566 N N   . GLN A 74 ? 0.3589 0.3276 0.3399 -0.0070 -0.0231 0.0080  219 GLN A N   
567 C CA  . GLN A 74 ? 0.3902 0.3702 0.3767 0.0006  -0.0157 0.0052  219 GLN A CA  
568 C C   . GLN A 74 ? 0.3822 0.3645 0.3654 0.0020  -0.0169 0.0055  219 GLN A C   
569 O O   . GLN A 74 ? 0.3935 0.3704 0.3708 0.0015  -0.0221 0.0056  219 GLN A O   
570 C CB  . GLN A 74 ? 0.3768 0.3658 0.3633 -0.0071 -0.0125 0.0074  219 GLN A CB  
571 C CG  . GLN A 74 ? 0.4110 0.4078 0.3981 0.0054  -0.0085 0.0113  219 GLN A CG  
572 C CD  . GLN A 74 ? 0.3926 0.3873 0.3661 -0.0181 -0.0090 0.0262  219 GLN A CD  
573 O OE1 . GLN A 74 ? 0.4888 0.4817 0.4850 -0.0039 -0.0074 0.0026  219 GLN A OE1 
574 N NE2 . GLN A 74 ? 0.4742 0.4669 0.4518 0.0129  -0.0126 -0.0032 219 GLN A NE2 
575 N N   . GLY A 75 ? 0.3798 0.3612 0.3682 0.0021  -0.0157 0.0095  220 GLY A N   
576 C CA  . GLY A 75 ? 0.3627 0.3450 0.3563 0.0074  -0.0118 0.0124  220 GLY A CA  
577 C C   . GLY A 75 ? 0.3588 0.3319 0.3532 0.0052  -0.0127 0.0133  220 GLY A C   
578 O O   . GLY A 75 ? 0.3524 0.3196 0.3542 0.0049  -0.0185 0.0256  220 GLY A O   
579 N N   . VAL A 76 ? 0.3454 0.3196 0.3210 0.0085  -0.0134 0.0104  221 VAL A N   
580 C CA  . VAL A 76 ? 0.3519 0.3215 0.3216 0.0097  -0.0150 0.0069  221 VAL A CA  
581 C C   . VAL A 76 ? 0.3539 0.3275 0.3260 0.0107  -0.0109 0.0013  221 VAL A C   
582 O O   . VAL A 76 ? 0.3432 0.3133 0.3172 0.0183  -0.0151 0.0037  221 VAL A O   
583 C CB  . VAL A 76 ? 0.3532 0.3208 0.3203 0.0075  -0.0129 0.0074  221 VAL A CB  
584 C CG1 . VAL A 76 ? 0.3540 0.3244 0.3282 0.0149  -0.0071 0.0081  221 VAL A CG1 
585 C CG2 . VAL A 76 ? 0.3509 0.3159 0.3042 0.0164  -0.0142 0.0056  221 VAL A CG2 
586 N N   . GLY A 77 ? 0.3567 0.3282 0.3258 0.0107  -0.0133 0.0029  222 GLY A N   
587 C CA  . GLY A 77 ? 0.3725 0.3462 0.3383 0.0111  -0.0103 0.0040  222 GLY A CA  
588 C C   . GLY A 77 ? 0.3788 0.3608 0.3528 0.0152  -0.0037 0.0037  222 GLY A C   
589 O O   . GLY A 77 ? 0.3873 0.3724 0.3544 0.0242  -0.0068 0.0056  222 GLY A O   
590 N N   . GLY A 78 ? 0.3899 0.3708 0.3659 0.0140  -0.0002 0.0078  223 GLY A N   
591 C CA  . GLY A 78 ? 0.4083 0.3860 0.3821 0.0095  0.0036  0.0052  223 GLY A CA  
592 C C   . GLY A 78 ? 0.4073 0.3885 0.3893 0.0068  0.0022  0.0018  223 GLY A C   
593 O O   . GLY A 78 ? 0.4167 0.3959 0.3979 0.0016  0.0045  0.0044  223 GLY A O   
594 N N   . PRO A 79 ? 0.4067 0.4001 0.3924 0.0019  0.0045  -0.0042 224 PRO A N   
595 C CA  . PRO A 79 ? 0.4116 0.4045 0.3998 0.0033  0.0042  -0.0075 224 PRO A CA  
596 C C   . PRO A 79 ? 0.4132 0.4051 0.4016 0.0051  0.0084  -0.0092 224 PRO A C   
597 O O   . PRO A 79 ? 0.4128 0.4128 0.4023 0.0071  0.0089  -0.0049 224 PRO A O   
598 C CB  . PRO A 79 ? 0.4128 0.4055 0.4018 -0.0005 0.0041  -0.0087 224 PRO A CB  
599 C CG  . PRO A 79 ? 0.4072 0.4003 0.4041 0.0019  0.0009  -0.0066 224 PRO A CG  
600 C CD  . PRO A 79 ? 0.4038 0.3959 0.4000 0.0050  0.0071  -0.0052 224 PRO A CD  
601 N N   . GLY A 80 ? 0.4180 0.4025 0.3926 0.0085  0.0083  -0.0070 225 GLY A N   
602 C CA  . GLY A 80 ? 0.4320 0.4020 0.4035 0.0053  0.0047  -0.0031 225 GLY A CA  
603 C C   . GLY A 80 ? 0.4367 0.4064 0.4021 0.0050  0.0063  0.0005  225 GLY A C   
604 O O   . GLY A 80 ? 0.4422 0.3863 0.3947 0.0099  0.0023  0.0044  225 GLY A O   
605 N N   . HIS A 81 ? 0.4492 0.4098 0.4082 0.0021  0.0030  -0.0032 226 HIS A N   
606 C CA  . HIS A 81 ? 0.4551 0.4287 0.4280 -0.0022 0.0017  0.0003  226 HIS A CA  
607 C C   . HIS A 81 ? 0.4478 0.4310 0.4251 0.0005  0.0017  0.0009  226 HIS A C   
608 O O   . HIS A 81 ? 0.4459 0.4284 0.4065 0.0038  0.0017  0.0025  226 HIS A O   
609 C CB  . HIS A 81 ? 0.4667 0.4425 0.4482 -0.0026 -0.0004 -0.0027 226 HIS A CB  
610 C CG  . HIS A 81 ? 0.5093 0.4861 0.4860 -0.0043 0.0020  0.0053  226 HIS A CG  
611 N ND1 . HIS A 81 ? 0.5392 0.5089 0.5278 0.0025  0.0068  -0.0035 226 HIS A ND1 
612 C CD2 . HIS A 81 ? 0.5315 0.5046 0.5196 0.0026  0.0015  -0.0020 226 HIS A CD2 
613 C CE1 . HIS A 81 ? 0.5492 0.5338 0.5430 0.0001  0.0047  0.0001  226 HIS A CE1 
614 N NE2 . HIS A 81 ? 0.5545 0.5348 0.5502 -0.0001 0.0018  0.0029  226 HIS A NE2 
615 N N   . LYS A 82 ? 0.4449 0.4303 0.4201 0.0022  0.0021  0.0031  227 LYS A N   
616 C CA  . LYS A 82 ? 0.4532 0.4499 0.4342 0.0040  0.0018  0.0038  227 LYS A CA  
617 C C   . LYS A 82 ? 0.4704 0.4613 0.4456 0.0055  0.0009  0.0056  227 LYS A C   
618 O O   . LYS A 82 ? 0.4695 0.4464 0.4362 0.0106  0.0016  0.0103  227 LYS A O   
619 C CB  . LYS A 82 ? 0.4467 0.4453 0.4256 0.0087  -0.0025 0.0039  227 LYS A CB  
620 C CG  . LYS A 82 ? 0.4480 0.4506 0.4321 0.0045  -0.0030 0.0004  227 LYS A CG  
621 C CD  . LYS A 82 ? 0.4424 0.4473 0.4213 0.0080  -0.0025 0.0051  227 LYS A CD  
622 C CE  . LYS A 82 ? 0.4543 0.4613 0.4319 0.0086  -0.0005 0.0002  227 LYS A CE  
623 N NZ  . LYS A 82 ? 0.4660 0.4607 0.4537 0.0154  0.0002  -0.0014 227 LYS A NZ  
624 N N   . ALA A 83 ? 0.4949 0.4957 0.4758 0.0046  0.0014  0.0060  228 ALA A N   
625 C CA  . ALA A 83 ? 0.5250 0.5230 0.5149 0.0051  0.0009  0.0019  228 ALA A CA  
626 C C   . ALA A 83 ? 0.5457 0.5464 0.5333 0.0041  0.0015  0.0051  228 ALA A C   
627 O O   . ALA A 83 ? 0.5502 0.5510 0.5404 0.0056  0.0000  0.0009  228 ALA A O   
628 C CB  . ALA A 83 ? 0.5222 0.5261 0.5116 0.0027  0.0037  0.0036  228 ALA A CB  
629 N N   . ILE B 1  ? 0.2995 0.2719 0.3130 0.0006  0.0177  -0.0118 1   ILE T N   
630 C CA  . ILE B 1  ? 0.2999 0.2804 0.3148 0.0003  0.0126  -0.0102 1   ILE T CA  
631 C C   . ILE B 1  ? 0.2922 0.2810 0.3053 -0.0019 0.0173  -0.0094 1   ILE T C   
632 O O   . ILE B 1  ? 0.2885 0.2757 0.3005 0.0052  0.0235  -0.0075 1   ILE T O   
633 C CB  . ILE B 1  ? 0.3089 0.2973 0.3217 -0.0029 0.0106  -0.0108 1   ILE T CB  
634 C CG1 . ILE B 1  ? 0.3294 0.3206 0.3244 -0.0018 0.0035  -0.0041 1   ILE T CG1 
635 C CG2 . ILE B 1  ? 0.3306 0.3025 0.3476 -0.0081 -0.0017 -0.0083 1   ILE T CG2 
636 C CD1 . ILE B 1  ? 0.3655 0.3975 0.3610 0.0095  0.0034  0.0007  1   ILE T CD1 
637 N N   . THR B 2  ? 0.2891 0.2712 0.2885 0.0040  0.0174  -0.0044 2   THR T N   
638 C CA  . THR B 2  ? 0.2859 0.2786 0.2912 -0.0021 0.0205  -0.0024 2   THR T CA  
639 C C   . THR B 2  ? 0.2714 0.2702 0.2816 -0.0019 0.0200  0.0023  2   THR T C   
640 O O   . THR B 2  ? 0.2415 0.2571 0.2890 -0.0080 0.0288  0.0066  2   THR T O   
641 C CB  . THR B 2  ? 0.3061 0.2963 0.2905 -0.0040 0.0104  0.0057  2   THR T CB  
642 O OG1 . THR B 2  ? 0.3074 0.3063 0.3021 0.0043  0.0143  0.0143  2   THR T OG1 
643 C CG2 . THR B 2  ? 0.3282 0.3103 0.2981 -0.0052 0.0223  -0.0021 2   THR T CG2 
644 N N   . PHE B 3  ? 0.2575 0.2546 0.2640 -0.0066 0.0233  -0.0043 3   PHE T N   
645 C CA  . PHE B 3  ? 0.2460 0.2611 0.2631 -0.0007 0.0129  0.0006  3   PHE T CA  
646 C C   . PHE B 3  ? 0.2424 0.2705 0.2609 0.0013  0.0054  0.0016  3   PHE T C   
647 O O   . PHE B 3  ? 0.2273 0.2645 0.2658 0.0075  0.0053  0.0151  3   PHE T O   
648 C CB  . PHE B 3  ? 0.2510 0.2734 0.2718 -0.0062 0.0070  -0.0103 3   PHE T CB  
649 C CG  . PHE B 3  ? 0.2606 0.2726 0.2697 -0.0069 0.0085  -0.0067 3   PHE T CG  
650 C CD1 . PHE B 3  ? 0.2607 0.2984 0.2721 -0.0011 0.0083  0.0028  3   PHE T CD1 
651 C CD2 . PHE B 3  ? 0.2801 0.3094 0.2870 0.0136  0.0073  -0.0038 3   PHE T CD2 
652 C CE1 . PHE B 3  ? 0.2815 0.3033 0.2897 0.0070  -0.0039 -0.0083 3   PHE T CE1 
653 C CE2 . PHE B 3  ? 0.3000 0.3189 0.2997 0.0257  0.0046  -0.0109 3   PHE T CE2 
654 C CZ  . PHE B 3  ? 0.2864 0.2973 0.2811 0.0048  0.0015  -0.0162 3   PHE T CZ  
655 N N   . GLU B 4  ? 0.2513 0.2693 0.2601 0.0025  0.0034  0.0085  4   GLU T N   
656 C CA  . GLU B 4  ? 0.2518 0.2779 0.2597 0.0056  -0.0064 0.0122  4   GLU T CA  
657 C C   . GLU B 4  ? 0.2474 0.2779 0.2475 -0.0006 -0.0049 0.0131  4   GLU T C   
658 O O   . GLU B 4  ? 0.2511 0.2798 0.2616 0.0067  0.0054  0.0132  4   GLU T O   
659 C CB  . GLU B 4  ? 0.2717 0.2964 0.2637 0.0043  -0.0041 0.0144  4   GLU T CB  
660 C CG  . GLU B 4  ? 0.3071 0.3104 0.3017 0.0005  -0.0126 0.0115  4   GLU T CG  
661 C CD  . GLU B 4  ? 0.3313 0.3784 0.3314 0.0053  -0.0132 0.0357  4   GLU T CD  
662 O OE1 . GLU B 4  ? 0.3758 0.4182 0.3924 0.0015  -0.0027 0.0125  4   GLU T OE1 
663 O OE2 . GLU B 4  ? 0.2972 0.3729 0.3663 0.0102  -0.0093 0.0237  4   GLU T OE2 
664 N N   . ASP B 5  ? 0.2452 0.2581 0.2340 -0.0006 -0.0066 0.0139  5   ASP T N   
665 C CA  . ASP B 5  ? 0.2427 0.2621 0.2274 -0.0071 -0.0086 0.0152  5   ASP T CA  
666 C C   . ASP B 5  ? 0.2380 0.2605 0.2257 -0.0079 -0.0075 0.0191  5   ASP T C   
667 O O   . ASP B 5  ? 0.2388 0.2781 0.2382 -0.0165 -0.0086 0.0242  5   ASP T O   
668 C CB  . ASP B 5  ? 0.2613 0.2744 0.2178 -0.0148 -0.0066 0.0109  5   ASP T CB  
669 C CG  . ASP B 5  ? 0.2627 0.2882 0.2351 -0.0004 -0.0132 0.0079  5   ASP T CG  
670 O OD1 . ASP B 5  ? 0.2663 0.3182 0.2037 -0.0135 -0.0274 0.0032  5   ASP T OD1 
671 O OD2 . ASP B 5  ? 0.2566 0.2900 0.2226 -0.0242 -0.0054 0.0155  5   ASP T OD2 
672 N N   . LEU B 6  ? 0.2298 0.2523 0.2073 -0.0052 -0.0037 0.0083  6   LEU T N   
673 C CA  . LEU B 6  ? 0.2260 0.2574 0.2140 0.0024  0.0082  0.0146  6   LEU T CA  
674 C C   . LEU B 6  ? 0.2331 0.2687 0.2215 0.0049  0.0117  0.0104  6   LEU T C   
675 O O   . LEU B 6  ? 0.2538 0.2867 0.2247 -0.0011 0.0154  0.0222  6   LEU T O   
676 C CB  . LEU B 6  ? 0.2228 0.2506 0.2013 0.0019  0.0007  0.0022  6   LEU T CB  
677 C CG  . LEU B 6  ? 0.2255 0.2437 0.2252 0.0086  0.0060  0.0084  6   LEU T CG  
678 C CD1 . LEU B 6  ? 0.2313 0.2552 0.2307 -0.0104 0.0131  0.0015  6   LEU T CD1 
679 C CD2 . LEU B 6  ? 0.2545 0.2506 0.2847 0.0076  0.0110  0.0075  6   LEU T CD2 
680 N N   . LEU B 7  ? 0.2398 0.2779 0.2369 0.0087  0.0232  0.0120  7   LEU T N   
681 C CA  . LEU B 7  ? 0.2545 0.2950 0.2666 0.0141  0.0199  0.0111  7   LEU T CA  
682 C C   . LEU B 7  ? 0.2702 0.3127 0.2797 0.0108  0.0163  0.0112  7   LEU T C   
683 O O   . LEU B 7  ? 0.2587 0.3321 0.2678 0.0154  0.0263  0.0119  7   LEU T O   
684 C CB  . LEU B 7  ? 0.2456 0.2940 0.2751 0.0178  0.0132  0.0119  7   LEU T CB  
685 C CG  . LEU B 7  ? 0.2734 0.3033 0.2844 0.0089  0.0136  0.0009  7   LEU T CG  
686 C CD1 . LEU B 7  ? 0.2871 0.3159 0.3207 0.0039  0.0179  0.0106  7   LEU T CD1 
687 C CD2 . LEU B 7  ? 0.2563 0.3062 0.2924 0.0051  0.0024  -0.0065 7   LEU T CD2 
688 N N   . ASP B 8  ? 0.2733 0.3153 0.2915 0.0086  0.0112  0.0114  8   ASP T N   
689 C CA  . ASP B 8  ? 0.2927 0.3368 0.3166 0.0028  0.0060  0.0127  8   ASP T CA  
690 C C   . ASP B 8  ? 0.2921 0.3370 0.3189 0.0031  0.0057  0.0144  8   ASP T C   
691 O O   . ASP B 8  ? 0.2815 0.3694 0.3318 -0.0035 0.0038  0.0200  8   ASP T O   
692 C CB  . ASP B 8  ? 0.3050 0.3459 0.3243 0.0051  0.0098  0.0125  8   ASP T CB  
693 C CG  . ASP B 8  ? 0.3426 0.3712 0.3489 0.0086  0.0034  0.0120  8   ASP T CG  
694 O OD1 . ASP B 8  ? 0.3490 0.3860 0.3599 0.0190  0.0132  0.0359  8   ASP T OD1 
695 O OD2 . ASP B 8  ? 0.3763 0.4325 0.3686 0.0087  -0.0185 0.0225  8   ASP T OD2 
696 N N   . TYR B 9  ? 0.2808 0.3363 0.3152 -0.0013 -0.0059 0.0193  9   TYR T N   
697 C CA  . TYR B 9  ? 0.2880 0.3289 0.3075 0.0004  -0.0034 0.0144  9   TYR T CA  
698 C C   . TYR B 9  ? 0.2928 0.3332 0.3048 0.0008  -0.0028 0.0141  9   TYR T C   
699 O O   . TYR B 9  ? 0.2902 0.3321 0.2811 -0.0146 -0.0074 0.0167  9   TYR T O   
700 C CB  . TYR B 9  ? 0.2916 0.3296 0.3132 0.0060  -0.0001 0.0141  9   TYR T CB  
701 C CG  . TYR B 9  ? 0.3104 0.3317 0.3088 -0.0030 -0.0039 0.0168  9   TYR T CG  
702 C CD1 . TYR B 9  ? 0.3197 0.3163 0.3102 0.0066  -0.0119 0.0138  9   TYR T CD1 
703 C CD2 . TYR B 9  ? 0.3072 0.3302 0.2982 0.0085  -0.0031 0.0109  9   TYR T CD2 
704 C CE1 . TYR B 9  ? 0.3546 0.3374 0.3374 0.0038  -0.0164 0.0044  9   TYR T CE1 
705 C CE2 . TYR B 9  ? 0.3248 0.3161 0.2918 0.0049  0.0008  0.0148  9   TYR T CE2 
706 C CZ  . TYR B 9  ? 0.3396 0.3329 0.3325 0.0115  -0.0114 0.0136  9   TYR T CZ  
707 O OH  . TYR B 9  ? 0.3594 0.3460 0.3495 0.0170  -0.0123 0.0213  9   TYR T OH  
708 N N   . TYR B 10 ? 0.3005 0.3307 0.3048 -0.0015 -0.0003 0.0136  10  TYR T N   
709 C CA  . TYR B 10 ? 0.3287 0.3508 0.3204 0.0005  0.0020  0.0079  10  TYR T CA  
710 C C   . TYR B 10 ? 0.3561 0.3824 0.3495 0.0058  0.0072  0.0032  10  TYR T C   
711 O O   . TYR B 10 ? 0.3635 0.3849 0.3370 0.0091  -0.0001 0.0007  10  TYR T O   
712 C CB  . TYR B 10 ? 0.3108 0.3454 0.3101 0.0025  0.0049  0.0116  10  TYR T CB  
713 C CG  . TYR B 10 ? 0.2965 0.3146 0.2917 -0.0071 0.0055  0.0121  10  TYR T CG  
714 C CD1 . TYR B 10 ? 0.2652 0.2966 0.2702 -0.0173 0.0003  -0.0003 10  TYR T CD1 
715 C CD2 . TYR B 10 ? 0.2816 0.3033 0.2854 -0.0044 -0.0019 0.0125  10  TYR T CD2 
716 C CE1 . TYR B 10 ? 0.2746 0.2990 0.2951 -0.0140 -0.0129 0.0138  10  TYR T CE1 
717 C CE2 . TYR B 10 ? 0.2655 0.3017 0.2805 0.0019  0.0033  0.0224  10  TYR T CE2 
718 C CZ  . TYR B 10 ? 0.2932 0.3106 0.2895 -0.0078 0.0060  0.0145  10  TYR T CZ  
719 O OH  . TYR B 10 ? 0.2878 0.3330 0.2896 -0.0034 0.0013  0.0194  10  TYR T OH  
720 N N   . GLY B 11 ? 0.3952 0.4200 0.3831 0.0133  0.0048  0.0043  11  GLY T N   
721 C CA  . GLY B 11 ? 0.4429 0.4620 0.4393 0.0128  0.0048  0.0011  11  GLY T CA  
722 C C   . GLY B 11 ? 0.4729 0.4886 0.4781 0.0048  0.0044  0.0019  11  GLY T C   
723 O O   . GLY B 11 ? 0.4731 0.4930 0.4806 0.0049  0.0059  -0.0016 11  GLY T O   
724 O O   . HOH C .  ? 0.2490 0.2437 0.2551 0.0109  0.0140  0.0214  1   HOH A O   
725 O O   . HOH C .  ? 0.2678 0.2753 0.2358 0.0205  0.0181  0.0304  2   HOH A O   
726 O O   . HOH C .  ? 0.2547 0.2136 0.2384 0.0029  -0.0344 -0.0093 3   HOH A O   
727 O O   . HOH C .  ? 0.2798 0.3428 0.2958 0.0035  0.0178  0.0088  4   HOH A O   
728 O O   . HOH C .  ? 0.2589 0.3040 0.2505 0.0186  -0.0110 -0.0196 5   HOH A O   
729 O O   . HOH C .  ? 0.2104 0.2858 0.2998 0.0203  0.0505  0.0159  6   HOH A O   
730 O O   . HOH C .  ? 0.1781 0.2836 0.2638 0.0232  0.0052  -0.0008 7   HOH A O   
731 O O   . HOH C .  ? 0.2307 0.2602 0.2723 0.0132  -0.0073 -0.0136 8   HOH A O   
732 O O   . HOH C .  ? 0.3274 0.2993 0.2936 0.0426  -0.0076 -0.0395 9   HOH A O   
733 O O   . HOH C .  ? 0.2701 0.3613 0.3168 0.0188  -0.0008 0.0212  10  HOH A O   
734 O O   . HOH C .  ? 0.2782 0.3102 0.3392 -0.0181 0.0041  0.0261  11  HOH A O   
735 O O   . HOH C .  ? 0.3575 0.3386 0.3033 0.0215  0.0314  0.0006  13  HOH A O   
736 O O   . HOH C .  ? 0.3290 0.2979 0.3718 -0.0252 -0.0140 0.0138  14  HOH A O   
737 O O   . HOH C .  ? 0.3021 0.3423 0.2997 0.0213  -0.0117 -0.0114 15  HOH A O   
738 O O   . HOH C .  ? 0.3440 0.2643 0.2723 0.0260  -0.0242 -0.0306 16  HOH A O   
739 O O   . HOH C .  ? 0.3294 0.2735 0.3318 0.0212  0.0385  0.0006  17  HOH A O   
740 O O   . HOH C .  ? 0.3160 0.2993 0.3209 0.0413  -0.0362 -0.0025 18  HOH A O   
741 O O   . HOH C .  ? 0.3353 0.3169 0.3133 -0.0058 -0.0138 -0.0565 19  HOH A O   
742 O O   . HOH C .  ? 0.4146 0.3046 0.3743 0.0381  0.0460  -0.0290 20  HOH A O   
743 O O   . HOH C .  ? 0.4267 0.4488 0.4189 0.0093  0.0130  0.0233  21  HOH A O   
744 O O   . HOH C .  ? 0.3459 0.2452 0.2882 -0.0300 -0.0433 0.0021  22  HOH A O   
745 O O   . HOH C .  ? 0.4298 0.3209 0.3539 -0.0108 -0.0255 0.0338  23  HOH A O   
746 O O   . HOH C .  ? 0.4583 0.3811 0.4096 0.0105  -0.0049 -0.0045 24  HOH A O   
747 O O   . HOH C .  ? 0.3702 0.3195 0.4105 -0.0412 -0.0127 -0.0105 25  HOH A O   
748 O O   . HOH C .  ? 0.4437 0.3400 0.4283 0.0008  -0.0160 -0.0174 27  HOH A O   
749 O O   . HOH C .  ? 0.3173 0.3515 0.3369 0.0212  -0.0521 0.0584  28  HOH A O   
750 O O   . HOH C .  ? 0.3673 0.3582 0.3385 -0.0410 -0.0250 0.0312  29  HOH A O   
751 O O   . HOH C .  ? 0.3692 0.3534 0.4202 0.0155  -0.0123 0.0288  31  HOH A O   
752 O O   . HOH C .  ? 0.4375 0.4571 0.4712 -0.0015 -0.0175 0.0205  32  HOH A O   
753 O O   . HOH C .  ? 0.4526 0.4888 0.4565 0.0123  0.0248  0.0129  33  HOH A O   
754 O O   . HOH C .  ? 0.4600 0.4993 0.4999 -0.0084 -0.0229 0.0072  34  HOH A O   
755 O O   . HOH C .  ? 0.4211 0.4198 0.4012 0.0350  0.0127  -0.0090 35  HOH A O   
756 O O   . HOH C .  ? 0.3958 0.3476 0.3505 -0.0069 0.0125  0.0076  36  HOH A O   
757 O O   . HOH C .  ? 0.5846 0.5925 0.5837 0.0064  0.0053  -0.0079 37  HOH A O   
758 O O   . HOH C .  ? 0.5231 0.5006 0.5311 -0.0035 -0.0007 -0.0096 40  HOH A O   
759 O O   . HOH C .  ? 0.4216 0.3667 0.3600 -0.0225 -0.0308 -0.0168 41  HOH A O   
760 O O   . HOH C .  ? 0.5145 0.4817 0.4567 0.0005  -0.0053 -0.0137 42  HOH A O   
761 O O   . HOH C .  ? 0.3551 0.3441 0.3129 -0.0181 -0.0197 0.0352  43  HOH A O   
762 O O   . HOH C .  ? 0.4879 0.4847 0.4777 0.0083  -0.0144 0.0058  44  HOH A O   
763 O O   . HOH C .  ? 0.5433 0.5406 0.5417 0.0150  0.0043  0.0027  45  HOH A O   
764 O O   . HOH C .  ? 0.4746 0.4438 0.4663 -0.0050 -0.0039 -0.0301 46  HOH A O   
765 O O   . HOH C .  ? 0.3732 0.3048 0.3318 0.0330  0.0121  -0.0177 47  HOH A O   
766 O O   . HOH C .  ? 0.3601 0.3360 0.4088 -0.0018 0.0130  -0.0230 48  HOH A O   
767 O O   . HOH C .  ? 0.2854 0.4110 0.4000 0.0189  0.0247  0.0297  49  HOH A O   
768 O O   . HOH C .  ? 0.3838 0.3727 0.4574 -0.0176 -0.0081 -0.0008 50  HOH A O   
769 O O   . HOH C .  ? 0.3004 0.3976 0.4205 0.0481  0.0409  -0.0273 52  HOH A O   
770 O O   . HOH C .  ? 0.4341 0.4428 0.4262 0.0197  0.0152  -0.0054 53  HOH A O   
771 O O   . HOH C .  ? 0.4393 0.4531 0.4458 0.0275  0.0067  -0.0101 55  HOH A O   
772 O O   . HOH C .  ? 0.4439 0.4056 0.4283 0.0129  0.0146  0.0132  56  HOH A O   
773 O O   . HOH C .  ? 0.3304 0.3671 0.3686 0.0240  0.0525  -0.0524 57  HOH A O   
774 O O   . HOH C .  ? 0.4811 0.5025 0.4757 -0.0200 0.0019  -0.0067 58  HOH A O   
775 O O   . HOH C .  ? 0.4515 0.4565 0.4507 0.0206  0.0060  0.0324  59  HOH A O   
776 O O   . HOH C .  ? 0.4605 0.4344 0.4351 -0.0005 -0.0104 -0.0141 60  HOH A O   
777 O O   . HOH C .  ? 0.5489 0.5340 0.5673 -0.0042 -0.0066 0.0042  61  HOH A O   
778 O O   . HOH C .  ? 0.4169 0.4249 0.4356 0.0244  0.0052  -0.0047 62  HOH A O   
779 O O   . HOH C .  ? 0.4558 0.4497 0.4568 -0.0032 0.0153  -0.0123 63  HOH A O   
780 O O   . HOH C .  ? 0.6126 0.6182 0.6254 0.0038  -0.0005 -0.0093 65  HOH A O   
781 O O   . HOH C .  ? 0.6827 0.6869 0.6924 -0.0015 0.0020  -0.0045 66  HOH A O   
782 O O   . HOH C .  ? 0.4600 0.4762 0.4401 0.0095  -0.0252 0.0174  67  HOH A O   
783 O O   . HOH C .  ? 0.4757 0.4000 0.4399 -0.0223 -0.0131 -0.0140 68  HOH A O   
784 O O   . HOH C .  ? 0.4963 0.4581 0.4670 -0.0163 -0.0229 0.0006  69  HOH A O   
785 O O   . HOH C .  ? 0.4193 0.4815 0.4671 0.0083  -0.0056 0.0003  70  HOH A O   
786 O O   . HOH C .  ? 0.4095 0.4083 0.4504 0.0047  0.0137  0.0282  71  HOH A O   
787 O O   . HOH C .  ? 0.4649 0.4585 0.4465 -0.0043 -0.0176 0.0064  72  HOH A O   
788 O O   . HOH C .  ? 0.4718 0.5081 0.5207 0.0175  0.0086  0.0023  73  HOH A O   
789 O O   . HOH C .  ? 0.5887 0.6023 0.5653 0.0116  -0.0081 0.0185  74  HOH A O   
790 O O   . HOH C .  ? 0.5541 0.5231 0.5377 -0.0048 -0.0114 0.0177  75  HOH A O   
791 O O   . HOH C .  ? 0.5343 0.5325 0.5521 0.0032  0.0064  0.0022  77  HOH A O   
792 O O   . HOH C .  ? 0.4158 0.5014 0.4545 0.0270  -0.0081 0.0182  82  HOH A O   
793 O O   . HOH C .  ? 0.4555 0.4776 0.4642 -0.0012 0.0145  0.0193  83  HOH A O   
794 O O   . HOH C .  ? 0.5343 0.5427 0.5529 -0.0040 -0.0046 0.0212  85  HOH A O   
795 O O   . HOH C .  ? 0.5064 0.5057 0.5193 0.0056  -0.0118 -0.0060 86  HOH A O   
796 O O   . HOH C .  ? 0.3694 0.4182 0.4436 -0.0164 0.0223  -0.0407 87  HOH A O   
797 O O   . HOH C .  ? 0.5532 0.5504 0.5497 0.0027  0.0003  -0.0010 88  HOH A O   
798 O O   . HOH C .  ? 0.5964 0.5954 0.6040 0.0057  0.0091  -0.0070 90  HOH A O   
799 O O   . HOH C .  ? 0.5449 0.4768 0.5011 0.0161  -0.0032 0.0150  92  HOH A O   
800 O O   . HOH C .  ? 0.5712 0.5884 0.5876 0.0024  -0.0062 -0.0094 94  HOH A O   
801 O O   . HOH C .  ? 0.4958 0.5288 0.5177 0.0118  0.0109  -0.0110 95  HOH A O   
802 O O   . HOH C .  ? 0.5736 0.5784 0.5808 0.0181  0.0034  -0.0006 96  HOH A O   
803 O O   . HOH C .  ? 0.4896 0.5081 0.4824 0.0044  -0.0435 0.0224  97  HOH A O   
804 O O   . HOH D .  ? 0.2880 0.3305 0.3321 0.0191  0.0027  0.0198  13  HOH T O   
805 O O   . HOH D .  ? 0.3659 0.3556 0.3634 -0.0118 -0.0243 0.0655  14  HOH T O   
806 O O   . HOH D .  ? 0.4248 0.3305 0.3595 -0.0408 -0.0340 -0.0115 15  HOH T O   
807 O O   . HOH D .  ? 0.4750 0.4803 0.4653 0.0070  -0.0004 0.0195  16  HOH T O   
808 O O   . HOH D .  ? 0.4348 0.4310 0.3974 -0.0015 0.0074  0.0099  17  HOH T O   
809 O O   . HOH D .  ? 0.4507 0.4151 0.4426 -0.0054 -0.0111 -0.0081 18  HOH T O   
810 O O   . HOH D .  ? 0.5627 0.5362 0.5651 -0.0063 -0.0116 -0.0061 19  HOH T O   
# 
loop_
_pdbx_poly_seq_scheme.asym_id 
_pdbx_poly_seq_scheme.entity_id 
_pdbx_poly_seq_scheme.seq_id 
_pdbx_poly_seq_scheme.mon_id 
_pdbx_poly_seq_scheme.ndb_seq_num 
_pdbx_poly_seq_scheme.pdb_seq_num 
_pdbx_poly_seq_scheme.auth_seq_num 
_pdbx_poly_seq_scheme.pdb_mon_id 
_pdbx_poly_seq_scheme.auth_mon_id 
_pdbx_poly_seq_scheme.pdb_strand_id 
_pdbx_poly_seq_scheme.pdb_ins_code 
_pdbx_poly_seq_scheme.hetero 
A 1 1  SER 1  146 ?   ?   ?   A . n 
A 1 2  PRO 2  147 ?   ?   ?   A . n 
A 1 3  THR 3  148 148 THR THR A . n 
A 1 4  SER 4  149 149 SER SER A . n 
A 1 5  ILE 5  150 150 ILE ILE A . n 
A 1 6  LEU 6  151 151 LEU LEU A . n 
A 1 7  ASP 7  152 152 ASP ASP A . n 
A 1 8  ILE 8  153 153 ILE ILE A . n 
A 1 9  ARG 9  154 154 ARG ARG A . n 
A 1 10 GLN 10 155 155 GLN GLN A . n 
A 1 11 GLY 11 156 156 GLY GLY A . n 
A 1 12 PRO 12 157 157 PRO PRO A . n 
A 1 13 LYS 13 158 158 LYS LYS A . n 
A 1 14 GLU 14 159 159 GLU GLU A . n 
A 1 15 PRO 15 160 160 PRO PRO A . n 
A 1 16 PHE 16 161 161 PHE PHE A . n 
A 1 17 ARG 17 162 162 ARG ARG A . n 
A 1 18 ASP 18 163 163 ASP ASP A . n 
A 1 19 TYR 19 164 164 TYR TYR A . n 
A 1 20 VAL 20 165 165 VAL VAL A . n 
A 1 21 ASP 21 166 166 ASP ASP A . n 
A 1 22 ARG 22 167 167 ARG ARG A . n 
A 1 23 PHE 23 168 168 PHE PHE A . n 
A 1 24 TYR 24 169 169 TYR TYR A . n 
A 1 25 LYS 25 170 170 LYS LYS A . n 
A 1 26 THR 26 171 171 THR THR A . n 
A 1 27 LEU 27 172 172 LEU LEU A . n 
A 1 28 ARG 28 173 173 ARG ARG A . n 
A 1 29 ALA 29 174 174 ALA ALA A . n 
A 1 30 GLU 30 175 175 GLU GLU A . n 
A 1 31 GLN 31 176 176 GLN GLN A . n 
A 1 32 ALA 32 177 177 ALA ALA A . n 
A 1 33 SER 33 178 178 SER SER A . n 
A 1 34 GLN 34 179 179 GLN GLN A . n 
A 1 35 GLU 35 180 180 GLU GLU A . n 
A 1 36 VAL 36 181 181 VAL VAL A . n 
A 1 37 LYS 37 182 182 LYS LYS A . n 
A 1 38 ASN 38 183 183 ASN ASN A . n 
A 1 39 TRP 39 184 184 TRP TRP A . n 
A 1 40 MET 40 185 185 MET MET A . n 
A 1 41 THR 41 186 186 THR THR A . n 
A 1 42 ALA 42 187 187 ALA ALA A . n 
A 1 43 THR 43 188 188 THR THR A . n 
A 1 44 LEU 44 189 189 LEU LEU A . n 
A 1 45 LEU 45 190 190 LEU LEU A . n 
A 1 46 VAL 46 191 191 VAL VAL A . n 
A 1 47 GLN 47 192 192 GLN GLN A . n 
A 1 48 ASN 48 193 193 ASN ASN A . n 
A 1 49 ALA 49 194 194 ALA ALA A . n 
A 1 50 ASN 50 195 195 ASN ASN A . n 
A 1 51 PRO 51 196 196 PRO PRO A . n 
A 1 52 ASP 52 197 197 ASP ASP A . n 
A 1 53 CYS 53 198 198 CYS CYS A . n 
A 1 54 LYS 54 199 199 LYS LYS A . n 
A 1 55 THR 55 200 200 THR THR A . n 
A 1 56 ILE 56 201 201 ILE ILE A . n 
A 1 57 LEU 57 202 202 LEU LEU A . n 
A 1 58 LYS 58 203 203 LYS LYS A . n 
A 1 59 ALA 59 204 204 ALA ALA A . n 
A 1 60 LEU 60 205 205 LEU LEU A . n 
A 1 61 GLY 61 206 206 GLY GLY A . n 
A 1 62 PRO 62 207 207 PRO PRO A . n 
A 1 63 GLY 63 208 208 GLY GLY A . n 
A 1 64 ALA 64 209 209 ALA ALA A . n 
A 1 65 THR 65 210 210 THR THR A . n 
A 1 66 LEU 66 211 211 LEU LEU A . n 
A 1 67 GLU 67 212 212 GLU GLU A . n 
A 1 68 GLU 68 213 213 GLU GLU A . n 
A 1 69 MET 69 214 214 MET MET A . n 
A 1 70 MET 70 215 215 MET MET A . n 
A 1 71 THR 71 216 216 THR THR A . n 
A 1 72 ALA 72 217 217 ALA ALA A . n 
A 1 73 CYS 73 218 218 CYS CYS A . n 
A 1 74 GLN 74 219 219 GLN GLN A . n 
A 1 75 GLY 75 220 220 GLY GLY A . n 
A 1 76 VAL 76 221 221 VAL VAL A . n 
A 1 77 GLY 77 222 222 GLY GLY A . n 
A 1 78 GLY 78 223 223 GLY GLY A . n 
A 1 79 PRO 79 224 224 PRO PRO A . n 
A 1 80 GLY 80 225 225 GLY GLY A . n 
A 1 81 HIS 81 226 226 HIS HIS A . n 
A 1 82 LYS 82 227 227 LYS LYS A . n 
A 1 83 ALA 83 228 228 ALA ALA A . n 
A 1 84 ARG 84 229 ?   ?   ?   A . n 
A 1 85 VAL 85 230 ?   ?   ?   A . n 
A 1 86 LEU 86 231 ?   ?   ?   A . n 
B 2 1  ILE 1  1   1   ILE ILE T . n 
B 2 2  THR 2  2   2   THR THR T . n 
B 2 3  PHE 3  3   3   PHE PHE T . n 
B 2 4  GLU 4  4   4   GLU GLU T . n 
B 2 5  ASP 5  5   5   ASP ASP T . n 
B 2 6  LEU 6  6   6   LEU LEU T . n 
B 2 7  LEU 7  7   7   LEU LEU T . n 
B 2 8  ASP 8  8   8   ASP ASP T . n 
B 2 9  TYR 9  9   9   TYR TYR T . n 
B 2 10 TYR 10 10  10  TYR TYR T . n 
B 2 11 GLY 11 11  11  GLY GLY T . n 
B 2 12 PRO 12 12  ?   ?   ?   T . n 
# 
loop_
_pdbx_nonpoly_scheme.asym_id 
_pdbx_nonpoly_scheme.entity_id 
_pdbx_nonpoly_scheme.mon_id 
_pdbx_nonpoly_scheme.ndb_seq_num 
_pdbx_nonpoly_scheme.pdb_seq_num 
_pdbx_nonpoly_scheme.auth_seq_num 
_pdbx_nonpoly_scheme.pdb_mon_id 
_pdbx_nonpoly_scheme.auth_mon_id 
_pdbx_nonpoly_scheme.pdb_strand_id 
_pdbx_nonpoly_scheme.pdb_ins_code 
C 3 HOH 1  1  1  HOH HOH A . 
C 3 HOH 2  2  2  HOH HOH A . 
C 3 HOH 3  3  3  HOH HOH A . 
C 3 HOH 4  4  4  HOH HOH A . 
C 3 HOH 5  5  5  HOH HOH A . 
C 3 HOH 6  6  6  HOH HOH A . 
C 3 HOH 7  7  7  HOH HOH A . 
C 3 HOH 8  8  8  HOH HOH A . 
C 3 HOH 9  9  9  HOH HOH A . 
C 3 HOH 10 10 10 HOH HOH A . 
C 3 HOH 11 11 11 HOH HOH A . 
C 3 HOH 12 13 13 HOH HOH A . 
C 3 HOH 13 14 14 HOH HOH A . 
C 3 HOH 14 15 15 HOH HOH A . 
C 3 HOH 15 16 16 HOH HOH A . 
C 3 HOH 16 17 17 HOH HOH A . 
C 3 HOH 17 18 18 HOH HOH A . 
C 3 HOH 18 19 19 HOH HOH A . 
C 3 HOH 19 20 20 HOH HOH A . 
C 3 HOH 20 21 21 HOH HOH A . 
C 3 HOH 21 22 22 HOH HOH A . 
C 3 HOH 22 23 23 HOH HOH A . 
C 3 HOH 23 24 24 HOH HOH A . 
C 3 HOH 24 25 25 HOH HOH A . 
C 3 HOH 25 27 27 HOH HOH A . 
C 3 HOH 26 28 28 HOH HOH A . 
C 3 HOH 27 29 29 HOH HOH A . 
C 3 HOH 28 31 31 HOH HOH A . 
C 3 HOH 29 32 32 HOH HOH A . 
C 3 HOH 30 33 33 HOH HOH A . 
C 3 HOH 31 34 34 HOH HOH A . 
C 3 HOH 32 35 35 HOH HOH A . 
C 3 HOH 33 36 36 HOH HOH A . 
C 3 HOH 34 37 37 HOH HOH A . 
C 3 HOH 35 40 40 HOH HOH A . 
C 3 HOH 36 41 41 HOH HOH A . 
C 3 HOH 37 42 42 HOH HOH A . 
C 3 HOH 38 43 43 HOH HOH A . 
C 3 HOH 39 44 44 HOH HOH A . 
C 3 HOH 40 45 45 HOH HOH A . 
C 3 HOH 41 46 46 HOH HOH A . 
C 3 HOH 42 47 47 HOH HOH A . 
C 3 HOH 43 48 48 HOH HOH A . 
C 3 HOH 44 49 49 HOH HOH A . 
C 3 HOH 45 50 50 HOH HOH A . 
C 3 HOH 46 52 52 HOH HOH A . 
C 3 HOH 47 53 53 HOH HOH A . 
C 3 HOH 48 55 55 HOH HOH A . 
C 3 HOH 49 56 56 HOH HOH A . 
C 3 HOH 50 57 57 HOH HOH A . 
C 3 HOH 51 58 58 HOH HOH A . 
C 3 HOH 52 59 59 HOH HOH A . 
C 3 HOH 53 60 60 HOH HOH A . 
C 3 HOH 54 61 61 HOH HOH A . 
C 3 HOH 55 62 62 HOH HOH A . 
C 3 HOH 56 63 63 HOH HOH A . 
C 3 HOH 57 65 65 HOH HOH A . 
C 3 HOH 58 66 66 HOH HOH A . 
C 3 HOH 59 67 67 HOH HOH A . 
C 3 HOH 60 68 68 HOH HOH A . 
C 3 HOH 61 69 69 HOH HOH A . 
C 3 HOH 62 70 70 HOH HOH A . 
C 3 HOH 63 71 71 HOH HOH A . 
C 3 HOH 64 72 72 HOH HOH A . 
C 3 HOH 65 73 73 HOH HOH A . 
C 3 HOH 66 74 74 HOH HOH A . 
C 3 HOH 67 75 75 HOH HOH A . 
C 3 HOH 68 77 77 HOH HOH A . 
C 3 HOH 69 82 82 HOH HOH A . 
C 3 HOH 70 83 83 HOH HOH A . 
C 3 HOH 71 85 85 HOH HOH A . 
C 3 HOH 72 86 86 HOH HOH A . 
C 3 HOH 73 87 87 HOH HOH A . 
C 3 HOH 74 88 88 HOH HOH A . 
C 3 HOH 75 90 90 HOH HOH A . 
C 3 HOH 76 92 92 HOH HOH A . 
C 3 HOH 77 94 94 HOH HOH A . 
C 3 HOH 78 95 95 HOH HOH A . 
C 3 HOH 79 96 96 HOH HOH A . 
C 3 HOH 80 97 97 HOH HOH A . 
D 3 HOH 1  13 12 HOH HOH T . 
D 3 HOH 2  14 26 HOH HOH T . 
D 3 HOH 3  15 30 HOH HOH T . 
D 3 HOH 4  16 38 HOH HOH T . 
D 3 HOH 5  17 39 HOH HOH T . 
D 3 HOH 6  18 76 HOH HOH T . 
D 3 HOH 7  19 84 HOH HOH T . 
# 
loop_
_pdbx_struct_assembly.id 
_pdbx_struct_assembly.details 
_pdbx_struct_assembly.method_details 
_pdbx_struct_assembly.oligomeric_details 
_pdbx_struct_assembly.oligomeric_count 
1 software_defined_assembly PISA dimeric    2 
2 author_defined_assembly   ?    tetrameric 4 
# 
loop_
_pdbx_struct_assembly_gen.assembly_id 
_pdbx_struct_assembly_gen.oper_expression 
_pdbx_struct_assembly_gen.asym_id_list 
1 1   A,B,C,D 
2 1,2 A,B,C,D 
# 
loop_
_pdbx_struct_assembly_prop.biol_id 
_pdbx_struct_assembly_prop.type 
_pdbx_struct_assembly_prop.value 
_pdbx_struct_assembly_prop.details 
1 'ABSA (A^2)' 1190 ? 
1 MORE         -11  ? 
1 'SSA (A^2)'  5850 ? 
# 
loop_
_pdbx_struct_oper_list.id 
_pdbx_struct_oper_list.type 
_pdbx_struct_oper_list.name 
_pdbx_struct_oper_list.symmetry_operation 
_pdbx_struct_oper_list.matrix[1][1] 
_pdbx_struct_oper_list.matrix[1][2] 
_pdbx_struct_oper_list.matrix[1][3] 
_pdbx_struct_oper_list.vector[1] 
_pdbx_struct_oper_list.matrix[2][1] 
_pdbx_struct_oper_list.matrix[2][2] 
_pdbx_struct_oper_list.matrix[2][3] 
_pdbx_struct_oper_list.vector[2] 
_pdbx_struct_oper_list.matrix[3][1] 
_pdbx_struct_oper_list.matrix[3][2] 
_pdbx_struct_oper_list.matrix[3][3] 
_pdbx_struct_oper_list.vector[3] 
1 'identity operation'         1_555 x,y,z    1.0000000000  0.0000000000  0.0000000000  0.0000000000  0.0000000000  1.0000000000 0.0000000000 0.0000000000  0.0000000000  0.0000000000 1.0000000000  0.0000000000   
2 'crystal symmetry operation' 7_556 y,x,-z+1 -0.6556725030 -0.6068398927 -0.4492648589 10.8527833040 -0.6068398927 0.0694895371 0.7917806192 19.3576126778 -0.4492648589 0.7917806192 -0.4138170341 -17.8292598046 
# 
_pdbx_struct_special_symmetry.id              1 
_pdbx_struct_special_symmetry.PDB_model_num   1 
_pdbx_struct_special_symmetry.auth_asym_id    A 
_pdbx_struct_special_symmetry.auth_comp_id    HOH 
_pdbx_struct_special_symmetry.auth_seq_id     88 
_pdbx_struct_special_symmetry.PDB_ins_code    ? 
_pdbx_struct_special_symmetry.label_asym_id   C 
_pdbx_struct_special_symmetry.label_comp_id   HOH 
_pdbx_struct_special_symmetry.label_seq_id    . 
# 
loop_
_pdbx_audit_revision_history.ordinal 
_pdbx_audit_revision_history.data_content_type 
_pdbx_audit_revision_history.major_revision 
_pdbx_audit_revision_history.minor_revision 
_pdbx_audit_revision_history.revision_date 
1 'Structure model' 1 0 2008-09-02 
2 'Structure model' 1 1 2011-07-13 
3 'Structure model' 1 2 2017-10-25 
4 'Structure model' 1 3 2021-10-20 
5 'Structure model' 1 4 2023-08-30 
# 
_pdbx_audit_revision_details.ordinal             1 
_pdbx_audit_revision_details.revision_ordinal    1 
_pdbx_audit_revision_details.data_content_type   'Structure model' 
_pdbx_audit_revision_details.provider            repository 
_pdbx_audit_revision_details.type                'Initial release' 
_pdbx_audit_revision_details.description         ? 
_pdbx_audit_revision_details.details             ? 
# 
loop_
_pdbx_audit_revision_group.ordinal 
_pdbx_audit_revision_group.revision_ordinal 
_pdbx_audit_revision_group.data_content_type 
_pdbx_audit_revision_group.group 
1 2 'Structure model' 'Version format compliance' 
2 3 'Structure model' 'Refinement description'    
3 4 'Structure model' 'Database references'       
4 5 'Structure model' 'Data collection'           
5 5 'Structure model' 'Refinement description'    
# 
loop_
_pdbx_audit_revision_category.ordinal 
_pdbx_audit_revision_category.revision_ordinal 
_pdbx_audit_revision_category.data_content_type 
_pdbx_audit_revision_category.category 
1 3 'Structure model' software                      
2 4 'Structure model' database_2                    
3 4 'Structure model' struct_ref_seq_dif            
4 5 'Structure model' chem_comp_atom                
5 5 'Structure model' chem_comp_bond                
6 5 'Structure model' pdbx_initial_refinement_model 
# 
loop_
_pdbx_audit_revision_item.ordinal 
_pdbx_audit_revision_item.revision_ordinal 
_pdbx_audit_revision_item.data_content_type 
_pdbx_audit_revision_item.item 
1 3 'Structure model' '_software.name'                      
2 4 'Structure model' '_database_2.pdbx_DOI'                
3 4 'Structure model' '_database_2.pdbx_database_accession' 
4 4 'Structure model' '_struct_ref_seq_dif.details'         
# 
loop_
_software.name 
_software.classification 
_software.version 
_software.citation_id 
_software.pdbx_ordinal 
REFMAC    refinement        5.4.0073 ? 1 
RemDAq    'data collection' .        ? 2 
XDS       'data reduction'  .        ? 3 
SCALEPACK 'data scaling'    .        ? 4 
AMoRE     phasing           .        ? 5 
# 
loop_
_pdbx_unobs_or_zero_occ_residues.id 
_pdbx_unobs_or_zero_occ_residues.PDB_model_num 
_pdbx_unobs_or_zero_occ_residues.polymer_flag 
_pdbx_unobs_or_zero_occ_residues.occupancy_flag 
_pdbx_unobs_or_zero_occ_residues.auth_asym_id 
_pdbx_unobs_or_zero_occ_residues.auth_comp_id 
_pdbx_unobs_or_zero_occ_residues.auth_seq_id 
_pdbx_unobs_or_zero_occ_residues.PDB_ins_code 
_pdbx_unobs_or_zero_occ_residues.label_asym_id 
_pdbx_unobs_or_zero_occ_residues.label_comp_id 
_pdbx_unobs_or_zero_occ_residues.label_seq_id 
1 1 Y 1 A SER 146 ? A SER 1  
2 1 Y 1 A PRO 147 ? A PRO 2  
3 1 Y 1 A ARG 229 ? A ARG 84 
4 1 Y 1 A VAL 230 ? A VAL 85 
5 1 Y 1 A LEU 231 ? A LEU 86 
6 1 Y 1 T PRO 12  ? B PRO 12 
# 
loop_
_chem_comp_atom.comp_id 
_chem_comp_atom.atom_id 
_chem_comp_atom.type_symbol 
_chem_comp_atom.pdbx_aromatic_flag 
_chem_comp_atom.pdbx_stereo_config 
_chem_comp_atom.pdbx_ordinal 
ALA N    N N N 1   
ALA CA   C N S 2   
ALA C    C N N 3   
ALA O    O N N 4   
ALA CB   C N N 5   
ALA OXT  O N N 6   
ALA H    H N N 7   
ALA H2   H N N 8   
ALA HA   H N N 9   
ALA HB1  H N N 10  
ALA HB2  H N N 11  
ALA HB3  H N N 12  
ALA HXT  H N N 13  
ARG N    N N N 14  
ARG CA   C N S 15  
ARG C    C N N 16  
ARG O    O N N 17  
ARG CB   C N N 18  
ARG CG   C N N 19  
ARG CD   C N N 20  
ARG NE   N N N 21  
ARG CZ   C N N 22  
ARG NH1  N N N 23  
ARG NH2  N N N 24  
ARG OXT  O N N 25  
ARG H    H N N 26  
ARG H2   H N N 27  
ARG HA   H N N 28  
ARG HB2  H N N 29  
ARG HB3  H N N 30  
ARG HG2  H N N 31  
ARG HG3  H N N 32  
ARG HD2  H N N 33  
ARG HD3  H N N 34  
ARG HE   H N N 35  
ARG HH11 H N N 36  
ARG HH12 H N N 37  
ARG HH21 H N N 38  
ARG HH22 H N N 39  
ARG HXT  H N N 40  
ASN N    N N N 41  
ASN CA   C N S 42  
ASN C    C N N 43  
ASN O    O N N 44  
ASN CB   C N N 45  
ASN CG   C N N 46  
ASN OD1  O N N 47  
ASN ND2  N N N 48  
ASN OXT  O N N 49  
ASN H    H N N 50  
ASN H2   H N N 51  
ASN HA   H N N 52  
ASN HB2  H N N 53  
ASN HB3  H N N 54  
ASN HD21 H N N 55  
ASN HD22 H N N 56  
ASN HXT  H N N 57  
ASP N    N N N 58  
ASP CA   C N S 59  
ASP C    C N N 60  
ASP O    O N N 61  
ASP CB   C N N 62  
ASP CG   C N N 63  
ASP OD1  O N N 64  
ASP OD2  O N N 65  
ASP OXT  O N N 66  
ASP H    H N N 67  
ASP H2   H N N 68  
ASP HA   H N N 69  
ASP HB2  H N N 70  
ASP HB3  H N N 71  
ASP HD2  H N N 72  
ASP HXT  H N N 73  
CYS N    N N N 74  
CYS CA   C N R 75  
CYS C    C N N 76  
CYS O    O N N 77  
CYS CB   C N N 78  
CYS SG   S N N 79  
CYS OXT  O N N 80  
CYS H    H N N 81  
CYS H2   H N N 82  
CYS HA   H N N 83  
CYS HB2  H N N 84  
CYS HB3  H N N 85  
CYS HG   H N N 86  
CYS HXT  H N N 87  
GLN N    N N N 88  
GLN CA   C N S 89  
GLN C    C N N 90  
GLN O    O N N 91  
GLN CB   C N N 92  
GLN CG   C N N 93  
GLN CD   C N N 94  
GLN OE1  O N N 95  
GLN NE2  N N N 96  
GLN OXT  O N N 97  
GLN H    H N N 98  
GLN H2   H N N 99  
GLN HA   H N N 100 
GLN HB2  H N N 101 
GLN HB3  H N N 102 
GLN HG2  H N N 103 
GLN HG3  H N N 104 
GLN HE21 H N N 105 
GLN HE22 H N N 106 
GLN HXT  H N N 107 
GLU N    N N N 108 
GLU CA   C N S 109 
GLU C    C N N 110 
GLU O    O N N 111 
GLU CB   C N N 112 
GLU CG   C N N 113 
GLU CD   C N N 114 
GLU OE1  O N N 115 
GLU OE2  O N N 116 
GLU OXT  O N N 117 
GLU H    H N N 118 
GLU H2   H N N 119 
GLU HA   H N N 120 
GLU HB2  H N N 121 
GLU HB3  H N N 122 
GLU HG2  H N N 123 
GLU HG3  H N N 124 
GLU HE2  H N N 125 
GLU HXT  H N N 126 
GLY N    N N N 127 
GLY CA   C N N 128 
GLY C    C N N 129 
GLY O    O N N 130 
GLY OXT  O N N 131 
GLY H    H N N 132 
GLY H2   H N N 133 
GLY HA2  H N N 134 
GLY HA3  H N N 135 
GLY HXT  H N N 136 
HIS N    N N N 137 
HIS CA   C N S 138 
HIS C    C N N 139 
HIS O    O N N 140 
HIS CB   C N N 141 
HIS CG   C Y N 142 
HIS ND1  N Y N 143 
HIS CD2  C Y N 144 
HIS CE1  C Y N 145 
HIS NE2  N Y N 146 
HIS OXT  O N N 147 
HIS H    H N N 148 
HIS H2   H N N 149 
HIS HA   H N N 150 
HIS HB2  H N N 151 
HIS HB3  H N N 152 
HIS HD1  H N N 153 
HIS HD2  H N N 154 
HIS HE1  H N N 155 
HIS HE2  H N N 156 
HIS HXT  H N N 157 
HOH O    O N N 158 
HOH H1   H N N 159 
HOH H2   H N N 160 
ILE N    N N N 161 
ILE CA   C N S 162 
ILE C    C N N 163 
ILE O    O N N 164 
ILE CB   C N S 165 
ILE CG1  C N N 166 
ILE CG2  C N N 167 
ILE CD1  C N N 168 
ILE OXT  O N N 169 
ILE H    H N N 170 
ILE H2   H N N 171 
ILE HA   H N N 172 
ILE HB   H N N 173 
ILE HG12 H N N 174 
ILE HG13 H N N 175 
ILE HG21 H N N 176 
ILE HG22 H N N 177 
ILE HG23 H N N 178 
ILE HD11 H N N 179 
ILE HD12 H N N 180 
ILE HD13 H N N 181 
ILE HXT  H N N 182 
LEU N    N N N 183 
LEU CA   C N S 184 
LEU C    C N N 185 
LEU O    O N N 186 
LEU CB   C N N 187 
LEU CG   C N N 188 
LEU CD1  C N N 189 
LEU CD2  C N N 190 
LEU OXT  O N N 191 
LEU H    H N N 192 
LEU H2   H N N 193 
LEU HA   H N N 194 
LEU HB2  H N N 195 
LEU HB3  H N N 196 
LEU HG   H N N 197 
LEU HD11 H N N 198 
LEU HD12 H N N 199 
LEU HD13 H N N 200 
LEU HD21 H N N 201 
LEU HD22 H N N 202 
LEU HD23 H N N 203 
LEU HXT  H N N 204 
LYS N    N N N 205 
LYS CA   C N S 206 
LYS C    C N N 207 
LYS O    O N N 208 
LYS CB   C N N 209 
LYS CG   C N N 210 
LYS CD   C N N 211 
LYS CE   C N N 212 
LYS NZ   N N N 213 
LYS OXT  O N N 214 
LYS H    H N N 215 
LYS H2   H N N 216 
LYS HA   H N N 217 
LYS HB2  H N N 218 
LYS HB3  H N N 219 
LYS HG2  H N N 220 
LYS HG3  H N N 221 
LYS HD2  H N N 222 
LYS HD3  H N N 223 
LYS HE2  H N N 224 
LYS HE3  H N N 225 
LYS HZ1  H N N 226 
LYS HZ2  H N N 227 
LYS HZ3  H N N 228 
LYS HXT  H N N 229 
MET N    N N N 230 
MET CA   C N S 231 
MET C    C N N 232 
MET O    O N N 233 
MET CB   C N N 234 
MET CG   C N N 235 
MET SD   S N N 236 
MET CE   C N N 237 
MET OXT  O N N 238 
MET H    H N N 239 
MET H2   H N N 240 
MET HA   H N N 241 
MET HB2  H N N 242 
MET HB3  H N N 243 
MET HG2  H N N 244 
MET HG3  H N N 245 
MET HE1  H N N 246 
MET HE2  H N N 247 
MET HE3  H N N 248 
MET HXT  H N N 249 
PHE N    N N N 250 
PHE CA   C N S 251 
PHE C    C N N 252 
PHE O    O N N 253 
PHE CB   C N N 254 
PHE CG   C Y N 255 
PHE CD1  C Y N 256 
PHE CD2  C Y N 257 
PHE CE1  C Y N 258 
PHE CE2  C Y N 259 
PHE CZ   C Y N 260 
PHE OXT  O N N 261 
PHE H    H N N 262 
PHE H2   H N N 263 
PHE HA   H N N 264 
PHE HB2  H N N 265 
PHE HB3  H N N 266 
PHE HD1  H N N 267 
PHE HD2  H N N 268 
PHE HE1  H N N 269 
PHE HE2  H N N 270 
PHE HZ   H N N 271 
PHE HXT  H N N 272 
PRO N    N N N 273 
PRO CA   C N S 274 
PRO C    C N N 275 
PRO O    O N N 276 
PRO CB   C N N 277 
PRO CG   C N N 278 
PRO CD   C N N 279 
PRO OXT  O N N 280 
PRO H    H N N 281 
PRO HA   H N N 282 
PRO HB2  H N N 283 
PRO HB3  H N N 284 
PRO HG2  H N N 285 
PRO HG3  H N N 286 
PRO HD2  H N N 287 
PRO HD3  H N N 288 
PRO HXT  H N N 289 
SER N    N N N 290 
SER CA   C N S 291 
SER C    C N N 292 
SER O    O N N 293 
SER CB   C N N 294 
SER OG   O N N 295 
SER OXT  O N N 296 
SER H    H N N 297 
SER H2   H N N 298 
SER HA   H N N 299 
SER HB2  H N N 300 
SER HB3  H N N 301 
SER HG   H N N 302 
SER HXT  H N N 303 
THR N    N N N 304 
THR CA   C N S 305 
THR C    C N N 306 
THR O    O N N 307 
THR CB   C N R 308 
THR OG1  O N N 309 
THR CG2  C N N 310 
THR OXT  O N N 311 
THR H    H N N 312 
THR H2   H N N 313 
THR HA   H N N 314 
THR HB   H N N 315 
THR HG1  H N N 316 
THR HG21 H N N 317 
THR HG22 H N N 318 
THR HG23 H N N 319 
THR HXT  H N N 320 
TRP N    N N N 321 
TRP CA   C N S 322 
TRP C    C N N 323 
TRP O    O N N 324 
TRP CB   C N N 325 
TRP CG   C Y N 326 
TRP CD1  C Y N 327 
TRP CD2  C Y N 328 
TRP NE1  N Y N 329 
TRP CE2  C Y N 330 
TRP CE3  C Y N 331 
TRP CZ2  C Y N 332 
TRP CZ3  C Y N 333 
TRP CH2  C Y N 334 
TRP OXT  O N N 335 
TRP H    H N N 336 
TRP H2   H N N 337 
TRP HA   H N N 338 
TRP HB2  H N N 339 
TRP HB3  H N N 340 
TRP HD1  H N N 341 
TRP HE1  H N N 342 
TRP HE3  H N N 343 
TRP HZ2  H N N 344 
TRP HZ3  H N N 345 
TRP HH2  H N N 346 
TRP HXT  H N N 347 
TYR N    N N N 348 
TYR CA   C N S 349 
TYR C    C N N 350 
TYR O    O N N 351 
TYR CB   C N N 352 
TYR CG   C Y N 353 
TYR CD1  C Y N 354 
TYR CD2  C Y N 355 
TYR CE1  C Y N 356 
TYR CE2  C Y N 357 
TYR CZ   C Y N 358 
TYR OH   O N N 359 
TYR OXT  O N N 360 
TYR H    H N N 361 
TYR H2   H N N 362 
TYR HA   H N N 363 
TYR HB2  H N N 364 
TYR HB3  H N N 365 
TYR HD1  H N N 366 
TYR HD2  H N N 367 
TYR HE1  H N N 368 
TYR HE2  H N N 369 
TYR HH   H N N 370 
TYR HXT  H N N 371 
VAL N    N N N 372 
VAL CA   C N S 373 
VAL C    C N N 374 
VAL O    O N N 375 
VAL CB   C N N 376 
VAL CG1  C N N 377 
VAL CG2  C N N 378 
VAL OXT  O N N 379 
VAL H    H N N 380 
VAL H2   H N N 381 
VAL HA   H N N 382 
VAL HB   H N N 383 
VAL HG11 H N N 384 
VAL HG12 H N N 385 
VAL HG13 H N N 386 
VAL HG21 H N N 387 
VAL HG22 H N N 388 
VAL HG23 H N N 389 
VAL HXT  H N N 390 
# 
loop_
_chem_comp_bond.comp_id 
_chem_comp_bond.atom_id_1 
_chem_comp_bond.atom_id_2 
_chem_comp_bond.value_order 
_chem_comp_bond.pdbx_aromatic_flag 
_chem_comp_bond.pdbx_stereo_config 
_chem_comp_bond.pdbx_ordinal 
ALA N   CA   sing N N 1   
ALA N   H    sing N N 2   
ALA N   H2   sing N N 3   
ALA CA  C    sing N N 4   
ALA CA  CB   sing N N 5   
ALA CA  HA   sing N N 6   
ALA C   O    doub N N 7   
ALA C   OXT  sing N N 8   
ALA CB  HB1  sing N N 9   
ALA CB  HB2  sing N N 10  
ALA CB  HB3  sing N N 11  
ALA OXT HXT  sing N N 12  
ARG N   CA   sing N N 13  
ARG N   H    sing N N 14  
ARG N   H2   sing N N 15  
ARG CA  C    sing N N 16  
ARG CA  CB   sing N N 17  
ARG CA  HA   sing N N 18  
ARG C   O    doub N N 19  
ARG C   OXT  sing N N 20  
ARG CB  CG   sing N N 21  
ARG CB  HB2  sing N N 22  
ARG CB  HB3  sing N N 23  
ARG CG  CD   sing N N 24  
ARG CG  HG2  sing N N 25  
ARG CG  HG3  sing N N 26  
ARG CD  NE   sing N N 27  
ARG CD  HD2  sing N N 28  
ARG CD  HD3  sing N N 29  
ARG NE  CZ   sing N N 30  
ARG NE  HE   sing N N 31  
ARG CZ  NH1  sing N N 32  
ARG CZ  NH2  doub N N 33  
ARG NH1 HH11 sing N N 34  
ARG NH1 HH12 sing N N 35  
ARG NH2 HH21 sing N N 36  
ARG NH2 HH22 sing N N 37  
ARG OXT HXT  sing N N 38  
ASN N   CA   sing N N 39  
ASN N   H    sing N N 40  
ASN N   H2   sing N N 41  
ASN CA  C    sing N N 42  
ASN CA  CB   sing N N 43  
ASN CA  HA   sing N N 44  
ASN C   O    doub N N 45  
ASN C   OXT  sing N N 46  
ASN CB  CG   sing N N 47  
ASN CB  HB2  sing N N 48  
ASN CB  HB3  sing N N 49  
ASN CG  OD1  doub N N 50  
ASN CG  ND2  sing N N 51  
ASN ND2 HD21 sing N N 52  
ASN ND2 HD22 sing N N 53  
ASN OXT HXT  sing N N 54  
ASP N   CA   sing N N 55  
ASP N   H    sing N N 56  
ASP N   H2   sing N N 57  
ASP CA  C    sing N N 58  
ASP CA  CB   sing N N 59  
ASP CA  HA   sing N N 60  
ASP C   O    doub N N 61  
ASP C   OXT  sing N N 62  
ASP CB  CG   sing N N 63  
ASP CB  HB2  sing N N 64  
ASP CB  HB3  sing N N 65  
ASP CG  OD1  doub N N 66  
ASP CG  OD2  sing N N 67  
ASP OD2 HD2  sing N N 68  
ASP OXT HXT  sing N N 69  
CYS N   CA   sing N N 70  
CYS N   H    sing N N 71  
CYS N   H2   sing N N 72  
CYS CA  C    sing N N 73  
CYS CA  CB   sing N N 74  
CYS CA  HA   sing N N 75  
CYS C   O    doub N N 76  
CYS C   OXT  sing N N 77  
CYS CB  SG   sing N N 78  
CYS CB  HB2  sing N N 79  
CYS CB  HB3  sing N N 80  
CYS SG  HG   sing N N 81  
CYS OXT HXT  sing N N 82  
GLN N   CA   sing N N 83  
GLN N   H    sing N N 84  
GLN N   H2   sing N N 85  
GLN CA  C    sing N N 86  
GLN CA  CB   sing N N 87  
GLN CA  HA   sing N N 88  
GLN C   O    doub N N 89  
GLN C   OXT  sing N N 90  
GLN CB  CG   sing N N 91  
GLN CB  HB2  sing N N 92  
GLN CB  HB3  sing N N 93  
GLN CG  CD   sing N N 94  
GLN CG  HG2  sing N N 95  
GLN CG  HG3  sing N N 96  
GLN CD  OE1  doub N N 97  
GLN CD  NE2  sing N N 98  
GLN NE2 HE21 sing N N 99  
GLN NE2 HE22 sing N N 100 
GLN OXT HXT  sing N N 101 
GLU N   CA   sing N N 102 
GLU N   H    sing N N 103 
GLU N   H2   sing N N 104 
GLU CA  C    sing N N 105 
GLU CA  CB   sing N N 106 
GLU CA  HA   sing N N 107 
GLU C   O    doub N N 108 
GLU C   OXT  sing N N 109 
GLU CB  CG   sing N N 110 
GLU CB  HB2  sing N N 111 
GLU CB  HB3  sing N N 112 
GLU CG  CD   sing N N 113 
GLU CG  HG2  sing N N 114 
GLU CG  HG3  sing N N 115 
GLU CD  OE1  doub N N 116 
GLU CD  OE2  sing N N 117 
GLU OE2 HE2  sing N N 118 
GLU OXT HXT  sing N N 119 
GLY N   CA   sing N N 120 
GLY N   H    sing N N 121 
GLY N   H2   sing N N 122 
GLY CA  C    sing N N 123 
GLY CA  HA2  sing N N 124 
GLY CA  HA3  sing N N 125 
GLY C   O    doub N N 126 
GLY C   OXT  sing N N 127 
GLY OXT HXT  sing N N 128 
HIS N   CA   sing N N 129 
HIS N   H    sing N N 130 
HIS N   H2   sing N N 131 
HIS CA  C    sing N N 132 
HIS CA  CB   sing N N 133 
HIS CA  HA   sing N N 134 
HIS C   O    doub N N 135 
HIS C   OXT  sing N N 136 
HIS CB  CG   sing N N 137 
HIS CB  HB2  sing N N 138 
HIS CB  HB3  sing N N 139 
HIS CG  ND1  sing Y N 140 
HIS CG  CD2  doub Y N 141 
HIS ND1 CE1  doub Y N 142 
HIS ND1 HD1  sing N N 143 
HIS CD2 NE2  sing Y N 144 
HIS CD2 HD2  sing N N 145 
HIS CE1 NE2  sing Y N 146 
HIS CE1 HE1  sing N N 147 
HIS NE2 HE2  sing N N 148 
HIS OXT HXT  sing N N 149 
HOH O   H1   sing N N 150 
HOH O   H2   sing N N 151 
ILE N   CA   sing N N 152 
ILE N   H    sing N N 153 
ILE N   H2   sing N N 154 
ILE CA  C    sing N N 155 
ILE CA  CB   sing N N 156 
ILE CA  HA   sing N N 157 
ILE C   O    doub N N 158 
ILE C   OXT  sing N N 159 
ILE CB  CG1  sing N N 160 
ILE CB  CG2  sing N N 161 
ILE CB  HB   sing N N 162 
ILE CG1 CD1  sing N N 163 
ILE CG1 HG12 sing N N 164 
ILE CG1 HG13 sing N N 165 
ILE CG2 HG21 sing N N 166 
ILE CG2 HG22 sing N N 167 
ILE CG2 HG23 sing N N 168 
ILE CD1 HD11 sing N N 169 
ILE CD1 HD12 sing N N 170 
ILE CD1 HD13 sing N N 171 
ILE OXT HXT  sing N N 172 
LEU N   CA   sing N N 173 
LEU N   H    sing N N 174 
LEU N   H2   sing N N 175 
LEU CA  C    sing N N 176 
LEU CA  CB   sing N N 177 
LEU CA  HA   sing N N 178 
LEU C   O    doub N N 179 
LEU C   OXT  sing N N 180 
LEU CB  CG   sing N N 181 
LEU CB  HB2  sing N N 182 
LEU CB  HB3  sing N N 183 
LEU CG  CD1  sing N N 184 
LEU CG  CD2  sing N N 185 
LEU CG  HG   sing N N 186 
LEU CD1 HD11 sing N N 187 
LEU CD1 HD12 sing N N 188 
LEU CD1 HD13 sing N N 189 
LEU CD2 HD21 sing N N 190 
LEU CD2 HD22 sing N N 191 
LEU CD2 HD23 sing N N 192 
LEU OXT HXT  sing N N 193 
LYS N   CA   sing N N 194 
LYS N   H    sing N N 195 
LYS N   H2   sing N N 196 
LYS CA  C    sing N N 197 
LYS CA  CB   sing N N 198 
LYS CA  HA   sing N N 199 
LYS C   O    doub N N 200 
LYS C   OXT  sing N N 201 
LYS CB  CG   sing N N 202 
LYS CB  HB2  sing N N 203 
LYS CB  HB3  sing N N 204 
LYS CG  CD   sing N N 205 
LYS CG  HG2  sing N N 206 
LYS CG  HG3  sing N N 207 
LYS CD  CE   sing N N 208 
LYS CD  HD2  sing N N 209 
LYS CD  HD3  sing N N 210 
LYS CE  NZ   sing N N 211 
LYS CE  HE2  sing N N 212 
LYS CE  HE3  sing N N 213 
LYS NZ  HZ1  sing N N 214 
LYS NZ  HZ2  sing N N 215 
LYS NZ  HZ3  sing N N 216 
LYS OXT HXT  sing N N 217 
MET N   CA   sing N N 218 
MET N   H    sing N N 219 
MET N   H2   sing N N 220 
MET CA  C    sing N N 221 
MET CA  CB   sing N N 222 
MET CA  HA   sing N N 223 
MET C   O    doub N N 224 
MET C   OXT  sing N N 225 
MET CB  CG   sing N N 226 
MET CB  HB2  sing N N 227 
MET CB  HB3  sing N N 228 
MET CG  SD   sing N N 229 
MET CG  HG2  sing N N 230 
MET CG  HG3  sing N N 231 
MET SD  CE   sing N N 232 
MET CE  HE1  sing N N 233 
MET CE  HE2  sing N N 234 
MET CE  HE3  sing N N 235 
MET OXT HXT  sing N N 236 
PHE N   CA   sing N N 237 
PHE N   H    sing N N 238 
PHE N   H2   sing N N 239 
PHE CA  C    sing N N 240 
PHE CA  CB   sing N N 241 
PHE CA  HA   sing N N 242 
PHE C   O    doub N N 243 
PHE C   OXT  sing N N 244 
PHE CB  CG   sing N N 245 
PHE CB  HB2  sing N N 246 
PHE CB  HB3  sing N N 247 
PHE CG  CD1  doub Y N 248 
PHE CG  CD2  sing Y N 249 
PHE CD1 CE1  sing Y N 250 
PHE CD1 HD1  sing N N 251 
PHE CD2 CE2  doub Y N 252 
PHE CD2 HD2  sing N N 253 
PHE CE1 CZ   doub Y N 254 
PHE CE1 HE1  sing N N 255 
PHE CE2 CZ   sing Y N 256 
PHE CE2 HE2  sing N N 257 
PHE CZ  HZ   sing N N 258 
PHE OXT HXT  sing N N 259 
PRO N   CA   sing N N 260 
PRO N   CD   sing N N 261 
PRO N   H    sing N N 262 
PRO CA  C    sing N N 263 
PRO CA  CB   sing N N 264 
PRO CA  HA   sing N N 265 
PRO C   O    doub N N 266 
PRO C   OXT  sing N N 267 
PRO CB  CG   sing N N 268 
PRO CB  HB2  sing N N 269 
PRO CB  HB3  sing N N 270 
PRO CG  CD   sing N N 271 
PRO CG  HG2  sing N N 272 
PRO CG  HG3  sing N N 273 
PRO CD  HD2  sing N N 274 
PRO CD  HD3  sing N N 275 
PRO OXT HXT  sing N N 276 
SER N   CA   sing N N 277 
SER N   H    sing N N 278 
SER N   H2   sing N N 279 
SER CA  C    sing N N 280 
SER CA  CB   sing N N 281 
SER CA  HA   sing N N 282 
SER C   O    doub N N 283 
SER C   OXT  sing N N 284 
SER CB  OG   sing N N 285 
SER CB  HB2  sing N N 286 
SER CB  HB3  sing N N 287 
SER OG  HG   sing N N 288 
SER OXT HXT  sing N N 289 
THR N   CA   sing N N 290 
THR N   H    sing N N 291 
THR N   H2   sing N N 292 
THR CA  C    sing N N 293 
THR CA  CB   sing N N 294 
THR CA  HA   sing N N 295 
THR C   O    doub N N 296 
THR C   OXT  sing N N 297 
THR CB  OG1  sing N N 298 
THR CB  CG2  sing N N 299 
THR CB  HB   sing N N 300 
THR OG1 HG1  sing N N 301 
THR CG2 HG21 sing N N 302 
THR CG2 HG22 sing N N 303 
THR CG2 HG23 sing N N 304 
THR OXT HXT  sing N N 305 
TRP N   CA   sing N N 306 
TRP N   H    sing N N 307 
TRP N   H2   sing N N 308 
TRP CA  C    sing N N 309 
TRP CA  CB   sing N N 310 
TRP CA  HA   sing N N 311 
TRP C   O    doub N N 312 
TRP C   OXT  sing N N 313 
TRP CB  CG   sing N N 314 
TRP CB  HB2  sing N N 315 
TRP CB  HB3  sing N N 316 
TRP CG  CD1  doub Y N 317 
TRP CG  CD2  sing Y N 318 
TRP CD1 NE1  sing Y N 319 
TRP CD1 HD1  sing N N 320 
TRP CD2 CE2  doub Y N 321 
TRP CD2 CE3  sing Y N 322 
TRP NE1 CE2  sing Y N 323 
TRP NE1 HE1  sing N N 324 
TRP CE2 CZ2  sing Y N 325 
TRP CE3 CZ3  doub Y N 326 
TRP CE3 HE3  sing N N 327 
TRP CZ2 CH2  doub Y N 328 
TRP CZ2 HZ2  sing N N 329 
TRP CZ3 CH2  sing Y N 330 
TRP CZ3 HZ3  sing N N 331 
TRP CH2 HH2  sing N N 332 
TRP OXT HXT  sing N N 333 
TYR N   CA   sing N N 334 
TYR N   H    sing N N 335 
TYR N   H2   sing N N 336 
TYR CA  C    sing N N 337 
TYR CA  CB   sing N N 338 
TYR CA  HA   sing N N 339 
TYR C   O    doub N N 340 
TYR C   OXT  sing N N 341 
TYR CB  CG   sing N N 342 
TYR CB  HB2  sing N N 343 
TYR CB  HB3  sing N N 344 
TYR CG  CD1  doub Y N 345 
TYR CG  CD2  sing Y N 346 
TYR CD1 CE1  sing Y N 347 
TYR CD1 HD1  sing N N 348 
TYR CD2 CE2  doub Y N 349 
TYR CD2 HD2  sing N N 350 
TYR CE1 CZ   doub Y N 351 
TYR CE1 HE1  sing N N 352 
TYR CE2 CZ   sing Y N 353 
TYR CE2 HE2  sing N N 354 
TYR CZ  OH   sing N N 355 
TYR OH  HH   sing N N 356 
TYR OXT HXT  sing N N 357 
VAL N   CA   sing N N 358 
VAL N   H    sing N N 359 
VAL N   H2   sing N N 360 
VAL CA  C    sing N N 361 
VAL CA  CB   sing N N 362 
VAL CA  HA   sing N N 363 
VAL C   O    doub N N 364 
VAL C   OXT  sing N N 365 
VAL CB  CG1  sing N N 366 
VAL CB  CG2  sing N N 367 
VAL CB  HB   sing N N 368 
VAL CG1 HG11 sing N N 369 
VAL CG1 HG12 sing N N 370 
VAL CG1 HG13 sing N N 371 
VAL CG2 HG21 sing N N 372 
VAL CG2 HG22 sing N N 373 
VAL CG2 HG23 sing N N 374 
VAL OXT HXT  sing N N 375 
# 
_pdbx_entity_nonpoly.entity_id   3 
_pdbx_entity_nonpoly.name        water 
_pdbx_entity_nonpoly.comp_id     HOH 
# 
_pdbx_initial_refinement_model.id               1 
_pdbx_initial_refinement_model.entity_id_list   ? 
_pdbx_initial_refinement_model.type             'experimental model' 
_pdbx_initial_refinement_model.source_name      PDB 
_pdbx_initial_refinement_model.accession_code   2BUO 
_pdbx_initial_refinement_model.details          'PDB entry 2BUO' 
# 
